data_8S2R
#
_entry.id   8S2R
#
_cell.length_a   208.170
_cell.length_b   102.710
_cell.length_c   86.900
_cell.angle_alpha   90.00
_cell.angle_beta   102.48
_cell.angle_gamma   90.00
#
_symmetry.space_group_name_H-M   'C 1 2 1'
#
loop_
_entity.id
_entity.type
_entity.pdbx_description
1 polymer BzdO
2 polymer BzdN
3 non-polymer 'benzoyl coenzyme A'
4 non-polymer GLYCEROL
5 non-polymer 'IRON/SULFUR CLUSTER'
6 non-polymer 'Double cubane cluster'
7 non-polymer 2-AMINO-2-HYDROXYMETHYL-PROPANE-1,3-DIOL
8 water water
#
loop_
_entity_poly.entity_id
_entity_poly.type
_entity_poly.pdbx_seq_one_letter_code
_entity_poly.pdbx_strand_id
1 'polypeptide(L)'
;MNAMANKYPTEQLKLWGKAKELREQYYMNYARAKEKGGIRWSGSAWALDAIPAGLGEDVYSLTGEPYAAAVAHDRKFAKE
CMDAAEAYGFARDLCSYMRIYWGGMHLNKYAFGGEFPKPDFVFQTQICCSHSKWYQHVAKEEKIPEFYLDVGVGPYRDMT
DARLDYVANQLHDGIAFVEKASGRKFDDELFIKAVKNEMRSTSRWADICALNKVKPAPLDEKTMYSLYVLCTLSKSSQWC
ADFMDELYEEVKDRVARGIAAVPNEAIRLMTDTQPPWSFLKIFRYLETYGAVSIGSLYTFALEGIWEDKPDGSWGGRTLP
WDKGIEINDRDTAVRLYADWNLSKPQWQHFYDPTIKSDMMLRIIKEWQVDGVMLHLNRGCEGLSVGIMENRLAIAKSGTP
VMTFEGNMGDEREFDEVRTQARVDAFMEQLGVRRQAASAWSHPQFEK
;
A,C
2 'polypeptide(L)'
;MSDGLFDQFKTWYEKRHDYARDWKVRTGGQVVATMCTYTPEELLIAAGMLPVRVLGAHEPQNVTEPHIFGMFCPFCRDSL
AQGLLGRFDYAEGVTLTQSCIQYRQTFGSWRLHVPTVKWDYYVPMPNEVQSPHARKAHYEEVQAFRVFLQTLTGKEITDA
MLSDALAVCDENRRLLRELYEYRKAADPKVTGVEALYASLTAQFIDKREHNEMLKKTLAALPNRKVERKTGARFMTIGSE
NDDIAFMGMVESVGATIVIDDQCSGSRYFWNASKPEGDVIKAIAERYCDRPACPTKDYPAHTRFDHVLGMAKEYNVEGAI
FLQQKFCDPHEGDYPDLKRHLEENGIPTLFLEFDITNPIGPFRIRIEAFLETLSEEELF
;
B,D
#
# COMPACT_ATOMS: atom_id res chain seq x y z
N ALA A 5 -37.95 22.15 -18.00
CA ALA A 5 -39.21 22.07 -18.72
C ALA A 5 -40.14 23.27 -18.43
N ASN A 6 -39.67 24.47 -18.79
CA ASN A 6 -40.47 25.65 -19.10
C ASN A 6 -41.22 26.28 -17.93
N LYS A 7 -41.02 25.82 -16.69
CA LYS A 7 -41.73 26.52 -15.63
C LYS A 7 -40.95 27.76 -15.21
N TYR A 8 -39.63 27.63 -15.01
CA TYR A 8 -38.78 28.71 -14.52
C TYR A 8 -37.63 28.95 -15.48
N PRO A 9 -37.18 30.19 -15.57
CA PRO A 9 -35.86 30.47 -16.19
C PRO A 9 -34.72 29.82 -15.45
N THR A 10 -33.69 29.47 -16.21
CA THR A 10 -32.49 28.84 -15.69
C THR A 10 -31.27 29.55 -16.26
N GLU A 11 -30.12 29.28 -15.65
CA GLU A 11 -28.85 29.85 -16.05
C GLU A 11 -27.70 29.19 -15.28
N GLN A 12 -26.62 28.89 -15.99
CA GLN A 12 -25.46 28.30 -15.35
C GLN A 12 -24.77 29.35 -14.48
N LEU A 13 -24.26 28.89 -13.33
CA LEU A 13 -23.62 29.81 -12.38
C LEU A 13 -22.39 30.42 -13.04
N LYS A 14 -22.23 31.73 -12.97
CA LYS A 14 -21.13 32.38 -13.67
C LYS A 14 -19.81 32.23 -12.92
N LEU A 15 -19.86 32.09 -11.59
CA LEU A 15 -18.67 31.96 -10.74
C LEU A 15 -18.22 30.50 -10.60
N TRP A 16 -18.91 29.58 -11.27
CA TRP A 16 -18.50 28.18 -11.34
C TRP A 16 -17.01 28.02 -11.59
N GLY A 17 -16.52 28.65 -12.64
CA GLY A 17 -15.13 28.45 -13.04
C GLY A 17 -14.18 28.91 -11.96
N LYS A 18 -14.48 30.06 -11.35
CA LYS A 18 -13.65 30.55 -10.25
C LYS A 18 -13.67 29.62 -9.04
N ALA A 19 -14.84 29.05 -8.68
CA ALA A 19 -14.87 28.08 -7.57
C ALA A 19 -13.96 26.89 -7.88
N LYS A 20 -13.99 26.42 -9.13
CA LYS A 20 -13.15 25.30 -9.53
C LYS A 20 -11.68 25.69 -9.46
N GLU A 21 -11.34 26.87 -9.98
CA GLU A 21 -9.95 27.32 -10.00
C GLU A 21 -9.41 27.54 -8.59
N LEU A 22 -10.21 28.09 -7.68
CA LEU A 22 -9.74 28.29 -6.29
C LEU A 22 -9.39 26.93 -5.65
N ARG A 23 -10.21 25.92 -5.90
CA ARG A 23 -9.98 24.59 -5.35
C ARG A 23 -8.71 24.00 -5.92
N GLU A 24 -8.55 24.11 -7.25
CA GLU A 24 -7.33 23.58 -7.88
C GLU A 24 -6.09 24.26 -7.33
N GLN A 25 -6.16 25.58 -7.17
CA GLN A 25 -5.03 26.35 -6.65
C GLN A 25 -4.68 25.92 -5.22
N TYR A 26 -5.70 25.67 -4.40
CA TYR A 26 -5.44 25.20 -3.04
C TYR A 26 -4.58 23.94 -3.03
N TYR A 27 -4.94 22.94 -3.85
CA TYR A 27 -4.21 21.68 -3.88
C TYR A 27 -2.83 21.88 -4.50
N MET A 28 -2.72 22.72 -5.52
N MET A 28 -2.72 22.71 -5.54
CA MET A 28 -1.41 22.96 -6.09
CA MET A 28 -1.41 23.00 -6.12
C MET A 28 -0.51 23.72 -5.12
C MET A 28 -0.50 23.76 -5.14
N ASN A 29 -1.05 24.72 -4.41
CA ASN A 29 -0.25 25.45 -3.42
C ASN A 29 0.27 24.51 -2.33
N TYR A 30 -0.52 23.52 -1.91
CA TYR A 30 0.00 22.59 -0.90
C TYR A 30 1.20 21.84 -1.44
N ALA A 31 1.08 21.35 -2.68
CA ALA A 31 2.19 20.58 -3.27
C ALA A 31 3.44 21.44 -3.47
N ARG A 32 3.28 22.71 -3.83
CA ARG A 32 4.40 23.60 -4.10
C ARG A 32 4.84 24.44 -2.91
N ALA A 33 4.35 24.12 -1.70
CA ALA A 33 4.58 24.97 -0.52
C ALA A 33 6.06 25.27 -0.29
N LYS A 34 6.94 24.29 -0.51
CA LYS A 34 8.35 24.47 -0.13
C LYS A 34 9.17 25.20 -1.18
N GLU A 35 8.64 25.39 -2.39
CA GLU A 35 9.40 26.13 -3.41
C GLU A 35 9.87 27.49 -2.90
N LYS A 36 9.08 28.16 -2.08
CA LYS A 36 9.44 29.47 -1.54
C LYS A 36 9.47 29.44 0.00
N GLY A 37 9.73 28.27 0.57
CA GLY A 37 9.91 28.13 1.99
C GLY A 37 8.63 28.30 2.78
N GLY A 38 7.48 27.90 2.20
CA GLY A 38 6.21 27.92 2.90
C GLY A 38 6.11 26.79 3.91
N ILE A 39 5.01 26.81 4.65
CA ILE A 39 4.67 25.79 5.64
C ILE A 39 3.52 24.95 5.10
N ARG A 40 3.56 23.66 5.34
CA ARG A 40 2.49 22.71 5.03
C ARG A 40 2.02 22.10 6.34
N TRP A 41 0.70 21.97 6.53
CA TRP A 41 0.19 21.18 7.64
C TRP A 41 -1.05 20.41 7.21
N SER A 42 -1.39 19.35 7.96
CA SER A 42 -2.58 18.58 7.61
C SER A 42 -3.47 18.38 8.84
N GLY A 43 -4.73 18.15 8.56
CA GLY A 43 -5.72 17.99 9.60
C GLY A 43 -7.09 18.02 8.94
N SER A 44 -8.10 17.87 9.78
CA SER A 44 -9.47 17.82 9.32
C SER A 44 -9.90 19.17 8.73
N ALA A 45 -10.88 19.10 7.88
CA ALA A 45 -11.65 20.31 7.55
C ALA A 45 -12.22 21.00 8.77
N TRP A 46 -12.37 20.32 9.89
CA TRP A 46 -12.83 20.93 11.11
C TRP A 46 -11.68 21.46 11.96
N ALA A 47 -10.43 21.30 11.52
CA ALA A 47 -9.32 21.91 12.26
C ALA A 47 -9.57 23.41 12.36
N LEU A 48 -9.05 24.02 13.42
CA LEU A 48 -9.19 25.46 13.62
C LEU A 48 -8.01 26.15 12.92
N ASP A 49 -8.18 26.32 11.62
CA ASP A 49 -7.10 26.72 10.71
C ASP A 49 -6.65 28.17 10.83
N ALA A 50 -7.37 29.05 11.53
CA ALA A 50 -6.75 30.34 11.82
C ALA A 50 -5.53 30.25 12.71
N ILE A 51 -5.37 29.19 13.54
CA ILE A 51 -4.21 29.15 14.44
C ILE A 51 -2.95 28.99 13.58
N PRO A 52 -2.85 27.98 12.70
CA PRO A 52 -1.69 27.94 11.78
C PRO A 52 -1.54 29.19 10.90
N ALA A 53 -2.66 29.88 10.53
CA ALA A 53 -2.58 31.12 9.76
C ALA A 53 -1.82 32.25 10.49
N GLY A 54 -1.69 32.16 11.81
CA GLY A 54 -0.93 33.21 12.46
C GLY A 54 0.55 33.13 12.14
N LEU A 55 0.97 32.07 11.51
CA LEU A 55 2.36 31.87 11.17
C LEU A 55 2.72 32.43 9.80
N GLY A 56 1.76 33.01 9.08
CA GLY A 56 2.10 33.66 7.82
C GLY A 56 1.06 33.43 6.75
N GLU A 57 1.16 34.20 5.65
CA GLU A 57 0.32 34.05 4.48
C GLU A 57 0.73 32.88 3.60
N ASP A 58 1.86 32.27 3.87
CA ASP A 58 2.38 31.16 3.09
C ASP A 58 2.29 29.86 3.88
N VAL A 59 1.13 29.65 4.53
CA VAL A 59 0.87 28.48 5.35
C VAL A 59 -0.28 27.76 4.65
N TYR A 60 -0.01 26.55 4.20
CA TYR A 60 -0.92 25.83 3.33
C TYR A 60 -1.33 24.54 4.01
N SER A 61 -2.64 24.34 4.16
CA SER A 61 -3.20 23.11 4.68
C SER A 61 -3.53 22.12 3.57
N LEU A 62 -3.63 20.87 3.97
CA LEU A 62 -4.35 19.83 3.22
C LEU A 62 -5.35 19.25 4.18
N THR A 63 -6.64 19.55 3.97
CA THR A 63 -7.66 19.01 4.86
C THR A 63 -8.03 17.58 4.45
N GLY A 64 -8.11 16.70 5.41
CA GLY A 64 -8.08 15.29 5.10
C GLY A 64 -9.35 14.77 4.44
N GLU A 65 -10.54 15.20 4.90
CA GLU A 65 -11.75 14.62 4.34
C GLU A 65 -12.03 15.13 2.91
N PRO A 66 -11.89 16.43 2.61
CA PRO A 66 -12.09 16.86 1.21
C PRO A 66 -11.07 16.25 0.27
N TYR A 67 -9.81 16.08 0.73
CA TYR A 67 -8.81 15.45 -0.13
C TYR A 67 -9.23 14.01 -0.44
N ALA A 68 -9.60 13.26 0.62
CA ALA A 68 -10.06 11.88 0.41
C ALA A 68 -11.27 11.82 -0.49
N ALA A 69 -12.21 12.78 -0.37
CA ALA A 69 -13.36 12.77 -1.30
C ALA A 69 -12.92 13.03 -2.74
N ALA A 70 -11.89 13.82 -2.91
CA ALA A 70 -11.37 14.06 -4.25
C ALA A 70 -10.75 12.79 -4.80
N VAL A 71 -10.08 12.00 -3.96
CA VAL A 71 -9.57 10.69 -4.42
C VAL A 71 -10.75 9.76 -4.73
N ALA A 72 -11.75 9.73 -3.84
CA ALA A 72 -12.93 8.90 -4.08
C ALA A 72 -13.58 9.15 -5.42
N HIS A 73 -13.48 10.36 -5.98
CA HIS A 73 -14.01 10.63 -7.31
C HIS A 73 -13.33 9.78 -8.36
N ASP A 74 -12.06 9.43 -8.14
CA ASP A 74 -11.29 8.55 -9.03
C ASP A 74 -11.39 7.15 -8.44
N ARG A 75 -12.42 6.39 -8.88
CA ARG A 75 -12.76 5.11 -8.28
C ARG A 75 -11.54 4.18 -8.25
N LYS A 76 -10.77 4.18 -9.32
CA LYS A 76 -9.63 3.30 -9.41
C LYS A 76 -8.56 3.68 -8.40
N PHE A 77 -8.19 4.97 -8.33
CA PHE A 77 -7.17 5.39 -7.37
C PHE A 77 -7.65 5.17 -5.95
N ALA A 78 -8.94 5.43 -5.70
CA ALA A 78 -9.43 5.22 -4.35
C ALA A 78 -9.33 3.75 -3.95
N LYS A 79 -9.66 2.84 -4.87
N LYS A 79 -9.69 2.83 -4.85
CA LYS A 79 -9.54 1.41 -4.60
CA LYS A 79 -9.53 1.41 -4.56
C LYS A 79 -8.10 1.04 -4.27
C LYS A 79 -8.09 1.06 -4.24
N GLU A 80 -7.15 1.56 -5.04
CA GLU A 80 -5.71 1.31 -4.79
C GLU A 80 -5.31 1.80 -3.41
N CYS A 81 -5.73 3.05 -3.04
CA CYS A 81 -5.39 3.58 -1.74
C CYS A 81 -5.95 2.71 -0.61
N MET A 82 -7.22 2.33 -0.72
CA MET A 82 -7.84 1.50 0.33
C MET A 82 -7.17 0.13 0.37
N ASP A 83 -6.73 -0.37 -0.78
CA ASP A 83 -6.01 -1.65 -0.81
C ASP A 83 -4.68 -1.56 -0.08
N ALA A 84 -3.98 -0.42 -0.20
CA ALA A 84 -2.73 -0.24 0.51
C ALA A 84 -2.95 -0.15 2.01
N ALA A 85 -3.97 0.65 2.45
CA ALA A 85 -4.29 0.67 3.87
C ALA A 85 -4.69 -0.71 4.43
N GLU A 86 -5.42 -1.52 3.65
CA GLU A 86 -5.79 -2.84 4.13
C GLU A 86 -4.56 -3.75 4.24
N ALA A 87 -3.65 -3.63 3.29
CA ALA A 87 -2.38 -4.36 3.33
C ALA A 87 -1.59 -4.05 4.60
N TYR A 88 -1.59 -2.79 5.02
CA TYR A 88 -0.92 -2.42 6.25
C TYR A 88 -1.53 -3.17 7.44
N GLY A 89 -2.86 -3.30 7.47
CA GLY A 89 -3.56 -4.22 8.37
C GLY A 89 -4.79 -3.57 8.97
N PHE A 90 -5.21 -2.42 8.45
CA PHE A 90 -6.36 -1.75 9.05
C PHE A 90 -7.65 -2.44 8.58
N ALA A 91 -8.66 -2.45 9.46
CA ALA A 91 -9.97 -3.02 9.16
C ALA A 91 -10.65 -2.25 8.04
N ARG A 92 -11.35 -2.98 7.16
CA ARG A 92 -11.99 -2.33 6.03
C ARG A 92 -13.21 -1.53 6.44
N ASP A 93 -13.74 -1.74 7.63
CA ASP A 93 -14.91 -0.96 8.03
C ASP A 93 -14.57 0.28 8.78
N LEU A 94 -13.29 0.60 8.92
CA LEU A 94 -12.93 1.91 9.39
C LEU A 94 -13.33 2.99 8.34
N CYS A 95 -13.44 4.22 8.82
CA CYS A 95 -13.81 5.38 8.02
C CYS A 95 -13.19 5.30 6.63
N SER A 96 -14.00 5.37 5.59
CA SER A 96 -13.41 5.20 4.24
C SER A 96 -12.49 6.38 3.84
N TYR A 97 -12.76 7.61 4.27
CA TYR A 97 -11.84 8.71 3.99
C TYR A 97 -10.49 8.51 4.66
N MET A 98 -10.48 8.07 5.93
CA MET A 98 -9.27 7.80 6.66
C MET A 98 -8.48 6.71 5.95
N ARG A 99 -9.16 5.65 5.48
CA ARG A 99 -8.44 4.55 4.85
C ARG A 99 -7.86 5.02 3.51
N ILE A 100 -8.63 5.79 2.75
CA ILE A 100 -8.10 6.36 1.50
C ILE A 100 -6.87 7.20 1.79
N TYR A 101 -6.96 8.08 2.79
CA TYR A 101 -5.84 8.98 3.09
C TYR A 101 -4.58 8.20 3.48
N TRP A 102 -4.73 7.24 4.40
CA TRP A 102 -3.60 6.39 4.77
C TRP A 102 -3.00 5.72 3.53
N GLY A 103 -3.85 5.10 2.69
CA GLY A 103 -3.30 4.33 1.58
C GLY A 103 -2.54 5.21 0.60
N GLY A 104 -3.06 6.42 0.33
CA GLY A 104 -2.36 7.37 -0.55
C GLY A 104 -1.03 7.80 0.04
N MET A 105 -0.93 7.84 1.36
CA MET A 105 0.33 8.21 1.99
C MET A 105 1.35 7.09 1.83
N HIS A 106 0.93 5.85 2.11
CA HIS A 106 1.80 4.70 1.92
C HIS A 106 2.20 4.54 0.45
N LEU A 107 1.26 4.76 -0.47
CA LEU A 107 1.62 4.69 -1.90
C LEU A 107 2.49 5.86 -2.32
N ASN A 108 2.50 6.95 -1.54
CA ASN A 108 3.28 8.17 -1.83
C ASN A 108 2.84 8.80 -3.15
N LYS A 109 1.52 8.93 -3.32
CA LYS A 109 0.95 9.49 -4.55
C LYS A 109 -0.06 10.56 -4.17
N TYR A 110 0.10 11.72 -4.78
CA TYR A 110 -0.85 12.82 -4.58
C TYR A 110 -1.89 12.73 -5.69
N ALA A 111 -3.15 13.03 -5.33
CA ALA A 111 -4.22 12.92 -6.31
C ALA A 111 -4.04 13.93 -7.43
N PHE A 112 -3.35 15.05 -7.19
CA PHE A 112 -3.16 16.08 -8.20
C PHE A 112 -1.77 16.02 -8.84
N GLY A 113 -1.08 14.90 -8.69
CA GLY A 113 0.20 14.73 -9.36
C GLY A 113 1.33 14.73 -8.35
N GLY A 114 2.34 13.87 -8.59
CA GLY A 114 3.55 13.95 -7.79
C GLY A 114 3.46 13.08 -6.54
N GLU A 115 4.52 13.14 -5.73
CA GLU A 115 4.57 12.40 -4.47
C GLU A 115 3.52 12.94 -3.52
N PHE A 116 3.22 12.16 -2.49
CA PHE A 116 2.32 12.69 -1.46
C PHE A 116 3.10 13.69 -0.61
N PRO A 117 2.73 14.97 -0.58
CA PRO A 117 3.65 15.96 0.04
C PRO A 117 3.70 15.76 1.55
N LYS A 118 4.91 15.84 2.12
CA LYS A 118 5.04 15.66 3.56
C LYS A 118 4.59 16.92 4.31
N PRO A 119 3.68 16.80 5.26
CA PRO A 119 3.33 17.95 6.11
C PRO A 119 4.40 18.24 7.11
N ASP A 120 4.47 19.51 7.53
CA ASP A 120 5.43 19.85 8.58
C ASP A 120 4.88 19.46 9.94
N PHE A 121 3.56 19.45 10.08
CA PHE A 121 2.92 19.06 11.34
C PHE A 121 1.47 18.71 11.11
N VAL A 122 0.90 18.04 12.09
CA VAL A 122 -0.54 17.75 12.18
C VAL A 122 -1.16 18.78 13.13
N PHE A 123 -2.28 19.39 12.70
CA PHE A 123 -3.09 20.22 13.58
C PHE A 123 -4.53 19.77 13.37
N GLN A 124 -5.13 19.22 14.40
CA GLN A 124 -6.34 18.44 14.25
C GLN A 124 -7.38 18.83 15.29
N THR A 125 -8.64 18.58 14.95
CA THR A 125 -9.75 18.72 15.88
C THR A 125 -10.22 17.31 16.17
N GLN A 126 -10.54 17.03 17.45
CA GLN A 126 -10.97 15.68 17.84
C GLN A 126 -12.40 15.76 18.34
N ILE A 127 -13.36 15.20 17.58
CA ILE A 127 -14.71 15.07 18.13
C ILE A 127 -15.25 13.70 17.72
N CYS A 128 -14.93 13.27 16.50
CA CYS A 128 -15.16 11.89 16.09
C CYS A 128 -13.99 11.07 16.64
N CYS A 129 -14.26 9.84 17.07
CA CYS A 129 -13.17 9.00 17.63
C CYS A 129 -12.08 8.79 16.61
N SER A 130 -12.47 8.70 15.33
CA SER A 130 -11.45 8.42 14.30
C SER A 130 -10.56 9.62 14.02
N HIS A 131 -10.89 10.80 14.56
CA HIS A 131 -10.10 12.01 14.32
C HIS A 131 -8.72 11.89 14.88
N SER A 132 -8.59 11.25 16.05
CA SER A 132 -7.25 11.04 16.62
C SER A 132 -6.51 9.96 15.86
N LYS A 133 -7.17 8.81 15.66
CA LYS A 133 -6.48 7.67 15.08
C LYS A 133 -5.99 8.02 13.69
N TRP A 134 -6.76 8.77 12.91
CA TRP A 134 -6.34 9.11 11.53
C TRP A 134 -4.95 9.70 11.54
N TYR A 135 -4.75 10.77 12.34
CA TYR A 135 -3.48 11.47 12.29
C TYR A 135 -2.41 10.97 13.26
N GLN A 136 -2.77 10.15 14.25
CA GLN A 136 -1.75 9.42 14.97
C GLN A 136 -0.95 8.54 14.00
N HIS A 137 -1.65 7.82 13.11
CA HIS A 137 -0.88 6.99 12.15
C HIS A 137 -0.05 7.86 11.19
N VAL A 138 -0.65 8.95 10.67
CA VAL A 138 0.06 9.85 9.78
C VAL A 138 1.29 10.45 10.47
N ALA A 139 1.17 10.93 11.71
CA ALA A 139 2.30 11.63 12.34
C ALA A 139 3.44 10.67 12.64
N LYS A 140 3.07 9.40 12.91
CA LYS A 140 4.05 8.36 13.12
C LYS A 140 4.75 7.99 11.81
N GLU A 141 3.99 7.82 10.71
CA GLU A 141 4.66 7.48 9.44
C GLU A 141 5.50 8.63 8.85
N GLU A 142 5.13 9.88 9.11
CA GLU A 142 5.85 11.03 8.59
C GLU A 142 6.89 11.55 9.57
N LYS A 143 6.82 11.13 10.85
N LYS A 143 6.92 11.03 10.81
CA LYS A 143 7.73 11.57 11.92
CA LYS A 143 7.72 11.57 11.91
C LYS A 143 7.67 13.09 12.12
C LYS A 143 7.63 13.08 11.97
N ILE A 144 6.44 13.56 12.32
CA ILE A 144 6.19 15.00 12.50
C ILE A 144 5.44 15.28 13.80
N PRO A 145 5.58 16.49 14.34
CA PRO A 145 4.76 16.91 15.49
C PRO A 145 3.28 16.85 15.21
N GLU A 146 2.48 16.68 16.28
CA GLU A 146 1.04 16.55 16.12
C GLU A 146 0.33 17.19 17.31
N PHE A 147 -0.74 17.94 17.01
CA PHE A 147 -1.53 18.60 18.03
C PHE A 147 -3.01 18.32 17.79
N TYR A 148 -3.77 18.11 18.87
CA TYR A 148 -5.18 17.73 18.77
C TYR A 148 -5.94 18.65 19.70
N LEU A 149 -6.93 19.33 19.15
CA LEU A 149 -7.88 20.13 19.93
C LEU A 149 -9.09 19.26 20.29
N ASP A 150 -9.33 19.01 21.59
CA ASP A 150 -10.48 18.24 22.04
C ASP A 150 -11.66 19.18 22.21
N VAL A 151 -12.62 19.13 21.29
CA VAL A 151 -13.78 20.05 21.39
C VAL A 151 -14.99 19.36 22.01
N GLY A 152 -14.82 18.19 22.64
CA GLY A 152 -15.91 17.44 23.23
C GLY A 152 -16.38 17.99 24.57
N VAL A 153 -17.11 19.11 24.50
CA VAL A 153 -17.60 19.78 25.71
C VAL A 153 -19.12 19.80 25.72
N GLY A 154 -19.74 19.01 24.85
CA GLY A 154 -21.19 18.87 24.91
C GLY A 154 -21.88 19.94 24.09
N PRO A 155 -23.21 19.94 24.11
CA PRO A 155 -23.97 20.83 23.20
C PRO A 155 -23.67 22.30 23.47
N TYR A 156 -23.63 23.06 22.38
CA TYR A 156 -23.42 24.49 22.46
C TYR A 156 -24.49 25.15 23.35
N ARG A 157 -25.72 24.66 23.27
N ARG A 157 -25.72 24.66 23.28
CA ARG A 157 -26.80 25.27 24.03
CA ARG A 157 -26.80 25.30 24.04
C ARG A 157 -26.61 25.12 25.54
C ARG A 157 -26.70 25.03 25.55
N ASP A 158 -25.79 24.15 25.98
CA ASP A 158 -25.54 23.86 27.40
C ASP A 158 -24.20 24.41 27.86
N MET A 159 -23.54 25.20 27.02
CA MET A 159 -22.16 25.62 27.25
C MET A 159 -22.01 26.30 28.62
N THR A 160 -20.90 26.05 29.31
CA THR A 160 -20.55 26.73 30.55
C THR A 160 -19.23 27.50 30.34
N ASP A 161 -18.93 28.43 31.28
CA ASP A 161 -17.65 29.12 31.25
C ASP A 161 -16.48 28.12 31.27
N ALA A 162 -16.56 27.10 32.14
CA ALA A 162 -15.46 26.13 32.25
C ALA A 162 -15.29 25.34 30.96
N ARG A 163 -16.39 24.93 30.33
CA ARG A 163 -16.27 24.22 29.07
C ARG A 163 -15.57 25.08 28.01
N LEU A 164 -15.96 26.35 27.92
CA LEU A 164 -15.33 27.24 26.94
C LEU A 164 -13.87 27.50 27.34
N ASP A 165 -13.59 27.60 28.65
CA ASP A 165 -12.21 27.69 29.15
C ASP A 165 -11.35 26.54 28.61
N TYR A 166 -11.91 25.32 28.62
CA TYR A 166 -11.14 24.14 28.26
C TYR A 166 -10.70 24.25 26.81
N VAL A 167 -11.60 24.64 25.95
CA VAL A 167 -11.25 24.76 24.53
C VAL A 167 -10.32 25.97 24.28
N ALA A 168 -10.66 27.15 24.84
CA ALA A 168 -9.78 28.32 24.69
C ALA A 168 -8.36 28.06 25.21
N ASN A 169 -8.23 27.40 26.38
CA ASN A 169 -6.89 27.18 26.91
C ASN A 169 -6.14 26.20 26.05
N GLN A 170 -6.83 25.22 25.49
CA GLN A 170 -6.15 24.32 24.53
C GLN A 170 -5.67 25.09 23.32
N LEU A 171 -6.47 26.04 22.82
CA LEU A 171 -6.03 26.80 21.64
C LEU A 171 -4.73 27.58 21.93
N HIS A 172 -4.59 28.08 23.16
CA HIS A 172 -3.35 28.76 23.48
C HIS A 172 -2.18 27.77 23.47
N ASP A 173 -2.41 26.52 23.93
CA ASP A 173 -1.38 25.46 23.75
C ASP A 173 -1.10 25.24 22.28
N GLY A 174 -2.15 25.34 21.47
CA GLY A 174 -1.99 25.15 20.02
C GLY A 174 -1.11 26.20 19.38
N ILE A 175 -1.27 27.47 19.79
CA ILE A 175 -0.37 28.55 19.36
C ILE A 175 1.08 28.20 19.69
N ALA A 176 1.34 27.81 20.92
CA ALA A 176 2.69 27.47 21.30
C ALA A 176 3.18 26.29 20.48
N PHE A 177 2.27 25.36 20.17
CA PHE A 177 2.64 24.17 19.41
C PHE A 177 3.06 24.55 18.01
N VAL A 178 2.25 25.38 17.34
CA VAL A 178 2.59 25.63 15.94
C VAL A 178 3.84 26.48 15.83
N GLU A 179 4.12 27.32 16.84
CA GLU A 179 5.36 28.09 16.81
C GLU A 179 6.55 27.14 16.88
N LYS A 180 6.49 26.22 17.86
CA LYS A 180 7.56 25.26 18.06
C LYS A 180 7.78 24.44 16.80
N ALA A 181 6.69 23.90 16.25
CA ALA A 181 6.79 22.96 15.14
C ALA A 181 7.30 23.64 13.88
N SER A 182 6.94 24.92 13.67
CA SER A 182 7.32 25.61 12.46
C SER A 182 8.61 26.43 12.59
N GLY A 183 9.03 26.77 13.79
CA GLY A 183 10.17 27.67 13.93
C GLY A 183 9.83 29.11 13.72
N ARG A 184 8.55 29.46 13.57
CA ARG A 184 8.16 30.84 13.28
C ARG A 184 7.53 31.45 14.53
N LYS A 185 7.55 32.78 14.57
CA LYS A 185 6.85 33.55 15.61
C LYS A 185 5.43 33.82 15.16
N PHE A 186 4.47 33.47 16.01
CA PHE A 186 3.06 33.67 15.72
C PHE A 186 2.72 35.14 15.77
N ASP A 187 1.94 35.63 14.81
CA ASP A 187 1.63 37.05 14.67
C ASP A 187 0.19 37.33 15.02
N ASP A 188 -0.05 38.09 16.09
CA ASP A 188 -1.45 38.32 16.49
C ASP A 188 -2.27 38.94 15.38
N GLU A 189 -1.69 39.88 14.63
CA GLU A 189 -2.47 40.54 13.57
C GLU A 189 -2.93 39.54 12.49
N LEU A 190 -2.02 38.71 11.97
CA LEU A 190 -2.46 37.70 10.99
C LEU A 190 -3.50 36.77 11.59
N PHE A 191 -3.32 36.38 12.86
CA PHE A 191 -4.26 35.49 13.51
C PHE A 191 -5.64 36.13 13.60
N ILE A 192 -5.71 37.34 14.05
CA ILE A 192 -7.00 38.00 14.19
C ILE A 192 -7.66 38.17 12.81
N LYS A 193 -6.87 38.54 11.80
N LYS A 193 -6.87 38.54 11.80
CA LYS A 193 -7.41 38.60 10.45
CA LYS A 193 -7.42 38.61 10.45
C LYS A 193 -7.98 37.25 10.04
C LYS A 193 -7.97 37.25 10.02
N ALA A 194 -7.25 36.17 10.35
CA ALA A 194 -7.72 34.83 9.95
C ALA A 194 -9.01 34.45 10.71
N VAL A 195 -9.10 34.79 11.99
CA VAL A 195 -10.34 34.57 12.73
C VAL A 195 -11.49 35.32 12.08
N LYS A 196 -11.27 36.59 11.80
CA LYS A 196 -12.35 37.38 11.18
C LYS A 196 -12.74 36.82 9.81
N ASN A 197 -11.75 36.42 9.02
CA ASN A 197 -12.09 35.85 7.72
C ASN A 197 -12.84 34.53 7.85
N GLU A 198 -12.52 33.74 8.88
CA GLU A 198 -13.26 32.49 9.05
C GLU A 198 -14.68 32.79 9.49
N MET A 199 -14.85 33.78 10.35
CA MET A 199 -16.20 34.16 10.75
C MET A 199 -16.99 34.66 9.53
N ARG A 200 -16.35 35.49 8.71
CA ARG A 200 -16.97 35.97 7.44
C ARG A 200 -17.37 34.81 6.55
N SER A 201 -16.42 33.89 6.26
CA SER A 201 -16.71 32.88 5.23
C SER A 201 -17.79 31.91 5.68
N THR A 202 -17.76 31.48 6.95
CA THR A 202 -18.70 30.48 7.44
C THR A 202 -20.09 31.06 7.62
N SER A 203 -20.16 32.31 8.08
CA SER A 203 -21.45 32.97 8.14
C SER A 203 -22.01 33.25 6.75
N ARG A 204 -21.16 33.66 5.81
CA ARG A 204 -21.63 33.99 4.47
C ARG A 204 -22.09 32.73 3.76
N TRP A 205 -21.34 31.60 3.91
CA TRP A 205 -21.86 30.33 3.35
C TRP A 205 -23.27 30.05 3.88
N ALA A 206 -23.50 30.26 5.17
CA ALA A 206 -24.85 30.07 5.69
C ALA A 206 -25.85 31.02 5.02
N ASP A 207 -25.49 32.28 4.87
CA ASP A 207 -26.36 33.26 4.19
C ASP A 207 -26.73 32.78 2.78
N ILE A 208 -25.74 32.29 2.04
CA ILE A 208 -25.97 31.77 0.70
C ILE A 208 -26.97 30.62 0.75
N CYS A 209 -26.76 29.66 1.68
CA CYS A 209 -27.68 28.53 1.81
C CYS A 209 -29.10 29.00 2.09
N ALA A 210 -29.22 30.06 2.89
CA ALA A 210 -30.54 30.55 3.29
C ALA A 210 -31.28 31.16 2.11
N LEU A 211 -30.56 31.56 1.04
CA LEU A 211 -31.22 32.04 -0.18
C LEU A 211 -31.96 30.90 -0.88
N ASN A 212 -31.60 29.65 -0.54
CA ASN A 212 -32.21 28.50 -1.20
C ASN A 212 -33.61 28.22 -0.71
N LYS A 213 -34.11 29.02 0.24
CA LYS A 213 -35.42 28.76 0.78
C LYS A 213 -36.52 29.13 -0.19
N VAL A 214 -36.22 29.94 -1.21
CA VAL A 214 -37.26 30.41 -2.10
C VAL A 214 -37.56 29.37 -3.18
N LYS A 215 -38.80 29.44 -3.69
CA LYS A 215 -39.22 28.74 -4.90
C LYS A 215 -39.14 29.67 -6.10
N PRO A 216 -38.41 29.32 -7.17
CA PRO A 216 -37.60 28.10 -7.36
C PRO A 216 -36.30 28.21 -6.62
N ALA A 217 -35.71 27.10 -6.22
CA ALA A 217 -34.40 27.17 -5.59
C ALA A 217 -33.34 27.65 -6.57
N PRO A 218 -32.58 28.71 -6.24
CA PRO A 218 -31.53 29.16 -7.15
C PRO A 218 -30.36 28.22 -7.29
N LEU A 219 -30.12 27.37 -6.31
CA LEU A 219 -29.04 26.38 -6.32
C LEU A 219 -29.62 24.99 -6.11
N ASP A 220 -28.96 24.00 -6.72
CA ASP A 220 -29.17 22.58 -6.48
C ASP A 220 -27.96 22.04 -5.72
N GLU A 221 -28.20 20.98 -4.97
CA GLU A 221 -27.16 20.54 -4.07
C GLU A 221 -25.95 20.00 -4.82
N LYS A 222 -26.15 19.38 -5.99
CA LYS A 222 -24.99 18.95 -6.77
C LYS A 222 -24.09 20.13 -7.12
N THR A 223 -24.69 21.26 -7.54
CA THR A 223 -23.91 22.47 -7.78
C THR A 223 -23.28 22.97 -6.48
N MET A 224 -24.05 22.97 -5.38
CA MET A 224 -23.46 23.39 -4.11
C MET A 224 -22.27 22.54 -3.63
N TYR A 225 -22.13 21.28 -4.06
CA TYR A 225 -20.95 20.54 -3.61
C TYR A 225 -19.65 21.21 -4.09
N SER A 226 -19.67 21.94 -5.22
CA SER A 226 -18.47 22.65 -5.66
C SER A 226 -18.27 24.00 -4.98
N LEU A 227 -19.23 24.43 -4.16
CA LEU A 227 -19.22 25.72 -3.53
C LEU A 227 -19.02 25.61 -2.02
N TYR A 228 -19.72 24.70 -1.37
CA TYR A 228 -19.54 24.53 0.06
C TYR A 228 -18.14 23.99 0.32
N VAL A 229 -17.48 23.42 -0.69
CA VAL A 229 -16.21 22.78 -0.42
C VAL A 229 -15.14 23.79 -0.09
N LEU A 230 -15.26 25.04 -0.55
CA LEU A 230 -14.19 26.01 -0.33
C LEU A 230 -13.92 26.23 1.17
N CYS A 231 -14.96 26.37 1.99
CA CYS A 231 -14.74 26.52 3.43
C CYS A 231 -14.10 25.25 4.07
N THR A 232 -14.24 24.08 3.46
CA THR A 232 -13.56 22.89 3.97
C THR A 232 -12.09 22.86 3.57
N LEU A 233 -11.67 23.72 2.64
CA LEU A 233 -10.27 23.86 2.25
C LEU A 233 -9.54 24.88 3.14
N SER A 234 -10.02 26.13 3.19
CA SER A 234 -9.37 27.11 4.05
C SER A 234 -10.37 28.20 4.40
N LYS A 235 -11.22 27.86 5.37
CA LYS A 235 -12.26 28.84 5.73
C LYS A 235 -11.67 30.12 6.32
N SER A 236 -10.47 30.07 6.88
CA SER A 236 -9.85 31.29 7.46
C SER A 236 -9.09 32.13 6.44
N SER A 237 -9.01 31.72 5.18
CA SER A 237 -8.28 32.54 4.22
C SER A 237 -9.09 33.74 3.69
N GLN A 238 -8.37 34.78 3.32
CA GLN A 238 -9.00 35.91 2.63
C GLN A 238 -9.69 35.48 1.35
N TRP A 239 -9.05 34.59 0.59
CA TRP A 239 -9.62 34.21 -0.70
C TRP A 239 -10.98 33.54 -0.52
N CYS A 240 -11.14 32.75 0.55
CA CYS A 240 -12.38 32.02 0.75
C CYS A 240 -13.47 32.97 1.19
N ALA A 241 -13.16 33.84 2.16
CA ALA A 241 -14.13 34.83 2.62
C ALA A 241 -14.54 35.80 1.48
N ASP A 242 -13.59 36.26 0.69
CA ASP A 242 -13.91 37.15 -0.43
C ASP A 242 -14.74 36.43 -1.48
N PHE A 243 -14.43 35.16 -1.78
CA PHE A 243 -15.25 34.43 -2.77
C PHE A 243 -16.68 34.24 -2.28
N MET A 244 -16.88 33.90 -1.00
CA MET A 244 -18.21 33.72 -0.46
C MET A 244 -19.03 35.01 -0.66
N ASP A 245 -18.42 36.20 -0.41
CA ASP A 245 -19.14 37.45 -0.67
C ASP A 245 -19.54 37.59 -2.13
N GLU A 246 -18.59 37.33 -3.04
CA GLU A 246 -18.87 37.39 -4.48
C GLU A 246 -20.02 36.46 -4.84
N LEU A 247 -19.94 35.24 -4.32
CA LEU A 247 -20.92 34.20 -4.59
C LEU A 247 -22.27 34.61 -4.08
N TYR A 248 -22.32 35.18 -2.87
CA TYR A 248 -23.60 35.66 -2.35
C TYR A 248 -24.22 36.71 -3.28
N GLU A 249 -23.42 37.61 -3.86
CA GLU A 249 -23.99 38.60 -4.77
C GLU A 249 -24.64 37.91 -5.97
N GLU A 250 -23.98 36.88 -6.53
CA GLU A 250 -24.54 36.18 -7.68
C GLU A 250 -25.82 35.45 -7.30
N VAL A 251 -25.85 34.77 -6.15
CA VAL A 251 -27.04 34.01 -5.80
C VAL A 251 -28.20 34.95 -5.48
N LYS A 252 -27.92 36.10 -4.84
CA LYS A 252 -28.94 37.12 -4.63
C LYS A 252 -29.52 37.59 -5.97
N ASP A 253 -28.67 37.73 -6.98
CA ASP A 253 -29.14 38.14 -8.31
C ASP A 253 -30.00 37.06 -8.94
N ARG A 254 -29.62 35.78 -8.75
CA ARG A 254 -30.48 34.69 -9.20
C ARG A 254 -31.88 34.76 -8.56
N VAL A 255 -31.95 34.99 -7.24
CA VAL A 255 -33.25 35.09 -6.57
C VAL A 255 -34.05 36.25 -7.14
N ALA A 256 -33.41 37.42 -7.30
CA ALA A 256 -34.09 38.60 -7.85
C ALA A 256 -34.73 38.34 -9.22
N ARG A 257 -34.11 37.49 -10.01
CA ARG A 257 -34.50 37.28 -11.39
C ARG A 257 -35.38 36.05 -11.56
N GLY A 258 -35.70 35.37 -10.44
CA GLY A 258 -36.53 34.18 -10.44
C GLY A 258 -35.85 33.00 -11.08
N ILE A 259 -34.52 33.01 -11.07
CA ILE A 259 -33.71 31.94 -11.66
C ILE A 259 -33.77 30.67 -10.82
N ALA A 260 -34.03 29.54 -11.50
CA ALA A 260 -34.08 28.22 -10.92
C ALA A 260 -32.88 27.39 -11.34
N ALA A 261 -32.29 26.66 -10.38
CA ALA A 261 -31.27 25.65 -10.70
C ALA A 261 -31.86 24.58 -11.60
N VAL A 262 -33.15 24.25 -11.39
CA VAL A 262 -33.81 23.15 -12.09
C VAL A 262 -35.10 23.71 -12.69
N PRO A 263 -35.15 23.89 -14.01
CA PRO A 263 -36.19 24.76 -14.60
C PRO A 263 -37.59 24.16 -14.51
N ASN A 264 -37.72 22.84 -14.38
CA ASN A 264 -39.00 22.20 -14.18
C ASN A 264 -39.23 21.85 -12.72
N GLU A 265 -38.62 22.59 -11.81
CA GLU A 265 -38.77 22.31 -10.38
C GLU A 265 -40.24 22.07 -9.98
N ALA A 266 -40.53 20.91 -9.40
CA ALA A 266 -41.85 20.69 -8.84
C ALA A 266 -41.79 20.03 -7.49
N ILE A 267 -40.67 19.40 -7.17
CA ILE A 267 -40.47 18.65 -5.93
C ILE A 267 -39.15 19.11 -5.29
N ARG A 268 -39.19 19.42 -4.01
CA ARG A 268 -38.01 19.87 -3.30
C ARG A 268 -37.59 18.80 -2.30
N LEU A 269 -36.36 18.37 -2.40
CA LEU A 269 -35.82 17.30 -1.59
C LEU A 269 -34.75 17.85 -0.66
N MET A 270 -34.59 17.19 0.49
CA MET A 270 -33.50 17.39 1.41
C MET A 270 -32.78 16.07 1.58
N THR A 271 -31.45 16.13 1.56
CA THR A 271 -30.62 14.97 1.87
C THR A 271 -29.97 15.14 3.24
N ASP A 272 -29.07 14.22 3.57
CA ASP A 272 -28.38 14.31 4.88
C ASP A 272 -26.88 14.26 4.62
N THR A 273 -26.21 13.22 5.08
CA THR A 273 -24.74 13.14 4.97
C THR A 273 -24.23 13.12 3.53
N GLN A 274 -22.94 13.40 3.44
CA GLN A 274 -22.12 13.40 2.21
C GLN A 274 -22.46 12.16 1.44
N PRO A 275 -23.05 12.05 0.08
CA PRO A 275 -23.39 10.84 -0.71
C PRO A 275 -22.15 10.30 -1.41
N PRO A 276 -22.18 9.08 -1.90
CA PRO A 276 -21.10 8.62 -2.77
C PRO A 276 -21.15 9.33 -4.13
N TRP A 277 -20.04 9.31 -4.84
CA TRP A 277 -20.01 10.08 -6.10
C TRP A 277 -21.02 9.55 -7.11
N SER A 278 -21.21 8.24 -7.14
CA SER A 278 -22.15 7.58 -8.03
C SER A 278 -23.58 8.04 -7.84
N PHE A 279 -23.90 8.67 -6.71
CA PHE A 279 -25.26 9.16 -6.52
C PHE A 279 -25.52 10.39 -7.39
N LEU A 280 -24.46 11.12 -7.76
CA LEU A 280 -24.67 12.39 -8.46
C LEU A 280 -25.50 12.20 -9.72
N LYS A 281 -25.27 11.10 -10.43
CA LYS A 281 -26.08 10.78 -11.59
C LYS A 281 -27.56 10.54 -11.25
N ILE A 282 -27.87 10.12 -10.00
CA ILE A 282 -29.27 10.01 -9.57
C ILE A 282 -29.92 11.39 -9.44
N PHE A 283 -29.19 12.38 -8.90
CA PHE A 283 -29.69 13.76 -8.92
C PHE A 283 -30.10 14.18 -10.32
N ARG A 284 -29.29 13.85 -11.31
CA ARG A 284 -29.62 14.21 -12.67
C ARG A 284 -30.88 13.50 -13.13
N TYR A 285 -31.02 12.20 -12.82
CA TYR A 285 -32.24 11.48 -13.14
C TYR A 285 -33.45 12.07 -12.42
N LEU A 286 -33.24 12.49 -11.18
CA LEU A 286 -34.32 13.05 -10.39
C LEU A 286 -34.88 14.31 -11.05
N GLU A 287 -34.03 15.01 -11.80
CA GLU A 287 -34.48 16.25 -12.44
C GLU A 287 -35.53 15.97 -13.49
N THR A 288 -35.54 14.76 -14.09
CA THR A 288 -36.61 14.44 -15.05
C THR A 288 -37.98 14.32 -14.39
N TYR A 289 -38.04 14.13 -13.07
CA TYR A 289 -39.25 14.30 -12.30
C TYR A 289 -39.47 15.73 -11.86
N GLY A 290 -38.55 16.66 -12.16
CA GLY A 290 -38.65 17.99 -11.57
C GLY A 290 -38.25 18.06 -10.11
N ALA A 291 -37.47 17.09 -9.62
CA ALA A 291 -37.03 17.08 -8.25
C ALA A 291 -35.67 17.76 -8.17
N VAL A 292 -35.54 18.67 -7.23
CA VAL A 292 -34.29 19.34 -6.90
C VAL A 292 -33.97 19.09 -5.43
N SER A 293 -32.72 18.74 -5.13
CA SER A 293 -32.26 18.81 -3.75
C SER A 293 -31.87 20.24 -3.39
N ILE A 294 -32.52 20.80 -2.34
CA ILE A 294 -32.18 22.14 -1.92
C ILE A 294 -31.02 22.17 -0.94
N GLY A 295 -30.50 20.99 -0.53
CA GLY A 295 -29.47 21.02 0.48
C GLY A 295 -29.68 19.95 1.53
N SER A 296 -28.94 20.11 2.63
CA SER A 296 -28.85 19.18 3.76
C SER A 296 -28.18 19.90 4.92
N LEU A 297 -28.34 19.33 6.12
CA LEU A 297 -27.58 19.85 7.23
C LEU A 297 -26.09 19.75 6.96
N TYR A 298 -25.68 18.70 6.22
CA TYR A 298 -24.26 18.56 5.90
C TYR A 298 -23.75 19.68 5.01
N THR A 299 -24.43 19.94 3.86
CA THR A 299 -23.98 21.00 3.00
C THR A 299 -24.11 22.36 3.69
N PHE A 300 -25.18 22.56 4.44
CA PHE A 300 -25.39 23.87 5.09
C PHE A 300 -24.47 24.12 6.30
N ALA A 301 -24.07 23.07 7.02
CA ALA A 301 -23.46 23.32 8.32
C ALA A 301 -22.23 22.45 8.61
N LEU A 302 -21.66 21.78 7.61
CA LEU A 302 -20.35 21.16 7.87
C LEU A 302 -19.35 22.26 8.22
N GLU A 303 -19.49 23.42 7.58
CA GLU A 303 -18.69 24.61 7.89
C GLU A 303 -19.60 25.82 8.12
N GLY A 304 -20.77 25.88 7.51
CA GLY A 304 -21.63 27.05 7.73
C GLY A 304 -21.94 27.22 9.21
N ILE A 305 -21.94 28.49 9.67
CA ILE A 305 -22.23 28.82 11.08
C ILE A 305 -23.47 29.72 11.14
N TRP A 306 -24.44 29.34 11.97
CA TRP A 306 -25.83 29.82 11.89
C TRP A 306 -26.26 30.46 13.20
N GLU A 307 -27.35 31.23 13.10
CA GLU A 307 -28.00 31.75 14.30
C GLU A 307 -29.48 31.89 14.01
N ASP A 308 -30.26 32.03 15.09
CA ASP A 308 -31.66 32.44 14.97
C ASP A 308 -31.77 33.93 14.64
N LYS A 309 -32.47 34.26 13.57
CA LYS A 309 -32.65 35.64 13.14
C LYS A 309 -33.84 36.26 13.85
N PRO A 310 -34.08 37.56 13.63
CA PRO A 310 -35.18 38.22 14.32
C PRO A 310 -36.59 37.69 14.02
N ASP A 311 -36.80 37.06 12.85
CA ASP A 311 -38.09 36.45 12.53
C ASP A 311 -38.17 34.97 12.92
N GLY A 312 -37.22 34.48 13.68
CA GLY A 312 -37.20 33.08 14.08
C GLY A 312 -36.57 32.15 13.07
N SER A 313 -36.20 32.65 11.90
CA SER A 313 -35.62 31.80 10.85
C SER A 313 -34.16 31.56 11.09
N TRP A 314 -33.60 30.61 10.33
CA TRP A 314 -32.20 30.24 10.48
C TRP A 314 -31.40 31.02 9.42
N GLY A 315 -30.34 31.73 9.86
CA GLY A 315 -29.47 32.46 8.95
C GLY A 315 -28.03 32.48 9.41
N GLY A 316 -27.17 33.10 8.60
CA GLY A 316 -25.76 33.25 8.98
C GLY A 316 -25.57 33.96 10.33
N ARG A 317 -24.63 33.46 11.12
CA ARG A 317 -24.39 34.00 12.45
C ARG A 317 -23.85 35.41 12.32
N THR A 318 -24.29 36.32 13.19
CA THR A 318 -23.87 37.71 13.07
C THR A 318 -22.38 37.84 13.44
N LEU A 319 -21.65 38.59 12.62
CA LEU A 319 -20.24 38.85 12.89
C LEU A 319 -20.10 39.72 14.15
N PRO A 320 -19.15 39.42 15.02
CA PRO A 320 -19.11 40.13 16.33
C PRO A 320 -18.92 41.62 16.18
N TRP A 321 -18.15 42.06 15.18
CA TRP A 321 -17.98 43.49 14.99
C TRP A 321 -19.25 44.17 14.47
N ASP A 322 -20.26 43.41 14.01
CA ASP A 322 -21.58 43.99 13.64
C ASP A 322 -22.54 44.06 14.81
N LYS A 323 -22.11 43.57 15.97
CA LYS A 323 -22.80 43.45 17.24
C LYS A 323 -22.13 44.30 18.29
N GLY A 324 -21.17 45.12 17.89
CA GLY A 324 -20.42 45.92 18.84
C GLY A 324 -19.34 45.22 19.65
N ILE A 325 -18.89 44.00 19.24
CA ILE A 325 -17.91 43.23 20.00
C ILE A 325 -16.55 43.40 19.32
N GLU A 326 -15.58 44.01 20.00
CA GLU A 326 -14.28 44.27 19.37
C GLU A 326 -13.38 43.04 19.49
N ILE A 327 -12.46 42.88 18.54
CA ILE A 327 -11.51 41.76 18.55
C ILE A 327 -10.12 42.35 18.33
N ASN A 328 -9.49 42.77 19.40
CA ASN A 328 -8.29 43.57 19.27
C ASN A 328 -7.09 42.93 19.89
N ASP A 329 -7.23 41.70 20.40
CA ASP A 329 -6.13 41.06 21.08
C ASP A 329 -6.30 39.55 21.01
N ARG A 330 -5.16 38.89 21.23
CA ARG A 330 -5.08 37.43 21.11
C ARG A 330 -6.09 36.73 22.01
N ASP A 331 -6.11 37.08 23.32
CA ASP A 331 -6.96 36.30 24.25
C ASP A 331 -8.45 36.43 23.90
N THR A 332 -8.88 37.64 23.55
CA THR A 332 -10.27 37.85 23.12
C THR A 332 -10.56 37.09 21.84
N ALA A 333 -9.64 37.17 20.85
CA ALA A 333 -9.79 36.43 19.59
C ALA A 333 -9.87 34.92 19.84
N VAL A 334 -9.04 34.39 20.74
CA VAL A 334 -9.04 32.95 20.97
C VAL A 334 -10.38 32.51 21.52
N ARG A 335 -10.88 33.24 22.54
CA ARG A 335 -12.13 32.82 23.15
C ARG A 335 -13.29 32.94 22.18
N LEU A 336 -13.36 34.07 21.43
CA LEU A 336 -14.43 34.21 20.44
C LEU A 336 -14.33 33.16 19.35
N TYR A 337 -13.11 32.81 18.94
CA TYR A 337 -12.90 31.78 17.91
C TYR A 337 -13.36 30.41 18.40
N ALA A 338 -13.00 30.04 19.65
CA ALA A 338 -13.51 28.81 20.25
C ALA A 338 -15.03 28.79 20.27
N ASP A 339 -15.62 29.89 20.77
CA ASP A 339 -17.08 29.95 20.85
C ASP A 339 -17.74 29.80 19.46
N TRP A 340 -17.17 30.47 18.45
CA TRP A 340 -17.73 30.42 17.11
C TRP A 340 -17.77 28.98 16.61
N ASN A 341 -16.63 28.27 16.74
CA ASN A 341 -16.56 26.90 16.27
C ASN A 341 -17.45 25.97 17.07
N LEU A 342 -17.56 26.20 18.40
CA LEU A 342 -18.39 25.32 19.22
C LEU A 342 -19.88 25.40 18.83
N SER A 343 -20.29 26.46 18.16
CA SER A 343 -21.68 26.56 17.75
C SER A 343 -21.99 25.78 16.48
N LYS A 344 -20.97 25.14 15.86
CA LYS A 344 -21.18 24.45 14.59
C LYS A 344 -22.37 23.48 14.66
N PRO A 345 -23.37 23.64 13.79
CA PRO A 345 -24.52 22.73 13.92
C PRO A 345 -24.15 21.28 13.74
N GLN A 346 -23.18 20.97 12.87
CA GLN A 346 -22.81 19.57 12.61
C GLN A 346 -21.98 18.95 13.70
N TRP A 347 -21.74 19.63 14.84
CA TRP A 347 -21.12 18.95 15.99
C TRP A 347 -22.13 18.52 17.04
N GLN A 348 -23.36 19.01 16.97
CA GLN A 348 -24.26 18.83 18.11
C GLN A 348 -24.74 17.37 18.23
N HIS A 349 -24.89 16.64 17.11
CA HIS A 349 -25.45 15.32 17.20
C HIS A 349 -24.43 14.34 17.80
N PHE A 350 -23.17 14.78 17.96
CA PHE A 350 -22.20 13.91 18.63
C PHE A 350 -22.55 13.67 20.08
N TYR A 351 -23.39 14.54 20.62
CA TYR A 351 -23.89 14.47 22.00
C TYR A 351 -25.35 14.09 22.10
N ASP A 352 -26.21 14.64 21.25
CA ASP A 352 -27.67 14.53 21.41
C ASP A 352 -28.31 14.49 20.02
N PRO A 353 -28.77 13.31 19.56
CA PRO A 353 -29.30 13.23 18.19
C PRO A 353 -30.56 14.07 18.01
N THR A 354 -31.30 14.33 19.09
CA THR A 354 -32.53 15.10 18.93
C THR A 354 -32.24 16.54 18.55
N ILE A 355 -31.02 17.05 18.84
CA ILE A 355 -30.67 18.38 18.37
C ILE A 355 -30.59 18.39 16.84
N LYS A 356 -29.99 17.35 16.27
CA LYS A 356 -29.98 17.24 14.83
C LYS A 356 -31.38 16.96 14.28
N SER A 357 -32.18 16.18 14.99
CA SER A 357 -33.55 15.93 14.52
C SER A 357 -34.31 17.25 14.41
N ASP A 358 -34.17 18.09 15.44
CA ASP A 358 -34.88 19.38 15.40
C ASP A 358 -34.35 20.25 14.27
N MET A 359 -33.03 20.20 14.04
CA MET A 359 -32.40 20.97 12.99
C MET A 359 -32.94 20.53 11.62
N MET A 360 -33.03 19.20 11.40
CA MET A 360 -33.60 18.68 10.16
C MET A 360 -35.07 19.05 10.00
N LEU A 361 -35.83 19.03 11.07
CA LEU A 361 -37.25 19.42 10.94
C LEU A 361 -37.37 20.90 10.60
N ARG A 362 -36.46 21.71 11.13
CA ARG A 362 -36.49 23.14 10.83
C ARG A 362 -36.07 23.41 9.39
N ILE A 363 -35.07 22.68 8.87
CA ILE A 363 -34.73 22.86 7.46
C ILE A 363 -35.90 22.46 6.57
N ILE A 364 -36.56 21.33 6.88
CA ILE A 364 -37.75 20.91 6.12
C ILE A 364 -38.78 22.02 6.06
N LYS A 365 -39.07 22.67 7.19
CA LYS A 365 -40.03 23.76 7.22
C LYS A 365 -39.55 24.99 6.43
N GLU A 366 -38.36 25.51 6.77
CA GLU A 366 -37.94 26.81 6.26
C GLU A 366 -37.57 26.76 4.79
N TRP A 367 -37.06 25.62 4.30
CA TRP A 367 -36.69 25.48 2.88
C TRP A 367 -37.81 24.82 2.06
N GLN A 368 -38.99 24.64 2.67
CA GLN A 368 -40.19 24.16 1.99
C GLN A 368 -39.96 22.82 1.30
N VAL A 369 -39.52 21.86 2.10
CA VAL A 369 -39.11 20.55 1.58
C VAL A 369 -40.30 19.61 1.51
N ASP A 370 -40.40 18.89 0.37
CA ASP A 370 -41.45 17.91 0.12
C ASP A 370 -41.07 16.49 0.52
N GLY A 371 -39.78 16.15 0.57
CA GLY A 371 -39.41 14.77 0.81
C GLY A 371 -37.96 14.71 1.19
N VAL A 372 -37.57 13.69 1.99
CA VAL A 372 -36.24 13.58 2.56
C VAL A 372 -35.64 12.25 2.16
N MET A 373 -34.38 12.27 1.70
CA MET A 373 -33.71 11.03 1.26
C MET A 373 -32.49 10.91 2.15
N LEU A 374 -32.48 9.94 3.09
CA LEU A 374 -31.40 9.81 4.06
C LEU A 374 -30.39 8.74 3.64
N HIS A 375 -29.11 9.13 3.54
CA HIS A 375 -28.00 8.22 3.28
C HIS A 375 -27.62 7.55 4.59
N LEU A 376 -27.76 6.24 4.69
CA LEU A 376 -27.26 5.50 5.83
C LEU A 376 -25.82 5.19 5.43
N ASN A 377 -24.87 6.01 5.89
CA ASN A 377 -23.52 6.06 5.31
C ASN A 377 -22.58 5.18 6.15
N ARG A 378 -22.36 3.96 5.68
CA ARG A 378 -21.51 3.01 6.38
C ARG A 378 -20.05 3.46 6.41
N GLY A 379 -19.69 4.48 5.70
CA GLY A 379 -18.32 4.94 5.54
C GLY A 379 -17.89 5.97 6.56
N CYS A 380 -18.81 6.42 7.47
CA CYS A 380 -18.52 7.56 8.32
C CYS A 380 -19.28 7.37 9.63
N GLU A 381 -18.61 6.83 10.66
CA GLU A 381 -19.29 6.75 11.97
C GLU A 381 -19.69 8.14 12.50
N GLY A 382 -18.84 9.13 12.32
CA GLY A 382 -19.05 10.42 13.00
C GLY A 382 -20.34 11.12 12.62
N LEU A 383 -20.67 11.14 11.31
CA LEU A 383 -21.86 11.85 10.85
C LEU A 383 -23.07 10.92 10.79
N SER A 384 -22.88 9.60 10.97
CA SER A 384 -23.99 8.65 10.95
C SER A 384 -24.53 8.34 12.36
N VAL A 385 -23.80 8.66 13.44
CA VAL A 385 -24.37 8.33 14.77
C VAL A 385 -25.69 9.05 14.91
N GLY A 386 -26.71 8.33 15.42
CA GLY A 386 -28.05 8.92 15.63
C GLY A 386 -28.95 8.93 14.41
N ILE A 387 -28.46 8.48 13.26
CA ILE A 387 -29.22 8.69 12.03
C ILE A 387 -30.60 8.03 12.10
N MET A 388 -30.73 6.86 12.78
CA MET A 388 -32.05 6.22 12.80
C MET A 388 -33.02 6.97 13.73
N GLU A 389 -32.51 7.65 14.75
CA GLU A 389 -33.40 8.50 15.55
C GLU A 389 -33.85 9.71 14.75
N ASN A 390 -32.95 10.25 13.90
CA ASN A 390 -33.34 11.34 13.01
C ASN A 390 -34.45 10.89 12.04
N ARG A 391 -34.29 9.71 11.44
N ARG A 391 -34.30 9.70 11.44
CA ARG A 391 -35.34 9.17 10.58
CA ARG A 391 -35.36 9.19 10.57
C ARG A 391 -36.68 9.07 11.30
C ARG A 391 -36.69 9.06 11.30
N LEU A 392 -36.66 8.52 12.53
CA LEU A 392 -37.89 8.39 13.30
C LEU A 392 -38.53 9.75 13.54
N ALA A 393 -37.74 10.77 13.87
CA ALA A 393 -38.33 12.06 14.17
C ALA A 393 -38.97 12.68 12.92
N ILE A 394 -38.32 12.49 11.77
CA ILE A 394 -38.92 13.00 10.53
C ILE A 394 -40.15 12.17 10.18
N ALA A 395 -40.09 10.87 10.40
CA ALA A 395 -41.24 10.02 10.09
C ALA A 395 -42.46 10.47 10.91
N LYS A 396 -42.23 10.79 12.19
CA LYS A 396 -43.37 11.15 13.01
C LYS A 396 -43.96 12.49 12.58
N SER A 397 -43.14 13.37 12.02
CA SER A 397 -43.57 14.73 11.70
C SER A 397 -44.54 14.75 10.53
N GLY A 398 -44.60 13.66 9.73
CA GLY A 398 -45.48 13.56 8.57
C GLY A 398 -44.83 13.93 7.24
N THR A 399 -43.60 14.36 7.24
CA THR A 399 -42.86 14.55 6.00
C THR A 399 -42.41 13.20 5.44
N PRO A 400 -42.61 12.95 4.14
CA PRO A 400 -42.13 11.69 3.54
C PRO A 400 -40.62 11.57 3.70
N VAL A 401 -40.18 10.37 4.01
CA VAL A 401 -38.75 10.13 4.21
C VAL A 401 -38.41 8.71 3.83
N MET A 402 -37.28 8.56 3.14
N MET A 402 -37.27 8.57 3.16
CA MET A 402 -36.75 7.25 2.75
CA MET A 402 -36.74 7.26 2.79
C MET A 402 -35.26 7.20 3.06
C MET A 402 -35.27 7.21 3.16
N THR A 403 -34.76 5.98 3.21
CA THR A 403 -33.32 5.75 3.42
C THR A 403 -32.77 4.96 2.26
N PHE A 404 -31.47 5.07 2.08
CA PHE A 404 -30.71 4.19 1.21
C PHE A 404 -29.35 3.99 1.86
N GLU A 405 -28.81 2.79 1.72
CA GLU A 405 -27.50 2.53 2.30
C GLU A 405 -26.39 2.90 1.33
N GLY A 406 -25.28 3.41 1.85
CA GLY A 406 -24.14 3.59 0.99
C GLY A 406 -22.88 3.73 1.81
N ASN A 407 -21.84 4.21 1.11
CA ASN A 407 -20.55 4.55 1.72
C ASN A 407 -19.96 5.65 0.87
N MET A 408 -19.70 6.83 1.43
CA MET A 408 -19.32 7.98 0.63
C MET A 408 -17.96 7.77 -0.01
N GLY A 409 -17.10 7.00 0.65
CA GLY A 409 -15.78 6.85 0.07
C GLY A 409 -15.48 5.51 -0.58
N ASP A 410 -16.23 4.46 -0.27
CA ASP A 410 -15.92 3.09 -0.71
C ASP A 410 -17.12 2.56 -1.45
N GLU A 411 -17.09 2.61 -2.79
N GLU A 411 -17.06 2.64 -2.79
CA GLU A 411 -18.31 2.22 -3.48
CA GLU A 411 -18.18 2.20 -3.62
C GLU A 411 -18.53 0.70 -3.48
C GLU A 411 -18.53 0.72 -3.44
N ARG A 412 -17.64 -0.08 -2.85
CA ARG A 412 -17.97 -1.49 -2.65
C ARG A 412 -19.20 -1.64 -1.80
N GLU A 413 -19.49 -0.63 -0.97
CA GLU A 413 -20.65 -0.65 -0.08
C GLU A 413 -21.75 0.28 -0.58
N PHE A 414 -21.78 0.55 -1.87
CA PHE A 414 -22.90 1.31 -2.45
C PHE A 414 -23.47 0.56 -3.66
N ASP A 415 -24.77 0.28 -3.64
CA ASP A 415 -25.44 -0.47 -4.70
C ASP A 415 -26.19 0.58 -5.52
N GLU A 416 -25.62 0.93 -6.67
CA GLU A 416 -26.24 1.93 -7.53
C GLU A 416 -27.62 1.50 -8.00
N VAL A 417 -27.75 0.23 -8.39
CA VAL A 417 -29.00 -0.27 -8.97
C VAL A 417 -30.13 -0.23 -7.95
N ARG A 418 -29.87 -0.79 -6.76
CA ARG A 418 -30.90 -0.83 -5.73
C ARG A 418 -31.24 0.58 -5.27
N THR A 419 -30.23 1.44 -5.08
CA THR A 419 -30.48 2.80 -4.62
C THR A 419 -31.31 3.57 -5.64
N GLN A 420 -30.98 3.47 -6.94
CA GLN A 420 -31.81 4.19 -7.90
C GLN A 420 -33.25 3.67 -7.91
N ALA A 421 -33.44 2.35 -7.73
CA ALA A 421 -34.80 1.81 -7.66
C ALA A 421 -35.51 2.36 -6.44
N ARG A 422 -34.81 2.46 -5.29
CA ARG A 422 -35.46 3.03 -4.10
C ARG A 422 -35.85 4.50 -4.32
N VAL A 423 -34.98 5.28 -4.98
CA VAL A 423 -35.24 6.69 -5.16
C VAL A 423 -36.35 6.88 -6.18
N ASP A 424 -36.41 6.00 -7.18
CA ASP A 424 -37.55 6.07 -8.09
C ASP A 424 -38.86 5.70 -7.41
N ALA A 425 -38.81 4.71 -6.52
CA ALA A 425 -40.01 4.38 -5.78
C ALA A 425 -40.44 5.57 -4.95
N PHE A 426 -39.47 6.32 -4.40
CA PHE A 426 -39.81 7.50 -3.62
C PHE A 426 -40.49 8.57 -4.48
N MET A 427 -40.08 8.73 -5.72
CA MET A 427 -40.69 9.75 -6.56
C MET A 427 -42.14 9.37 -6.84
N GLU A 428 -42.37 8.07 -7.06
CA GLU A 428 -43.73 7.58 -7.22
C GLU A 428 -44.52 7.86 -5.97
N GLN A 429 -43.95 7.55 -4.81
CA GLN A 429 -44.60 7.82 -3.53
C GLN A 429 -44.99 9.28 -3.40
N LEU A 430 -44.08 10.19 -3.78
CA LEU A 430 -44.39 11.62 -3.67
C LEU A 430 -45.52 12.01 -4.60
N GLY A 431 -45.54 11.46 -5.82
CA GLY A 431 -46.70 11.67 -6.69
C GLY A 431 -48.01 11.16 -6.09
N VAL A 432 -48.01 9.94 -5.54
CA VAL A 432 -49.25 9.38 -4.98
C VAL A 432 -49.77 10.28 -3.86
N ARG A 433 -48.86 10.72 -3.00
CA ARG A 433 -49.22 11.61 -1.88
C ARG A 433 -49.84 12.90 -2.39
N ARG A 434 -49.31 13.42 -3.49
CA ARG A 434 -49.89 14.65 -4.07
C ARG A 434 -51.31 14.41 -4.57
N GLN A 435 -51.55 13.27 -5.24
CA GLN A 435 -52.89 12.96 -5.72
C GLN A 435 -53.87 12.80 -4.58
N ALA A 436 -53.47 12.05 -3.53
CA ALA A 436 -54.35 11.90 -2.37
C ALA A 436 -54.64 13.25 -1.74
N ALA A 437 -53.62 14.09 -1.55
CA ALA A 437 -53.86 15.37 -0.88
C ALA A 437 -54.80 16.24 -1.69
N SER A 438 -54.56 16.31 -3.01
CA SER A 438 -55.46 17.07 -3.85
C SER A 438 -56.89 16.53 -3.78
N ALA A 439 -57.06 15.19 -3.75
CA ALA A 439 -58.39 14.60 -3.70
C ALA A 439 -59.12 14.94 -2.41
N TRP A 440 -58.38 15.01 -1.29
CA TRP A 440 -58.98 15.33 0.01
C TRP A 440 -59.37 16.80 0.09
N SER A 441 -58.48 17.70 -0.32
CA SER A 441 -58.74 19.13 -0.33
C SER A 441 -59.41 19.60 -1.62
N HIS A 442 -59.74 18.68 -2.53
CA HIS A 442 -60.29 18.96 -3.86
C HIS A 442 -59.49 20.04 -4.60
N SER B 2 -15.58 -26.19 41.48
CA SER B 2 -15.02 -27.20 42.40
C SER B 2 -15.17 -26.73 43.86
N ASP B 3 -14.20 -25.98 44.40
CA ASP B 3 -14.38 -25.53 45.77
C ASP B 3 -15.47 -24.46 45.90
N GLY B 4 -15.91 -23.87 44.79
CA GLY B 4 -17.02 -22.95 44.86
C GLY B 4 -16.72 -21.60 45.46
N LEU B 5 -15.42 -21.25 45.63
CA LEU B 5 -15.04 -19.99 46.29
C LEU B 5 -15.65 -18.78 45.59
N PHE B 6 -15.72 -18.78 44.25
CA PHE B 6 -16.25 -17.64 43.50
C PHE B 6 -17.75 -17.75 43.20
N ASP B 7 -18.47 -18.66 43.85
CA ASP B 7 -19.88 -18.88 43.53
C ASP B 7 -20.73 -17.64 43.82
N GLN B 8 -20.37 -16.83 44.84
CA GLN B 8 -21.19 -15.63 45.09
C GLN B 8 -21.09 -14.64 43.93
N PHE B 9 -19.91 -14.49 43.34
CA PHE B 9 -19.79 -13.62 42.17
C PHE B 9 -20.58 -14.16 40.97
N LYS B 10 -20.60 -15.48 40.81
CA LYS B 10 -21.30 -16.09 39.69
C LYS B 10 -22.82 -15.93 39.85
N THR B 11 -23.33 -16.12 41.07
CA THR B 11 -24.73 -15.82 41.36
C THR B 11 -25.07 -14.35 41.08
N TRP B 12 -24.27 -13.42 41.59
CA TRP B 12 -24.53 -12.00 41.34
C TRP B 12 -24.59 -11.71 39.84
N TYR B 13 -23.71 -12.32 39.07
CA TYR B 13 -23.69 -12.05 37.63
C TYR B 13 -24.94 -12.63 36.99
N GLU B 14 -25.23 -13.91 37.26
CA GLU B 14 -26.39 -14.59 36.67
C GLU B 14 -27.70 -13.95 37.10
N LYS B 15 -27.77 -13.47 38.33
CA LYS B 15 -28.98 -12.93 38.95
C LYS B 15 -28.84 -11.44 39.19
N ARG B 16 -28.21 -10.71 38.27
CA ARG B 16 -27.91 -9.31 38.55
C ARG B 16 -29.20 -8.50 38.74
N HIS B 17 -30.26 -8.83 37.99
CA HIS B 17 -31.47 -8.00 38.06
C HIS B 17 -32.27 -8.28 39.30
N ASP B 18 -32.31 -9.54 39.70
CA ASP B 18 -32.89 -9.90 41.00
C ASP B 18 -32.18 -9.17 42.12
N TYR B 19 -30.85 -9.10 42.04
CA TYR B 19 -30.07 -8.42 43.05
C TYR B 19 -30.46 -6.95 43.16
N ALA B 20 -30.59 -6.27 42.01
CA ALA B 20 -30.95 -4.87 42.00
C ALA B 20 -32.32 -4.63 42.62
N ARG B 21 -33.32 -5.42 42.22
N ARG B 21 -33.32 -5.41 42.20
CA ARG B 21 -34.66 -5.21 42.75
CA ARG B 21 -34.66 -5.24 42.75
C ARG B 21 -34.72 -5.48 44.25
C ARG B 21 -34.65 -5.42 44.27
N ASP B 22 -33.92 -6.42 44.76
CA ASP B 22 -33.90 -6.67 46.20
C ASP B 22 -33.12 -5.60 46.94
N TRP B 23 -32.10 -5.03 46.30
CA TRP B 23 -31.37 -3.91 46.89
C TRP B 23 -32.30 -2.74 47.13
N LYS B 24 -33.20 -2.48 46.19
CA LYS B 24 -34.14 -1.38 46.34
C LYS B 24 -35.05 -1.64 47.53
N VAL B 25 -35.52 -2.87 47.68
CA VAL B 25 -36.34 -3.23 48.84
C VAL B 25 -35.58 -3.00 50.14
N ARG B 26 -34.31 -3.41 50.18
CA ARG B 26 -33.52 -3.37 51.42
C ARG B 26 -33.15 -1.95 51.83
N THR B 27 -32.86 -1.08 50.86
CA THR B 27 -32.32 0.24 51.12
C THR B 27 -33.30 1.38 50.90
N GLY B 28 -34.35 1.17 50.12
CA GLY B 28 -35.15 2.31 49.72
C GLY B 28 -34.51 3.22 48.68
N GLY B 29 -33.32 2.85 48.12
CA GLY B 29 -32.59 3.75 47.23
C GLY B 29 -32.99 3.61 45.76
N GLN B 30 -32.48 4.55 44.94
CA GLN B 30 -32.71 4.49 43.50
C GLN B 30 -31.59 3.70 42.83
N VAL B 31 -31.89 3.13 41.67
CA VAL B 31 -30.93 2.41 40.83
C VAL B 31 -30.70 3.24 39.57
N VAL B 32 -29.45 3.27 39.11
CA VAL B 32 -29.08 4.12 37.97
C VAL B 32 -28.35 3.22 36.99
N ALA B 33 -28.85 3.11 35.77
CA ALA B 33 -28.17 2.35 34.72
C ALA B 33 -27.01 3.19 34.23
N THR B 34 -25.80 2.65 34.25
CA THR B 34 -24.60 3.39 33.90
C THR B 34 -24.04 2.83 32.60
N MET B 35 -23.34 3.68 31.87
CA MET B 35 -22.86 3.35 30.55
C MET B 35 -21.42 3.85 30.54
N CYS B 36 -20.52 3.00 30.07
CA CYS B 36 -19.07 3.24 30.01
C CYS B 36 -18.42 3.34 31.39
N THR B 37 -17.22 2.83 31.48
CA THR B 37 -16.57 2.66 32.78
C THR B 37 -16.03 3.99 33.30
N TYR B 38 -16.24 5.09 32.56
CA TYR B 38 -15.82 6.41 33.04
C TYR B 38 -16.90 7.08 33.88
N THR B 39 -18.06 6.46 34.06
CA THR B 39 -19.08 7.02 34.94
C THR B 39 -18.49 7.31 36.32
N PRO B 40 -18.62 8.52 36.86
CA PRO B 40 -18.07 8.76 38.20
C PRO B 40 -18.97 8.23 39.31
N GLU B 41 -18.82 6.94 39.52
CA GLU B 41 -19.67 6.16 40.41
C GLU B 41 -19.71 6.72 41.81
N GLU B 42 -18.60 7.37 42.24
CA GLU B 42 -18.56 7.89 43.62
C GLU B 42 -19.73 8.84 43.88
N LEU B 43 -20.09 9.63 42.89
CA LEU B 43 -21.18 10.59 43.03
C LEU B 43 -22.51 9.88 43.19
N LEU B 44 -22.77 8.87 42.37
CA LEU B 44 -24.02 8.11 42.49
C LEU B 44 -24.14 7.43 43.84
N ILE B 45 -23.05 6.83 44.33
CA ILE B 45 -23.06 6.18 45.62
C ILE B 45 -23.32 7.21 46.72
N ALA B 46 -22.67 8.38 46.63
CA ALA B 46 -22.84 9.41 47.65
C ALA B 46 -24.27 9.92 47.64
N ALA B 47 -24.92 9.83 46.50
CA ALA B 47 -26.32 10.27 46.40
C ALA B 47 -27.30 9.21 46.84
N GLY B 48 -26.81 8.07 47.37
CA GLY B 48 -27.66 7.00 47.88
C GLY B 48 -28.15 6.01 46.84
N MET B 49 -27.45 5.88 45.71
CA MET B 49 -27.97 5.20 44.53
C MET B 49 -27.10 3.99 44.27
N LEU B 50 -27.68 2.98 43.62
CA LEU B 50 -26.95 1.78 43.17
C LEU B 50 -26.57 1.96 41.68
N PRO B 51 -25.31 2.18 41.33
CA PRO B 51 -24.93 2.17 39.90
C PRO B 51 -24.92 0.73 39.38
N VAL B 52 -25.57 0.51 38.23
CA VAL B 52 -25.49 -0.82 37.59
C VAL B 52 -25.12 -0.62 36.14
N ARG B 53 -23.96 -1.16 35.74
CA ARG B 53 -23.47 -1.03 34.39
C ARG B 53 -24.32 -1.84 33.43
N VAL B 54 -24.82 -1.17 32.38
CA VAL B 54 -25.58 -1.88 31.35
C VAL B 54 -24.62 -2.77 30.58
N LEU B 55 -24.95 -4.05 30.47
CA LEU B 55 -24.15 -4.94 29.62
C LEU B 55 -25.11 -5.65 28.67
N GLY B 56 -24.55 -6.25 27.63
CA GLY B 56 -25.38 -7.00 26.71
C GLY B 56 -25.71 -8.38 27.22
N ALA B 57 -26.66 -9.02 26.55
CA ALA B 57 -27.07 -10.37 26.91
C ALA B 57 -26.45 -11.44 26.03
N HIS B 58 -25.80 -11.06 24.93
CA HIS B 58 -25.19 -12.02 24.01
C HIS B 58 -26.21 -13.05 23.54
N GLU B 59 -27.39 -12.58 23.17
CA GLU B 59 -28.44 -13.42 22.60
C GLU B 59 -29.06 -12.70 21.41
N PRO B 60 -29.71 -13.44 20.51
CA PRO B 60 -30.29 -12.79 19.34
C PRO B 60 -31.34 -11.75 19.75
N GLN B 61 -31.38 -10.65 19.00
CA GLN B 61 -32.28 -9.56 19.34
C GLN B 61 -32.60 -8.81 18.07
N ASN B 62 -33.84 -8.33 17.96
CA ASN B 62 -34.28 -7.60 16.79
C ASN B 62 -35.12 -6.40 17.21
N VAL B 63 -34.76 -5.77 18.31
CA VAL B 63 -35.48 -4.58 18.74
C VAL B 63 -34.72 -3.28 18.45
N THR B 64 -33.44 -3.35 18.10
CA THR B 64 -32.69 -2.12 17.97
C THR B 64 -32.64 -1.57 16.55
N GLU B 65 -33.10 -2.33 15.54
CA GLU B 65 -32.92 -1.85 14.17
C GLU B 65 -33.58 -0.50 13.93
N PRO B 66 -34.75 -0.18 14.51
CA PRO B 66 -35.32 1.17 14.34
C PRO B 66 -34.54 2.30 15.06
N HIS B 67 -33.55 1.98 15.89
CA HIS B 67 -32.86 2.97 16.71
C HIS B 67 -31.39 3.16 16.39
N ILE B 68 -30.68 2.12 15.99
CA ILE B 68 -29.24 2.16 15.77
C ILE B 68 -28.95 1.41 14.47
N PHE B 69 -28.31 2.08 13.53
CA PHE B 69 -28.00 1.49 12.25
C PHE B 69 -26.97 0.38 12.41
N GLY B 70 -27.15 -0.70 11.63
CA GLY B 70 -26.34 -1.91 11.78
C GLY B 70 -24.87 -1.78 11.45
N MET B 71 -24.42 -0.61 11.02
CA MET B 71 -22.99 -0.41 10.88
C MET B 71 -22.30 -0.25 12.20
N PHE B 72 -23.03 -0.14 13.32
CA PHE B 72 -22.40 0.12 14.60
C PHE B 72 -22.26 -1.18 15.38
N CYS B 73 -21.48 -1.11 16.44
CA CYS B 73 -20.95 -2.32 17.06
C CYS B 73 -22.06 -3.17 17.71
N PRO B 74 -21.82 -4.49 17.82
CA PRO B 74 -22.78 -5.36 18.52
C PRO B 74 -23.01 -4.96 19.95
N PHE B 75 -22.01 -4.42 20.64
CA PHE B 75 -22.18 -4.11 22.05
C PHE B 75 -23.15 -2.96 22.24
N CYS B 76 -23.08 -1.90 21.40
CA CYS B 76 -23.93 -0.74 21.70
C CYS B 76 -25.37 -1.10 21.41
N ARG B 77 -25.56 -2.07 20.52
CA ARG B 77 -26.89 -2.51 20.11
C ARG B 77 -27.44 -3.50 21.14
N ASP B 78 -26.63 -4.52 21.53
CA ASP B 78 -27.00 -5.46 22.59
C ASP B 78 -27.39 -4.71 23.87
N SER B 79 -26.58 -3.73 24.27
CA SER B 79 -26.88 -2.96 25.47
C SER B 79 -28.21 -2.24 25.34
N LEU B 80 -28.45 -1.55 24.23
CA LEU B 80 -29.71 -0.82 24.05
C LEU B 80 -30.89 -1.79 24.10
N ALA B 81 -30.74 -2.97 23.50
CA ALA B 81 -31.85 -3.93 23.51
C ALA B 81 -32.27 -4.25 24.94
N GLN B 82 -31.31 -4.36 25.87
CA GLN B 82 -31.65 -4.70 27.26
C GLN B 82 -32.58 -3.65 27.86
N GLY B 83 -32.34 -2.38 27.53
CA GLY B 83 -33.29 -1.33 27.94
C GLY B 83 -34.63 -1.46 27.27
N LEU B 84 -34.64 -1.61 25.94
CA LEU B 84 -35.90 -1.66 25.21
C LEU B 84 -36.75 -2.84 25.64
N LEU B 85 -36.13 -3.95 26.03
CA LEU B 85 -36.86 -5.16 26.35
C LEU B 85 -37.40 -5.14 27.77
N GLY B 86 -37.11 -4.07 28.53
CA GLY B 86 -37.64 -3.90 29.88
C GLY B 86 -36.77 -4.51 30.98
N ARG B 87 -35.56 -4.97 30.66
CA ARG B 87 -34.79 -5.69 31.66
C ARG B 87 -34.12 -4.78 32.69
N PHE B 88 -34.13 -3.46 32.47
CA PHE B 88 -33.65 -2.52 33.47
C PHE B 88 -34.80 -1.62 33.91
N ASP B 89 -36.03 -2.16 33.90
CA ASP B 89 -37.19 -1.35 34.28
C ASP B 89 -37.15 -0.87 35.74
N TYR B 90 -36.34 -1.50 36.60
CA TYR B 90 -36.22 -1.02 37.98
C TYR B 90 -35.29 0.19 38.11
N ALA B 91 -34.63 0.63 37.03
CA ALA B 91 -33.66 1.73 37.11
C ALA B 91 -34.37 3.05 36.84
N GLU B 92 -34.31 3.98 37.80
CA GLU B 92 -34.90 5.30 37.60
C GLU B 92 -34.02 6.18 36.74
N GLY B 93 -32.69 6.06 36.82
CA GLY B 93 -31.80 6.96 36.13
C GLY B 93 -31.04 6.24 35.04
N VAL B 94 -30.46 7.03 34.14
CA VAL B 94 -29.47 6.52 33.19
C VAL B 94 -28.41 7.57 33.02
N THR B 95 -27.15 7.14 32.91
CA THR B 95 -26.08 8.12 32.80
C THR B 95 -24.93 7.52 32.00
N LEU B 96 -24.34 8.33 31.14
CA LEU B 96 -23.19 7.98 30.33
C LEU B 96 -22.12 9.03 30.58
N THR B 97 -20.88 8.62 30.67
CA THR B 97 -19.75 9.55 30.66
C THR B 97 -19.04 9.37 29.32
N GLN B 98 -18.84 10.50 28.64
CA GLN B 98 -18.39 10.57 27.26
C GLN B 98 -17.12 9.77 26.97
N SER B 99 -17.20 9.00 25.89
N SER B 99 -17.22 8.88 25.99
CA SER B 99 -16.04 8.24 25.41
CA SER B 99 -16.02 8.36 25.33
C SER B 99 -16.24 7.98 23.92
C SER B 99 -16.45 7.98 23.92
N CYS B 100 -16.32 6.70 23.56
CA CYS B 100 -16.63 6.28 22.20
C CYS B 100 -17.97 6.86 21.69
N ILE B 101 -17.97 7.37 20.44
CA ILE B 101 -19.22 8.02 19.97
C ILE B 101 -20.33 7.00 19.69
N GLN B 102 -19.99 5.77 19.36
CA GLN B 102 -21.03 4.75 19.12
C GLN B 102 -21.86 4.53 20.36
N TYR B 103 -21.20 4.47 21.51
CA TYR B 103 -21.86 4.21 22.81
C TYR B 103 -22.85 5.34 23.12
N ARG B 104 -22.55 6.54 22.65
CA ARG B 104 -23.48 7.67 22.89
C ARG B 104 -24.85 7.45 22.26
N GLN B 105 -24.93 6.63 21.21
CA GLN B 105 -26.23 6.23 20.69
C GLN B 105 -27.03 5.37 21.65
N THR B 106 -26.38 4.41 22.33
CA THR B 106 -27.09 3.62 23.32
C THR B 106 -27.77 4.54 24.29
N PHE B 107 -27.02 5.51 24.85
CA PHE B 107 -27.56 6.47 25.82
C PHE B 107 -28.71 7.28 25.22
N GLY B 108 -28.54 7.78 23.98
CA GLY B 108 -29.54 8.68 23.41
C GLY B 108 -30.85 7.94 23.12
N SER B 109 -30.76 6.76 22.52
CA SER B 109 -31.97 5.99 22.29
C SER B 109 -32.60 5.51 23.61
N TRP B 110 -31.77 5.12 24.59
CA TRP B 110 -32.32 4.67 25.88
C TRP B 110 -33.11 5.77 26.61
N ARG B 111 -32.52 6.95 26.77
CA ARG B 111 -33.25 8.01 27.45
C ARG B 111 -34.51 8.42 26.70
N LEU B 112 -34.54 8.26 25.37
CA LEU B 112 -35.72 8.68 24.62
C LEU B 112 -36.82 7.62 24.63
N HIS B 113 -36.45 6.33 24.71
CA HIS B 113 -37.40 5.24 24.44
C HIS B 113 -37.64 4.24 25.57
N VAL B 114 -36.87 4.26 26.64
CA VAL B 114 -37.12 3.37 27.78
C VAL B 114 -38.08 4.12 28.72
N PRO B 115 -39.32 3.69 28.85
CA PRO B 115 -40.32 4.58 29.45
C PRO B 115 -40.23 4.65 30.97
N THR B 116 -39.45 3.77 31.61
CA THR B 116 -39.19 3.82 33.04
C THR B 116 -38.07 4.78 33.42
N VAL B 117 -37.40 5.44 32.47
CA VAL B 117 -36.38 6.45 32.80
C VAL B 117 -37.06 7.67 33.38
N LYS B 118 -36.66 8.06 34.62
CA LYS B 118 -37.08 9.30 35.28
C LYS B 118 -36.04 10.43 35.18
N TRP B 119 -34.76 10.11 34.98
CA TRP B 119 -33.83 11.19 34.75
C TRP B 119 -32.64 10.64 33.99
N ASP B 120 -31.92 11.55 33.33
CA ASP B 120 -30.72 11.14 32.60
C ASP B 120 -29.66 12.20 32.76
N TYR B 121 -28.40 11.82 32.58
CA TYR B 121 -27.31 12.80 32.62
C TYR B 121 -26.13 12.33 31.78
N TYR B 122 -25.67 13.21 30.89
CA TYR B 122 -24.49 12.94 30.06
C TYR B 122 -23.34 13.77 30.61
N VAL B 123 -22.25 13.12 30.95
CA VAL B 123 -21.07 13.80 31.50
C VAL B 123 -20.05 13.95 30.38
N PRO B 124 -19.75 15.18 29.90
CA PRO B 124 -18.74 15.33 28.82
C PRO B 124 -17.34 15.39 29.42
N MET B 125 -16.92 14.22 29.93
CA MET B 125 -15.54 14.05 30.36
C MET B 125 -14.65 14.37 29.17
N PRO B 126 -13.61 15.19 29.33
CA PRO B 126 -12.62 15.37 28.29
C PRO B 126 -12.12 14.04 27.73
N ASN B 127 -11.96 14.03 26.39
CA ASN B 127 -11.26 12.90 25.79
C ASN B 127 -9.73 13.08 25.90
N GLU B 128 -9.21 14.29 25.79
CA GLU B 128 -7.75 14.47 25.77
C GLU B 128 -7.20 14.59 27.19
N VAL B 129 -7.28 13.47 27.93
CA VAL B 129 -6.69 13.40 29.28
C VAL B 129 -5.22 13.73 29.28
N GLN B 130 -4.54 13.65 28.11
CA GLN B 130 -3.15 14.08 28.10
C GLN B 130 -2.97 15.59 28.10
N SER B 131 -4.06 16.37 27.93
CA SER B 131 -3.92 17.83 27.91
C SER B 131 -3.72 18.35 29.32
N PRO B 132 -2.86 19.37 29.50
CA PRO B 132 -2.73 20.03 30.80
C PRO B 132 -3.99 20.71 31.29
N HIS B 133 -5.01 20.88 30.45
CA HIS B 133 -6.27 21.54 30.86
C HIS B 133 -7.41 20.56 31.15
N ALA B 134 -7.18 19.24 30.94
CA ALA B 134 -8.28 18.30 31.03
C ALA B 134 -8.70 18.11 32.48
N ARG B 135 -7.76 18.10 33.43
CA ARG B 135 -8.16 17.81 34.82
C ARG B 135 -8.96 18.97 35.45
N LYS B 136 -8.67 20.21 35.09
CA LYS B 136 -9.53 21.33 35.52
C LYS B 136 -10.92 21.23 34.89
N ALA B 137 -10.98 20.94 33.59
CA ALA B 137 -12.27 20.80 32.92
C ALA B 137 -13.07 19.67 33.55
N HIS B 138 -12.43 18.53 33.88
CA HIS B 138 -13.20 17.42 34.44
C HIS B 138 -13.58 17.65 35.90
N TYR B 139 -12.74 18.37 36.64
CA TYR B 139 -13.16 18.84 37.97
C TYR B 139 -14.52 19.53 37.89
N GLU B 140 -14.66 20.48 36.95
CA GLU B 140 -15.93 21.23 36.88
C GLU B 140 -17.07 20.36 36.40
N GLU B 141 -16.82 19.38 35.51
CA GLU B 141 -17.88 18.43 35.10
C GLU B 141 -18.35 17.61 36.29
N VAL B 142 -17.41 17.10 37.08
CA VAL B 142 -17.78 16.27 38.22
C VAL B 142 -18.54 17.12 39.24
N GLN B 143 -18.06 18.34 39.53
CA GLN B 143 -18.82 19.20 40.44
C GLN B 143 -20.19 19.51 39.89
N ALA B 144 -20.32 19.73 38.57
CA ALA B 144 -21.63 20.03 38.01
C ALA B 144 -22.55 18.81 38.11
N PHE B 145 -22.01 17.60 37.96
CA PHE B 145 -22.86 16.42 38.14
C PHE B 145 -23.29 16.28 39.60
N ARG B 146 -22.39 16.63 40.52
CA ARG B 146 -22.74 16.61 41.94
C ARG B 146 -23.89 17.56 42.21
N VAL B 147 -23.85 18.76 41.62
CA VAL B 147 -24.93 19.75 41.83
C VAL B 147 -26.24 19.22 41.24
N PHE B 148 -26.17 18.62 40.05
CA PHE B 148 -27.34 18.00 39.45
C PHE B 148 -27.95 16.96 40.38
N LEU B 149 -27.13 16.09 40.96
CA LEU B 149 -27.63 15.00 41.79
C LEU B 149 -28.22 15.52 43.09
N GLN B 150 -27.60 16.56 43.68
CA GLN B 150 -28.13 17.16 44.91
C GLN B 150 -29.47 17.78 44.65
N THR B 151 -29.63 18.38 43.46
CA THR B 151 -30.87 19.04 43.10
C THR B 151 -31.94 17.99 42.86
N LEU B 152 -31.53 16.92 42.16
CA LEU B 152 -32.44 15.82 41.83
C LEU B 152 -33.01 15.16 43.08
N THR B 153 -32.15 14.79 44.02
CA THR B 153 -32.60 14.10 45.23
C THR B 153 -33.09 15.05 46.32
N GLY B 154 -32.75 16.34 46.23
CA GLY B 154 -33.07 17.31 47.26
C GLY B 154 -32.21 17.21 48.51
N LYS B 155 -31.21 16.36 48.52
CA LYS B 155 -30.37 16.12 49.69
C LYS B 155 -28.96 16.64 49.40
N GLU B 156 -28.41 17.44 50.31
CA GLU B 156 -27.05 17.92 50.07
C GLU B 156 -26.07 16.75 50.01
N ILE B 157 -25.21 16.75 49.02
CA ILE B 157 -24.18 15.73 48.91
C ILE B 157 -22.90 16.39 49.41
N THR B 158 -22.51 16.06 50.62
CA THR B 158 -21.45 16.77 51.33
C THR B 158 -20.06 16.22 50.93
N ASP B 159 -19.00 16.97 51.22
CA ASP B 159 -17.68 16.43 50.94
C ASP B 159 -17.46 15.12 51.72
N ALA B 160 -17.98 15.05 52.96
CA ALA B 160 -17.87 13.82 53.72
C ALA B 160 -18.56 12.66 53.04
N MET B 161 -19.72 12.90 52.42
CA MET B 161 -20.41 11.80 51.76
C MET B 161 -19.60 11.36 50.53
N LEU B 162 -18.99 12.34 49.87
CA LEU B 162 -18.20 12.05 48.67
C LEU B 162 -16.92 11.32 49.07
N SER B 163 -16.31 11.73 50.17
CA SER B 163 -15.11 11.00 50.61
C SER B 163 -15.41 9.57 51.02
N ASP B 164 -16.51 9.37 51.73
CA ASP B 164 -16.84 7.99 52.13
C ASP B 164 -17.12 7.15 50.89
N ALA B 165 -17.75 7.73 49.87
CA ALA B 165 -18.02 6.97 48.65
C ALA B 165 -16.73 6.69 47.90
N LEU B 166 -15.83 7.67 47.83
CA LEU B 166 -14.57 7.40 47.16
C LEU B 166 -13.78 6.34 47.91
N ALA B 167 -13.90 6.32 49.25
CA ALA B 167 -13.14 5.33 50.03
C ALA B 167 -13.64 3.94 49.71
N VAL B 168 -14.96 3.78 49.53
CA VAL B 168 -15.51 2.48 49.16
C VAL B 168 -15.04 2.08 47.77
N CYS B 169 -15.07 3.01 46.83
CA CYS B 169 -14.62 2.72 45.46
C CYS B 169 -13.12 2.40 45.45
N ASP B 170 -12.31 3.21 46.15
CA ASP B 170 -10.87 2.92 46.14
C ASP B 170 -10.58 1.57 46.81
N GLU B 171 -11.35 1.21 47.85
CA GLU B 171 -11.13 -0.09 48.49
C GLU B 171 -11.46 -1.20 47.50
N ASN B 172 -12.55 -1.05 46.75
CA ASN B 172 -12.87 -2.01 45.69
C ASN B 172 -11.74 -2.11 44.70
N ARG B 173 -11.18 -0.96 44.27
CA ARG B 173 -10.08 -0.98 43.30
C ARG B 173 -8.84 -1.66 43.86
N ARG B 174 -8.54 -1.42 45.14
CA ARG B 174 -7.35 -2.00 45.73
C ARG B 174 -7.54 -3.50 45.92
N LEU B 175 -8.73 -3.90 46.37
CA LEU B 175 -8.98 -5.34 46.54
C LEU B 175 -8.92 -6.08 45.20
N LEU B 176 -9.51 -5.51 44.13
CA LEU B 176 -9.41 -6.13 42.79
C LEU B 176 -7.97 -6.24 42.33
N ARG B 177 -7.15 -5.21 42.60
CA ARG B 177 -5.72 -5.29 42.28
C ARG B 177 -5.03 -6.40 43.09
N GLU B 178 -5.39 -6.56 44.38
CA GLU B 178 -4.81 -7.63 45.19
C GLU B 178 -5.21 -9.00 44.64
N LEU B 179 -6.47 -9.13 44.21
CA LEU B 179 -6.95 -10.36 43.61
C LEU B 179 -6.16 -10.67 42.36
N TYR B 180 -5.90 -9.65 41.54
CA TYR B 180 -5.12 -9.82 40.29
C TYR B 180 -3.69 -10.28 40.58
N GLU B 181 -3.10 -9.81 41.68
CA GLU B 181 -1.72 -10.18 42.04
C GLU B 181 -1.51 -11.68 42.07
N TYR B 182 -2.54 -12.44 42.47
CA TYR B 182 -2.42 -13.90 42.52
C TYR B 182 -2.27 -14.53 41.14
N ARG B 183 -2.75 -13.86 40.08
CA ARG B 183 -2.61 -14.37 38.72
C ARG B 183 -1.15 -14.35 38.23
N LYS B 184 -0.24 -13.64 38.92
CA LYS B 184 1.18 -13.65 38.52
C LYS B 184 1.88 -14.95 38.86
N ALA B 185 1.34 -15.77 39.76
CA ALA B 185 2.02 -16.99 40.19
C ALA B 185 2.09 -18.00 39.03
N ALA B 186 3.04 -18.95 39.16
CA ALA B 186 3.17 -20.01 38.15
C ALA B 186 1.89 -20.82 38.03
N ASP B 187 1.20 -21.06 39.15
CA ASP B 187 -0.05 -21.83 39.14
C ASP B 187 -1.10 -20.96 39.83
N PRO B 188 -1.79 -20.12 39.06
CA PRO B 188 -2.61 -19.05 39.68
C PRO B 188 -3.75 -19.64 40.52
N LYS B 189 -3.92 -19.11 41.73
CA LYS B 189 -5.02 -19.50 42.60
C LYS B 189 -6.34 -18.86 42.17
N VAL B 190 -6.32 -18.04 41.13
CA VAL B 190 -7.48 -17.34 40.58
C VAL B 190 -7.39 -17.51 39.08
N THR B 191 -8.42 -18.10 38.47
CA THR B 191 -8.44 -18.21 37.01
C THR B 191 -8.93 -16.91 36.37
N GLY B 192 -8.78 -16.84 35.03
CA GLY B 192 -9.25 -15.69 34.31
C GLY B 192 -10.76 -15.55 34.43
N VAL B 193 -11.49 -16.67 34.39
CA VAL B 193 -12.94 -16.64 34.54
C VAL B 193 -13.32 -16.14 35.93
N GLU B 194 -12.68 -16.67 36.97
CA GLU B 194 -13.00 -16.22 38.33
C GLU B 194 -12.69 -14.74 38.51
N ALA B 195 -11.54 -14.28 38.00
CA ALA B 195 -11.21 -12.86 38.06
C ALA B 195 -12.27 -12.00 37.38
N LEU B 196 -12.79 -12.48 36.25
CA LEU B 196 -13.80 -11.75 35.48
C LEU B 196 -15.14 -11.71 36.21
N TYR B 197 -15.51 -12.78 36.90
CA TYR B 197 -16.74 -12.74 37.68
C TYR B 197 -16.64 -11.65 38.73
N ALA B 198 -15.49 -11.58 39.39
CA ALA B 198 -15.23 -10.55 40.41
C ALA B 198 -15.23 -9.15 39.84
N SER B 199 -14.44 -8.91 38.77
CA SER B 199 -14.28 -7.56 38.22
C SER B 199 -15.56 -7.06 37.52
N LEU B 200 -16.32 -7.94 36.87
CA LEU B 200 -17.57 -7.54 36.21
C LEU B 200 -18.66 -7.22 37.22
N THR B 201 -18.83 -8.07 38.25
CA THR B 201 -19.89 -7.80 39.23
C THR B 201 -19.58 -6.56 40.07
N ALA B 202 -18.31 -6.20 40.23
CA ALA B 202 -17.98 -4.94 40.86
C ALA B 202 -18.77 -3.78 40.25
N GLN B 203 -19.24 -3.93 39.00
CA GLN B 203 -19.85 -2.84 38.23
C GLN B 203 -21.38 -2.83 38.33
N PHE B 204 -21.95 -3.76 39.10
CA PHE B 204 -23.39 -3.63 39.34
C PHE B 204 -23.83 -4.25 40.66
N ILE B 205 -22.93 -4.41 41.63
CA ILE B 205 -23.25 -4.83 43.01
C ILE B 205 -22.85 -3.70 43.93
N ASP B 206 -23.61 -3.52 45.03
CA ASP B 206 -23.23 -2.53 46.02
C ASP B 206 -21.76 -2.67 46.44
N LYS B 207 -20.97 -1.61 46.26
CA LYS B 207 -19.52 -1.77 46.47
C LYS B 207 -19.19 -2.24 47.89
N ARG B 208 -19.98 -1.81 48.90
N ARG B 208 -19.97 -1.81 48.88
CA ARG B 208 -19.73 -2.27 50.26
CA ARG B 208 -19.75 -2.27 50.25
C ARG B 208 -19.90 -3.78 50.36
C ARG B 208 -19.89 -3.78 50.35
N GLU B 209 -20.95 -4.31 49.74
CA GLU B 209 -21.18 -5.75 49.75
C GLU B 209 -20.13 -6.47 48.93
N HIS B 210 -19.80 -5.91 47.76
CA HIS B 210 -18.76 -6.52 46.90
C HIS B 210 -17.38 -6.53 47.60
N ASN B 211 -17.03 -5.43 48.29
CA ASN B 211 -15.76 -5.40 49.01
C ASN B 211 -15.71 -6.49 50.08
N GLU B 212 -16.84 -6.72 50.75
CA GLU B 212 -16.85 -7.73 51.78
C GLU B 212 -16.61 -9.10 51.18
N MET B 213 -17.17 -9.34 49.98
N MET B 213 -17.18 -9.34 50.00
CA MET B 213 -16.96 -10.61 49.31
CA MET B 213 -16.95 -10.61 49.32
C MET B 213 -15.54 -10.75 48.76
C MET B 213 -15.52 -10.74 48.81
N LEU B 214 -14.93 -9.66 48.31
CA LEU B 214 -13.52 -9.70 47.92
C LEU B 214 -12.62 -9.99 49.12
N LYS B 215 -12.95 -9.41 50.29
CA LYS B 215 -12.15 -9.65 51.47
C LYS B 215 -12.24 -11.10 51.89
N LYS B 216 -13.44 -11.68 51.84
CA LYS B 216 -13.58 -13.10 52.16
C LYS B 216 -12.73 -13.95 51.20
N THR B 217 -12.86 -13.67 49.89
CA THR B 217 -12.13 -14.37 48.84
C THR B 217 -10.63 -14.32 49.05
N LEU B 218 -10.08 -13.12 49.32
CA LEU B 218 -8.64 -13.01 49.54
C LEU B 218 -8.17 -13.69 50.82
N ALA B 219 -9.01 -13.70 51.85
CA ALA B 219 -8.71 -14.46 53.06
C ALA B 219 -8.58 -15.96 52.78
N ALA B 220 -9.26 -16.47 51.75
CA ALA B 220 -9.20 -17.89 51.44
C ALA B 220 -8.01 -18.27 50.55
N LEU B 221 -7.59 -17.33 49.71
CA LEU B 221 -6.65 -17.64 48.63
C LEU B 221 -5.35 -18.23 49.13
N PRO B 222 -4.73 -17.74 50.21
CA PRO B 222 -3.46 -18.33 50.65
C PRO B 222 -3.52 -19.83 50.83
N ASN B 223 -4.67 -20.39 51.20
CA ASN B 223 -4.74 -21.82 51.50
C ASN B 223 -5.55 -22.62 50.48
N ARG B 224 -5.85 -22.01 49.34
CA ARG B 224 -6.69 -22.62 48.32
C ARG B 224 -5.87 -23.62 47.53
N LYS B 225 -6.34 -24.85 47.42
CA LYS B 225 -5.63 -25.84 46.61
C LYS B 225 -5.91 -25.59 45.13
N VAL B 226 -4.88 -25.69 44.29
CA VAL B 226 -5.05 -25.59 42.84
C VAL B 226 -4.99 -27.00 42.26
N GLU B 227 -6.03 -27.40 41.52
CA GLU B 227 -6.01 -28.72 40.90
C GLU B 227 -5.63 -28.67 39.42
N ARG B 228 -6.09 -27.65 38.72
CA ARG B 228 -5.96 -27.54 37.27
C ARG B 228 -4.54 -27.22 36.84
N LYS B 229 -4.20 -27.68 35.64
CA LYS B 229 -2.90 -27.30 35.07
C LYS B 229 -3.02 -25.91 34.42
N THR B 230 -1.97 -25.10 34.56
CA THR B 230 -2.01 -23.73 34.05
C THR B 230 -2.08 -23.72 32.52
N GLY B 231 -1.29 -24.57 31.86
CA GLY B 231 -1.26 -24.43 30.41
C GLY B 231 -0.67 -23.10 29.98
N ALA B 232 -0.96 -22.68 28.74
CA ALA B 232 -0.39 -21.43 28.25
C ALA B 232 -0.96 -20.22 28.97
N ARG B 233 -0.11 -19.23 29.20
CA ARG B 233 -0.48 -17.98 29.88
C ARG B 233 -0.94 -16.95 28.83
N PHE B 234 -2.25 -16.68 28.81
CA PHE B 234 -2.87 -15.82 27.81
C PHE B 234 -3.21 -14.46 28.41
N MET B 235 -3.25 -13.46 27.56
CA MET B 235 -3.87 -12.20 27.94
C MET B 235 -5.03 -11.96 26.99
N THR B 236 -6.13 -11.38 27.46
CA THR B 236 -7.20 -10.99 26.56
C THR B 236 -7.23 -9.48 26.45
N ILE B 237 -7.50 -8.98 25.26
CA ILE B 237 -7.44 -7.54 24.96
C ILE B 237 -8.68 -7.14 24.17
N GLY B 238 -9.31 -6.04 24.56
CA GLY B 238 -10.48 -5.63 23.81
C GLY B 238 -11.14 -4.45 24.48
N SER B 239 -12.36 -4.20 24.05
CA SER B 239 -13.07 -3.08 24.63
C SER B 239 -13.78 -3.52 25.89
N GLU B 240 -14.93 -4.20 25.79
CA GLU B 240 -15.67 -4.61 26.98
C GLU B 240 -15.23 -6.03 27.41
N ASN B 241 -15.32 -7.01 26.48
CA ASN B 241 -14.96 -8.41 26.73
C ASN B 241 -15.73 -8.98 27.93
N ASP B 242 -17.07 -9.00 27.83
CA ASP B 242 -17.82 -9.49 28.98
C ASP B 242 -18.48 -10.85 28.75
N ASP B 243 -18.11 -11.57 27.71
CA ASP B 243 -18.72 -12.89 27.47
C ASP B 243 -17.93 -13.93 28.29
N ILE B 244 -18.34 -14.11 29.55
CA ILE B 244 -17.63 -15.03 30.45
C ILE B 244 -17.66 -16.46 29.91
N ALA B 245 -18.77 -16.88 29.30
CA ALA B 245 -18.81 -18.21 28.68
C ALA B 245 -17.72 -18.38 27.63
N PHE B 246 -17.47 -17.34 26.86
CA PHE B 246 -16.40 -17.44 25.87
C PHE B 246 -15.06 -17.58 26.58
N MET B 247 -14.83 -16.79 27.65
CA MET B 247 -13.59 -16.91 28.40
C MET B 247 -13.40 -18.31 28.96
N GLY B 248 -14.49 -18.97 29.40
CA GLY B 248 -14.40 -20.34 29.91
C GLY B 248 -13.99 -21.32 28.84
N MET B 249 -14.42 -21.10 27.60
CA MET B 249 -13.92 -21.94 26.51
C MET B 249 -12.42 -21.77 26.34
N VAL B 250 -11.94 -20.52 26.41
CA VAL B 250 -10.52 -20.27 26.22
C VAL B 250 -9.70 -21.08 27.22
N GLU B 251 -10.10 -21.06 28.50
CA GLU B 251 -9.39 -21.72 29.58
C GLU B 251 -9.62 -23.22 29.64
N SER B 252 -10.51 -23.76 28.83
CA SER B 252 -10.69 -25.19 28.78
C SER B 252 -9.82 -25.83 27.70
N VAL B 253 -9.10 -25.04 26.90
CA VAL B 253 -8.29 -25.63 25.83
C VAL B 253 -6.87 -25.93 26.28
N GLY B 254 -6.50 -25.52 27.49
CA GLY B 254 -5.17 -25.81 28.00
C GLY B 254 -4.43 -24.51 28.22
N ALA B 255 -5.12 -23.57 28.84
CA ALA B 255 -4.57 -22.24 29.04
C ALA B 255 -5.17 -21.63 30.27
N THR B 256 -4.55 -20.54 30.72
CA THR B 256 -5.14 -19.68 31.73
C THR B 256 -5.00 -18.24 31.25
N ILE B 257 -6.06 -17.46 31.38
CA ILE B 257 -5.98 -16.03 31.13
C ILE B 257 -5.43 -15.37 32.38
N VAL B 258 -4.18 -14.90 32.31
CA VAL B 258 -3.55 -14.41 33.54
C VAL B 258 -3.67 -12.91 33.69
N ILE B 259 -4.07 -12.20 32.65
CA ILE B 259 -4.23 -10.74 32.70
C ILE B 259 -5.03 -10.31 31.49
N ASP B 260 -5.55 -9.08 31.52
CA ASP B 260 -6.46 -8.60 30.49
C ASP B 260 -6.28 -7.11 30.39
N ASP B 261 -6.70 -6.58 29.25
CA ASP B 261 -6.80 -5.13 28.99
C ASP B 261 -8.22 -4.95 28.43
N GLN B 262 -9.21 -4.78 29.31
CA GLN B 262 -10.60 -4.71 28.86
C GLN B 262 -11.40 -4.06 29.97
N CYS B 263 -12.53 -3.51 29.60
CA CYS B 263 -13.36 -2.76 30.56
C CYS B 263 -14.21 -3.67 31.45
N SER B 264 -14.37 -4.94 31.12
CA SER B 264 -14.92 -5.89 32.08
C SER B 264 -13.94 -6.18 33.20
N GLY B 265 -12.67 -5.78 33.04
CA GLY B 265 -11.55 -6.14 33.89
C GLY B 265 -10.63 -4.98 34.23
N SER B 266 -9.35 -5.09 33.88
CA SER B 266 -8.34 -4.14 34.40
C SER B 266 -8.67 -2.68 34.08
N ARG B 267 -9.19 -2.39 32.89
CA ARG B 267 -9.34 -0.97 32.52
C ARG B 267 -10.40 -0.30 33.37
N TYR B 268 -11.33 -1.06 33.97
CA TYR B 268 -12.30 -0.45 34.87
C TYR B 268 -11.66 0.01 36.18
N PHE B 269 -10.89 -0.84 36.84
CA PHE B 269 -10.53 -0.58 38.23
C PHE B 269 -9.07 -0.20 38.47
N TRP B 270 -8.19 -0.24 37.44
CA TRP B 270 -6.75 -0.38 37.67
C TRP B 270 -6.20 0.52 38.77
N ASN B 271 -6.45 1.83 38.68
CA ASN B 271 -5.87 2.79 39.63
C ASN B 271 -6.89 3.26 40.67
N ALA B 272 -6.45 3.34 41.92
CA ALA B 272 -7.20 4.07 42.95
C ALA B 272 -6.85 5.56 42.89
N SER B 273 -7.72 6.42 43.45
CA SER B 273 -7.42 7.84 43.44
C SER B 273 -6.15 8.13 44.27
N LYS B 274 -5.54 9.36 44.04
CA LYS B 274 -4.38 9.85 44.80
C LYS B 274 -4.90 10.48 46.10
N PRO B 275 -4.12 10.44 47.19
CA PRO B 275 -4.52 11.16 48.42
C PRO B 275 -4.55 12.63 48.11
N GLU B 276 -5.60 13.30 48.57
CA GLU B 276 -5.93 14.62 48.07
C GLU B 276 -7.05 15.16 48.92
N GLY B 277 -6.91 16.44 49.33
CA GLY B 277 -7.87 17.01 50.27
C GLY B 277 -9.16 17.52 49.65
N ASP B 278 -9.13 17.89 48.38
CA ASP B 278 -10.31 18.35 47.63
C ASP B 278 -10.92 17.10 46.99
N VAL B 279 -12.02 16.62 47.56
CA VAL B 279 -12.52 15.32 47.10
C VAL B 279 -12.96 15.36 45.63
N ILE B 280 -13.53 16.48 45.13
CA ILE B 280 -13.88 16.57 43.72
C ILE B 280 -12.65 16.41 42.81
N LYS B 281 -11.55 17.07 43.14
CA LYS B 281 -10.31 16.85 42.42
C LYS B 281 -9.86 15.39 42.49
N ALA B 282 -9.93 14.76 43.68
CA ALA B 282 -9.49 13.35 43.81
C ALA B 282 -10.28 12.46 42.85
N ILE B 283 -11.60 12.63 42.83
CA ILE B 283 -12.47 11.86 41.95
C ILE B 283 -12.20 12.18 40.48
N ALA B 284 -12.28 13.46 40.09
CA ALA B 284 -12.12 13.79 38.68
C ALA B 284 -10.76 13.30 38.16
N GLU B 285 -9.71 13.48 38.95
CA GLU B 285 -8.39 13.09 38.44
C GLU B 285 -8.19 11.60 38.40
N ARG B 286 -8.82 10.84 39.31
CA ARG B 286 -8.75 9.38 39.24
C ARG B 286 -9.14 8.90 37.83
N TYR B 287 -10.21 9.47 37.27
CA TYR B 287 -10.66 9.03 35.95
C TYR B 287 -9.75 9.54 34.85
N CYS B 288 -9.27 10.81 34.96
CA CYS B 288 -8.32 11.30 33.95
C CYS B 288 -7.04 10.49 33.99
N ASP B 289 -6.64 9.99 35.18
CA ASP B 289 -5.37 9.29 35.32
C ASP B 289 -5.47 7.81 35.01
N ARG B 290 -6.69 7.29 34.86
CA ARG B 290 -6.93 5.87 34.63
C ARG B 290 -6.30 5.45 33.29
N PRO B 291 -5.89 4.17 33.13
CA PRO B 291 -5.51 3.74 31.77
C PRO B 291 -6.59 4.10 30.78
N ALA B 292 -6.18 4.67 29.67
CA ALA B 292 -7.11 5.34 28.77
C ALA B 292 -7.80 4.39 27.79
N CYS B 293 -9.13 4.62 27.60
CA CYS B 293 -9.83 4.15 26.41
C CYS B 293 -9.05 4.58 25.15
N PRO B 294 -9.00 3.77 24.09
CA PRO B 294 -8.37 4.24 22.82
C PRO B 294 -8.84 5.61 22.39
N THR B 295 -10.14 5.87 22.54
CA THR B 295 -10.71 7.17 22.22
C THR B 295 -10.02 8.31 22.96
N LYS B 296 -9.54 8.06 24.19
CA LYS B 296 -8.94 9.09 25.03
C LYS B 296 -7.41 9.04 25.00
N ASP B 297 -6.86 8.32 24.04
CA ASP B 297 -5.42 8.04 24.06
C ASP B 297 -4.76 8.70 22.85
N TYR B 298 -4.54 10.01 22.99
CA TYR B 298 -3.89 10.83 21.98
C TYR B 298 -3.37 12.08 22.68
N PRO B 299 -2.30 12.70 22.16
CA PRO B 299 -1.53 12.33 20.96
C PRO B 299 -0.72 11.05 21.17
N ALA B 300 -0.29 10.76 22.40
CA ALA B 300 0.52 9.57 22.63
C ALA B 300 -0.36 8.32 22.74
N HIS B 301 0.15 7.21 22.22
CA HIS B 301 -0.47 5.92 22.51
C HIS B 301 0.05 5.37 23.85
N THR B 302 -0.38 5.98 24.98
CA THR B 302 0.07 5.47 26.28
C THR B 302 -0.44 4.06 26.55
N ARG B 303 -1.53 3.68 25.90
CA ARG B 303 -2.09 2.35 26.02
C ARG B 303 -1.07 1.28 25.64
N PHE B 304 -0.27 1.55 24.63
CA PHE B 304 0.70 0.55 24.20
C PHE B 304 1.67 0.19 25.34
N ASP B 305 2.16 1.17 26.08
CA ASP B 305 3.09 0.86 27.19
C ASP B 305 2.36 0.18 28.34
N HIS B 306 1.12 0.61 28.60
CA HIS B 306 0.30 -0.02 29.64
C HIS B 306 0.04 -1.48 29.34
N VAL B 307 -0.34 -1.78 28.10
CA VAL B 307 -0.64 -3.18 27.72
C VAL B 307 0.63 -4.04 27.74
N LEU B 308 1.74 -3.57 27.14
CA LEU B 308 2.99 -4.37 27.20
C LEU B 308 3.49 -4.52 28.63
N GLY B 309 3.37 -3.47 29.44
CA GLY B 309 3.79 -3.56 30.83
C GLY B 309 3.01 -4.62 31.60
N MET B 310 1.68 -4.62 31.46
CA MET B 310 0.86 -5.68 32.01
C MET B 310 1.26 -7.06 31.50
N ALA B 311 1.49 -7.19 30.19
CA ALA B 311 1.90 -8.47 29.63
C ALA B 311 3.20 -8.96 30.24
N LYS B 312 4.17 -8.08 30.42
CA LYS B 312 5.46 -8.50 30.98
C LYS B 312 5.33 -8.84 32.47
N GLU B 313 4.57 -8.03 33.19
CA GLU B 313 4.43 -8.17 34.64
C GLU B 313 3.70 -9.45 35.01
N TYR B 314 2.81 -9.91 34.15
CA TYR B 314 2.07 -11.14 34.39
C TYR B 314 2.61 -12.31 33.57
N ASN B 315 3.80 -12.19 32.99
CA ASN B 315 4.44 -13.30 32.28
C ASN B 315 3.54 -13.90 31.20
N VAL B 316 3.04 -13.02 30.32
CA VAL B 316 2.12 -13.48 29.28
C VAL B 316 2.89 -14.20 28.18
N GLU B 317 2.33 -15.31 27.70
CA GLU B 317 2.94 -16.04 26.56
C GLU B 317 2.28 -15.75 25.23
N GLY B 318 0.99 -15.45 25.23
CA GLY B 318 0.26 -15.17 24.01
C GLY B 318 -0.88 -14.23 24.30
N ALA B 319 -1.12 -13.27 23.42
CA ALA B 319 -2.15 -12.25 23.63
C ALA B 319 -3.25 -12.42 22.62
N ILE B 320 -4.50 -12.45 23.08
CA ILE B 320 -5.69 -12.65 22.24
C ILE B 320 -6.47 -11.33 22.15
N PHE B 321 -6.54 -10.74 20.94
CA PHE B 321 -7.39 -9.57 20.70
C PHE B 321 -8.80 -10.07 20.42
N LEU B 322 -9.75 -9.67 21.26
CA LEU B 322 -11.15 -9.94 21.01
C LEU B 322 -11.74 -8.65 20.51
N GLN B 323 -12.23 -8.61 19.28
N GLN B 323 -12.22 -8.62 19.28
CA GLN B 323 -12.70 -7.33 18.75
CA GLN B 323 -12.71 -7.36 18.73
C GLN B 323 -14.19 -7.39 18.39
C GLN B 323 -14.20 -7.42 18.43
N GLN B 324 -14.93 -6.39 18.86
CA GLN B 324 -16.31 -6.23 18.40
C GLN B 324 -16.27 -5.79 16.95
N LYS B 325 -17.13 -6.40 16.11
CA LYS B 325 -17.33 -5.90 14.77
C LYS B 325 -17.59 -4.40 14.81
N PHE B 326 -16.98 -3.69 13.87
CA PHE B 326 -17.17 -2.26 13.67
C PHE B 326 -16.58 -1.34 14.73
N CYS B 327 -15.79 -1.84 15.68
CA CYS B 327 -15.32 -1.05 16.82
C CYS B 327 -14.17 -0.12 16.40
N ASP B 328 -14.54 1.12 16.00
CA ASP B 328 -13.53 2.08 15.53
C ASP B 328 -12.41 2.41 16.50
N PRO B 329 -12.63 2.71 17.79
CA PRO B 329 -11.48 3.10 18.62
C PRO B 329 -10.45 1.98 18.70
N HIS B 330 -10.87 0.73 18.83
CA HIS B 330 -9.89 -0.34 18.99
C HIS B 330 -9.32 -0.76 17.66
N GLU B 331 -10.12 -0.69 16.60
CA GLU B 331 -9.63 -0.90 15.23
C GLU B 331 -8.53 0.10 14.87
N GLY B 332 -8.67 1.33 15.34
CA GLY B 332 -7.66 2.35 15.07
C GLY B 332 -6.31 2.06 15.74
N ASP B 333 -6.31 1.46 16.93
CA ASP B 333 -5.09 1.10 17.66
C ASP B 333 -4.50 -0.23 17.22
N TYR B 334 -5.35 -1.13 16.68
CA TYR B 334 -5.00 -2.55 16.62
C TYR B 334 -3.74 -2.85 15.83
N PRO B 335 -3.54 -2.33 14.61
CA PRO B 335 -2.37 -2.77 13.85
C PRO B 335 -1.08 -2.48 14.56
N ASP B 336 -0.94 -1.28 15.14
CA ASP B 336 0.33 -1.01 15.80
C ASP B 336 0.40 -1.59 17.21
N LEU B 337 -0.72 -1.75 17.92
CA LEU B 337 -0.58 -2.45 19.22
C LEU B 337 -0.19 -3.91 19.03
N LYS B 338 -0.80 -4.59 18.05
CA LYS B 338 -0.32 -5.93 17.68
C LYS B 338 1.18 -5.92 17.44
N ARG B 339 1.66 -5.00 16.59
CA ARG B 339 3.09 -4.98 16.27
C ARG B 339 3.93 -4.79 17.50
N HIS B 340 3.48 -3.87 18.38
CA HIS B 340 4.22 -3.58 19.62
C HIS B 340 4.42 -4.82 20.47
N LEU B 341 3.35 -5.60 20.62
CA LEU B 341 3.44 -6.83 21.41
C LEU B 341 4.33 -7.84 20.72
N GLU B 342 4.11 -8.04 19.42
CA GLU B 342 4.85 -9.07 18.71
C GLU B 342 6.34 -8.74 18.65
N GLU B 343 6.68 -7.46 18.48
CA GLU B 343 8.08 -7.06 18.49
C GLU B 343 8.74 -7.29 19.85
N ASN B 344 7.96 -7.37 20.91
CA ASN B 344 8.45 -7.58 22.26
C ASN B 344 8.24 -9.01 22.71
N GLY B 345 8.06 -9.92 21.78
CA GLY B 345 8.13 -11.33 22.05
C GLY B 345 6.81 -12.01 22.37
N ILE B 346 5.69 -11.35 22.17
CA ILE B 346 4.40 -11.90 22.54
C ILE B 346 3.61 -12.12 21.26
N PRO B 347 3.45 -13.37 20.82
CA PRO B 347 2.57 -13.63 19.68
C PRO B 347 1.12 -13.33 19.99
N THR B 348 0.38 -13.00 18.92
CA THR B 348 -1.01 -12.57 19.07
C THR B 348 -1.98 -13.33 18.15
N LEU B 349 -3.24 -13.31 18.56
CA LEU B 349 -4.36 -13.92 17.83
C LEU B 349 -5.48 -12.89 17.76
N PHE B 350 -6.15 -12.80 16.62
CA PHE B 350 -7.24 -11.83 16.41
C PHE B 350 -8.55 -12.56 16.22
N LEU B 351 -9.55 -12.26 17.04
CA LEU B 351 -10.87 -12.87 16.89
C LEU B 351 -11.92 -11.77 16.89
N GLU B 352 -12.94 -11.90 16.03
CA GLU B 352 -13.93 -10.84 15.84
C GLU B 352 -15.32 -11.37 16.15
N PHE B 353 -16.15 -10.54 16.85
CA PHE B 353 -17.41 -10.98 17.45
C PHE B 353 -18.61 -10.16 16.99
N ASP B 354 -19.73 -10.85 16.79
CA ASP B 354 -21.05 -10.29 16.65
C ASP B 354 -21.78 -10.36 18.03
N ILE B 355 -23.07 -10.04 18.05
CA ILE B 355 -23.89 -10.16 19.27
C ILE B 355 -23.89 -11.61 19.75
N THR B 356 -23.99 -12.55 18.82
CA THR B 356 -23.84 -13.96 19.13
C THR B 356 -22.93 -14.58 18.06
N ASN B 357 -22.20 -15.62 18.42
CA ASN B 357 -21.43 -16.35 17.42
C ASN B 357 -21.34 -17.81 17.85
N PRO B 358 -21.36 -18.75 16.91
CA PRO B 358 -21.12 -20.15 17.31
C PRO B 358 -19.69 -20.31 17.80
N ILE B 359 -19.52 -20.98 18.94
CA ILE B 359 -18.23 -20.96 19.61
C ILE B 359 -17.20 -21.91 19.01
N GLY B 360 -17.63 -22.92 18.24
CA GLY B 360 -16.76 -23.92 17.65
C GLY B 360 -15.64 -23.42 16.76
N PRO B 361 -15.93 -22.54 15.79
CA PRO B 361 -14.84 -21.96 14.99
C PRO B 361 -13.85 -21.18 15.81
N PHE B 362 -14.29 -20.54 16.89
CA PHE B 362 -13.34 -19.85 17.76
C PHE B 362 -12.48 -20.85 18.53
N ARG B 363 -13.05 -21.96 18.96
CA ARG B 363 -12.26 -22.92 19.70
C ARG B 363 -11.15 -23.51 18.81
N ILE B 364 -11.50 -23.87 17.58
CA ILE B 364 -10.49 -24.40 16.65
C ILE B 364 -9.33 -23.42 16.49
N ARG B 365 -9.63 -22.13 16.32
CA ARG B 365 -8.59 -21.12 16.18
C ARG B 365 -7.73 -20.98 17.42
N ILE B 366 -8.32 -21.07 18.60
CA ILE B 366 -7.54 -20.99 19.83
C ILE B 366 -6.64 -22.21 19.97
N GLU B 367 -7.16 -23.38 19.65
CA GLU B 367 -6.33 -24.59 19.70
C GLU B 367 -5.14 -24.47 18.76
N ALA B 368 -5.34 -23.88 17.58
CA ALA B 368 -4.24 -23.70 16.62
C ALA B 368 -3.22 -22.70 17.14
N PHE B 369 -3.69 -21.60 17.73
CA PHE B 369 -2.81 -20.63 18.37
C PHE B 369 -1.96 -21.32 19.42
N LEU B 370 -2.58 -22.17 20.24
CA LEU B 370 -1.83 -22.86 21.28
C LEU B 370 -0.67 -23.63 20.68
N GLU B 371 -0.88 -24.19 19.49
CA GLU B 371 0.17 -24.94 18.80
C GLU B 371 1.33 -24.03 18.40
N THR B 372 1.02 -22.82 17.92
CA THR B 372 2.07 -21.88 17.55
C THR B 372 2.95 -21.57 18.73
N LEU B 373 2.35 -21.41 19.91
CA LEU B 373 3.09 -21.09 21.12
C LEU B 373 4.09 -22.19 21.45
N SER B 374 3.68 -23.45 21.26
CA SER B 374 4.49 -24.62 21.62
C SER B 374 5.68 -24.85 20.69
N GLU B 375 5.79 -24.14 19.58
CA GLU B 375 7.00 -24.14 18.76
C GLU B 375 7.79 -22.87 18.98
N GLU B 376 9.09 -22.94 18.66
CA GLU B 376 10.02 -21.83 18.86
C GLU B 376 9.98 -21.28 20.29
N ASN C 6 18.79 -48.32 10.89
CA ASN C 6 18.59 -47.69 9.59
C ASN C 6 19.77 -48.03 8.67
N LYS C 7 19.90 -47.33 7.53
CA LYS C 7 20.98 -47.71 6.61
C LYS C 7 22.25 -46.93 6.95
N TYR C 8 22.19 -45.62 7.01
CA TYR C 8 23.37 -44.85 7.32
C TYR C 8 23.21 -44.18 8.67
N PRO C 9 24.30 -43.93 9.39
CA PRO C 9 24.23 -43.06 10.57
C PRO C 9 23.82 -41.66 10.20
N THR C 10 23.20 -40.97 11.16
CA THR C 10 22.76 -39.60 10.91
C THR C 10 23.01 -38.75 12.17
N GLU C 11 23.04 -37.43 11.98
CA GLU C 11 23.29 -36.50 13.08
C GLU C 11 22.92 -35.09 12.65
N GLN C 12 22.39 -34.29 13.57
CA GLN C 12 22.08 -32.88 13.31
C GLN C 12 23.38 -32.05 13.27
N LEU C 13 23.40 -31.06 12.42
CA LEU C 13 24.52 -30.15 12.28
C LEU C 13 24.70 -29.35 13.56
N LYS C 14 25.89 -29.44 14.13
CA LYS C 14 26.19 -28.69 15.35
C LYS C 14 26.14 -27.18 15.10
N LEU C 15 26.59 -26.75 13.91
CA LEU C 15 26.70 -25.32 13.64
C LEU C 15 25.37 -24.70 13.20
N TRP C 16 24.28 -25.48 13.20
CA TRP C 16 22.98 -24.99 12.81
C TRP C 16 22.63 -23.71 13.52
N GLY C 17 22.71 -23.75 14.83
CA GLY C 17 22.34 -22.60 15.65
C GLY C 17 23.14 -21.37 15.30
N LYS C 18 24.46 -21.55 15.09
CA LYS C 18 25.27 -20.41 14.72
C LYS C 18 24.87 -19.86 13.35
N ALA C 19 24.51 -20.74 12.39
CA ALA C 19 24.08 -20.23 11.08
C ALA C 19 22.84 -19.37 11.23
N LYS C 20 21.93 -19.80 12.10
CA LYS C 20 20.72 -19.04 12.34
C LYS C 20 21.02 -17.72 13.03
N GLU C 21 21.89 -17.73 14.02
CA GLU C 21 22.19 -16.51 14.77
C GLU C 21 22.92 -15.49 13.92
N LEU C 22 23.85 -15.93 13.06
CA LEU C 22 24.55 -14.98 12.18
C LEU C 22 23.56 -14.28 11.25
N ARG C 23 22.59 -15.01 10.75
CA ARG C 23 21.58 -14.45 9.87
C ARG C 23 20.72 -13.47 10.63
N GLU C 24 20.32 -13.83 11.84
CA GLU C 24 19.50 -12.87 12.58
C GLU C 24 20.27 -11.61 12.92
N GLN C 25 21.54 -11.77 13.32
CA GLN C 25 22.38 -10.61 13.61
C GLN C 25 22.52 -9.70 12.40
N TYR C 26 22.64 -10.28 11.21
CA TYR C 26 22.76 -9.48 10.00
C TYR C 26 21.57 -8.55 9.85
N TYR C 27 20.35 -9.09 9.97
CA TYR C 27 19.14 -8.24 9.83
C TYR C 27 19.00 -7.28 11.00
N MET C 28 19.38 -7.67 12.20
N MET C 28 19.38 -7.70 12.20
CA MET C 28 19.29 -6.72 13.31
CA MET C 28 19.34 -6.76 13.33
C MET C 28 20.30 -5.59 13.14
C MET C 28 20.30 -5.61 13.10
N ASN C 29 21.52 -5.90 12.67
CA ASN C 29 22.54 -4.87 12.47
C ASN C 29 22.10 -3.84 11.43
N TYR C 30 21.41 -4.28 10.39
CA TYR C 30 20.93 -3.31 9.40
C TYR C 30 19.93 -2.34 10.04
N ALA C 31 18.99 -2.88 10.80
CA ALA C 31 18.00 -2.06 11.49
C ALA C 31 18.64 -1.09 12.49
N ARG C 32 19.69 -1.54 13.20
CA ARG C 32 20.33 -0.75 14.25
C ARG C 32 21.54 0.05 13.78
N ALA C 33 21.82 0.05 12.46
CA ALA C 33 23.03 0.67 11.91
C ALA C 33 23.26 2.10 12.35
N LYS C 34 22.21 2.87 12.55
CA LYS C 34 22.37 4.29 12.82
C LYS C 34 22.60 4.62 14.29
N GLU C 35 22.36 3.69 15.21
CA GLU C 35 22.56 3.96 16.64
C GLU C 35 23.96 4.50 16.94
N LYS C 36 24.98 3.96 16.27
CA LYS C 36 26.36 4.41 16.48
C LYS C 36 26.93 5.01 15.20
N GLY C 37 26.07 5.51 14.33
CA GLY C 37 26.53 6.26 13.19
C GLY C 37 27.07 5.39 12.08
N GLY C 38 26.58 4.16 11.96
CA GLY C 38 26.96 3.31 10.87
C GLY C 38 26.32 3.68 9.53
N ILE C 39 26.70 2.94 8.49
CA ILE C 39 26.18 3.10 7.13
C ILE C 39 25.27 1.91 6.80
N ARG C 40 24.14 2.21 6.16
CA ARG C 40 23.22 1.25 5.55
C ARG C 40 23.25 1.39 4.03
N TRP C 41 23.27 0.27 3.30
CA TRP C 41 23.03 0.33 1.84
C TRP C 41 22.23 -0.87 1.39
N SER C 42 21.61 -0.74 0.22
CA SER C 42 20.81 -1.86 -0.26
C SER C 42 21.20 -2.17 -1.70
N GLY C 43 20.97 -3.43 -2.05
CA GLY C 43 21.34 -3.91 -3.38
C GLY C 43 21.10 -5.40 -3.40
N SER C 44 21.38 -5.99 -4.56
CA SER C 44 21.23 -7.41 -4.72
C SER C 44 22.25 -8.20 -3.88
N ALA C 45 21.90 -9.46 -3.66
CA ALA C 45 22.88 -10.44 -3.18
C ALA C 45 24.09 -10.53 -4.10
N TRP C 46 23.93 -10.11 -5.36
CA TRP C 46 24.99 -10.13 -6.33
C TRP C 46 25.74 -8.80 -6.42
N ALA C 47 25.37 -7.81 -5.61
CA ALA C 47 26.19 -6.61 -5.48
C ALA C 47 27.60 -6.97 -5.03
N LEU C 48 28.54 -6.15 -5.50
CA LEU C 48 29.97 -6.33 -5.18
C LEU C 48 30.22 -5.65 -3.84
N ASP C 49 29.80 -6.33 -2.78
CA ASP C 49 29.76 -5.72 -1.44
C ASP C 49 31.08 -5.38 -0.81
N ALA C 50 32.23 -5.86 -1.34
CA ALA C 50 33.49 -5.41 -0.79
C ALA C 50 33.76 -3.94 -1.07
N ILE C 51 33.14 -3.34 -2.10
CA ILE C 51 33.34 -1.90 -2.37
C ILE C 51 32.76 -1.09 -1.20
N PRO C 52 31.47 -1.16 -0.84
CA PRO C 52 31.02 -0.41 0.34
C PRO C 52 31.78 -0.80 1.61
N ALA C 53 32.32 -2.04 1.69
CA ALA C 53 33.11 -2.43 2.88
C ALA C 53 34.38 -1.59 3.06
N GLY C 54 34.87 -0.96 2.00
CA GLY C 54 36.03 -0.09 2.17
C GLY C 54 35.75 1.16 2.97
N LEU C 55 34.49 1.41 3.31
CA LEU C 55 34.12 2.59 4.06
C LEU C 55 34.08 2.34 5.56
N GLY C 56 34.43 1.15 6.04
CA GLY C 56 34.46 0.86 7.46
C GLY C 56 33.84 -0.48 7.76
N GLU C 57 34.04 -0.91 9.02
CA GLU C 57 33.52 -2.15 9.53
C GLU C 57 32.10 -2.02 10.07
N ASP C 58 31.54 -0.81 10.03
CA ASP C 58 30.18 -0.50 10.49
C ASP C 58 29.35 -0.10 9.28
N VAL C 59 29.50 -0.85 8.19
CA VAL C 59 28.76 -0.64 6.95
C VAL C 59 27.89 -1.89 6.75
N TYR C 60 26.58 -1.70 6.77
CA TYR C 60 25.64 -2.80 6.82
C TYR C 60 24.76 -2.80 5.59
N SER C 61 24.75 -3.95 4.90
CA SER C 61 23.85 -4.08 3.78
C SER C 61 22.53 -4.70 4.16
N LEU C 62 21.57 -4.50 3.28
CA LEU C 62 20.38 -5.35 3.19
C LEU C 62 20.27 -5.86 1.75
N THR C 63 20.47 -7.17 1.52
CA THR C 63 20.42 -7.68 0.17
C THR C 63 18.97 -8.02 -0.19
N GLY C 64 18.54 -7.56 -1.37
CA GLY C 64 17.12 -7.52 -1.70
C GLY C 64 16.45 -8.87 -1.86
N GLU C 65 17.14 -9.84 -2.54
CA GLU C 65 16.46 -11.11 -2.80
C GLU C 65 16.35 -11.96 -1.52
N PRO C 66 17.43 -12.07 -0.71
CA PRO C 66 17.30 -12.87 0.53
C PRO C 66 16.32 -12.27 1.50
N TYR C 67 16.28 -10.95 1.57
CA TYR C 67 15.25 -10.30 2.41
C TYR C 67 13.86 -10.63 1.89
N ALA C 68 13.61 -10.47 0.57
CA ALA C 68 12.29 -10.81 0.03
C ALA C 68 11.92 -12.27 0.27
N ALA C 69 12.89 -13.19 0.19
CA ALA C 69 12.59 -14.60 0.48
C ALA C 69 12.25 -14.82 1.94
N ALA C 70 12.88 -14.07 2.84
CA ALA C 70 12.47 -14.10 4.24
C ALA C 70 11.04 -13.63 4.42
N VAL C 71 10.61 -12.59 3.68
CA VAL C 71 9.22 -12.15 3.74
C VAL C 71 8.31 -13.23 3.15
N ALA C 72 8.73 -13.85 2.01
CA ALA C 72 7.90 -14.86 1.36
C ALA C 72 7.60 -16.03 2.28
N HIS C 73 8.48 -16.30 3.26
CA HIS C 73 8.25 -17.36 4.23
C HIS C 73 7.03 -17.07 5.10
N ASP C 74 6.70 -15.79 5.29
CA ASP C 74 5.49 -15.34 6.01
C ASP C 74 4.42 -15.04 4.95
N ARG C 75 3.61 -16.07 4.60
CA ARG C 75 2.70 -15.97 3.46
C ARG C 75 1.78 -14.75 3.58
N LYS C 76 1.26 -14.51 4.77
CA LYS C 76 0.37 -13.36 4.94
C LYS C 76 1.08 -12.03 4.71
N PHE C 77 2.29 -11.84 5.29
CA PHE C 77 2.98 -10.58 5.08
C PHE C 77 3.43 -10.44 3.62
N ALA C 78 3.86 -11.55 3.00
CA ALA C 78 4.20 -11.48 1.57
C ALA C 78 3.02 -11.05 0.73
N LYS C 79 1.82 -11.61 1.01
CA LYS C 79 0.63 -11.19 0.28
C LYS C 79 0.38 -9.71 0.45
N GLU C 80 0.41 -9.24 1.69
CA GLU C 80 0.23 -7.80 1.97
C GLU C 80 1.24 -6.96 1.18
N CYS C 81 2.53 -7.36 1.17
CA CYS C 81 3.53 -6.59 0.42
C CYS C 81 3.22 -6.57 -1.07
N MET C 82 2.88 -7.74 -1.66
CA MET C 82 2.53 -7.76 -3.09
C MET C 82 1.27 -6.95 -3.37
N ASP C 83 0.32 -6.96 -2.44
CA ASP C 83 -0.89 -6.15 -2.67
C ASP C 83 -0.56 -4.67 -2.65
N ALA C 84 0.37 -4.24 -1.79
CA ALA C 84 0.78 -2.82 -1.84
C ALA C 84 1.46 -2.45 -3.15
N ALA C 85 2.37 -3.31 -3.65
CA ALA C 85 3.03 -3.07 -4.94
C ALA C 85 2.03 -2.98 -6.08
N GLU C 86 1.01 -3.83 -6.03
CA GLU C 86 0.02 -3.84 -7.08
C GLU C 86 -0.81 -2.57 -7.03
N ALA C 87 -1.14 -2.13 -5.81
CA ALA C 87 -1.90 -0.90 -5.61
C ALA C 87 -1.15 0.30 -6.18
N TYR C 88 0.19 0.29 -6.07
CA TYR C 88 0.98 1.35 -6.69
C TYR C 88 0.82 1.34 -8.21
N GLY C 89 0.67 0.14 -8.79
CA GLY C 89 0.30 -0.01 -10.20
C GLY C 89 1.22 -0.93 -10.96
N PHE C 90 2.12 -1.62 -10.27
CA PHE C 90 3.05 -2.53 -10.93
C PHE C 90 2.34 -3.83 -11.33
N ALA C 91 2.74 -4.38 -12.46
CA ALA C 91 2.18 -5.62 -12.96
C ALA C 91 2.48 -6.78 -12.02
N ARG C 92 1.50 -7.69 -11.91
CA ARG C 92 1.66 -8.81 -11.00
C ARG C 92 2.65 -9.84 -11.52
N ASP C 93 2.97 -9.79 -12.80
CA ASP C 93 3.90 -10.80 -13.37
C ASP C 93 5.36 -10.32 -13.32
N LEU C 94 5.64 -9.17 -12.71
CA LEU C 94 7.01 -8.82 -12.43
C LEU C 94 7.57 -9.74 -11.32
N CYS C 95 8.90 -9.80 -11.25
CA CYS C 95 9.67 -10.55 -10.25
C CYS C 95 9.00 -10.49 -8.88
N SER C 96 8.65 -11.66 -8.32
CA SER C 96 7.92 -11.61 -7.05
C SER C 96 8.78 -11.08 -5.88
N TYR C 97 10.09 -11.28 -5.89
CA TYR C 97 10.94 -10.69 -4.84
C TYR C 97 10.92 -9.17 -4.93
N MET C 98 11.11 -8.63 -6.15
CA MET C 98 11.01 -7.21 -6.39
C MET C 98 9.68 -6.65 -5.90
N ARG C 99 8.58 -7.35 -6.20
CA ARG C 99 7.24 -6.84 -5.81
C ARG C 99 7.08 -6.88 -4.31
N ILE C 100 7.56 -7.95 -3.66
CA ILE C 100 7.55 -8.02 -2.20
C ILE C 100 8.35 -6.88 -1.61
N TYR C 101 9.53 -6.65 -2.16
CA TYR C 101 10.42 -5.64 -1.62
C TYR C 101 9.78 -4.26 -1.71
N TRP C 102 9.26 -3.90 -2.90
CA TRP C 102 8.58 -2.63 -3.07
C TRP C 102 7.42 -2.47 -2.06
N GLY C 103 6.55 -3.48 -1.98
CA GLY C 103 5.39 -3.35 -1.09
C GLY C 103 5.78 -3.13 0.37
N GLY C 104 6.79 -3.87 0.84
CA GLY C 104 7.20 -3.68 2.23
C GLY C 104 7.80 -2.30 2.46
N MET C 105 8.40 -1.72 1.44
CA MET C 105 8.87 -0.34 1.55
C MET C 105 7.71 0.64 1.65
N HIS C 106 6.75 0.53 0.75
CA HIS C 106 5.56 1.40 0.82
C HIS C 106 4.80 1.24 2.13
N LEU C 107 4.59 -0.01 2.59
CA LEU C 107 3.95 -0.25 3.89
C LEU C 107 4.84 0.23 5.05
N ASN C 108 6.14 0.39 4.82
CA ASN C 108 7.09 0.83 5.84
C ASN C 108 7.17 -0.15 7.00
N LYS C 109 7.36 -1.43 6.68
CA LYS C 109 7.39 -2.48 7.69
C LYS C 109 8.59 -3.36 7.38
N TYR C 110 9.40 -3.60 8.39
CA TYR C 110 10.55 -4.52 8.28
C TYR C 110 10.12 -5.90 8.75
N ALA C 111 10.53 -6.95 8.01
CA ALA C 111 10.10 -8.28 8.36
C ALA C 111 10.56 -8.67 9.76
N PHE C 112 11.63 -8.04 10.27
CA PHE C 112 12.17 -8.40 11.58
C PHE C 112 11.75 -7.39 12.65
N GLY C 113 10.71 -6.61 12.39
CA GLY C 113 10.26 -5.66 13.37
C GLY C 113 10.61 -4.22 13.05
N GLY C 114 9.64 -3.31 13.24
CA GLY C 114 9.97 -1.91 13.15
C GLY C 114 9.71 -1.37 11.76
N GLU C 115 10.12 -0.12 11.55
CA GLU C 115 9.91 0.55 10.26
C GLU C 115 10.82 -0.07 9.23
N PHE C 116 10.53 0.16 7.95
CA PHE C 116 11.47 -0.34 6.92
C PHE C 116 12.69 0.57 6.90
N PRO C 117 13.89 0.07 7.22
CA PRO C 117 14.99 1.04 7.47
C PRO C 117 15.43 1.70 6.17
N LYS C 118 15.62 3.01 6.22
CA LYS C 118 16.00 3.75 5.01
C LYS C 118 17.48 3.49 4.71
N PRO C 119 17.82 3.08 3.50
CA PRO C 119 19.24 2.96 3.10
C PRO C 119 19.85 4.32 2.88
N ASP C 120 21.17 4.41 3.05
CA ASP C 120 21.86 5.64 2.68
C ASP C 120 22.07 5.73 1.16
N PHE C 121 22.23 4.58 0.50
CA PHE C 121 22.40 4.55 -0.96
C PHE C 121 22.09 3.16 -1.47
N VAL C 122 21.97 3.08 -2.79
CA VAL C 122 21.83 1.83 -3.52
C VAL C 122 23.16 1.53 -4.18
N PHE C 123 23.61 0.31 -4.05
CA PHE C 123 24.78 -0.19 -4.75
C PHE C 123 24.38 -1.55 -5.32
N GLN C 124 24.32 -1.62 -6.64
CA GLN C 124 23.60 -2.70 -7.31
C GLN C 124 24.44 -3.28 -8.42
N THR C 125 24.19 -4.56 -8.74
CA THR C 125 24.73 -5.22 -9.93
C THR C 125 23.58 -5.38 -10.91
N GLN C 126 23.84 -5.09 -12.17
CA GLN C 126 22.80 -5.23 -13.19
C GLN C 126 23.20 -6.33 -14.17
N ILE C 127 22.45 -7.44 -14.20
CA ILE C 127 22.61 -8.45 -15.24
C ILE C 127 21.23 -8.94 -15.64
N CYS C 128 20.31 -9.12 -14.67
CA CYS C 128 18.87 -9.31 -14.96
C CYS C 128 18.23 -7.94 -15.27
N CYS C 129 17.33 -7.86 -16.28
CA CYS C 129 16.72 -6.54 -16.55
C CYS C 129 16.08 -5.93 -15.33
N SER C 130 15.54 -6.77 -14.44
CA SER C 130 14.80 -6.18 -13.30
C SER C 130 15.73 -5.63 -12.24
N HIS C 131 17.05 -5.89 -12.32
CA HIS C 131 17.99 -5.38 -11.33
C HIS C 131 18.02 -3.87 -11.30
N SER C 132 17.92 -3.22 -12.48
CA SER C 132 17.86 -1.76 -12.52
C SER C 132 16.52 -1.29 -12.03
N LYS C 133 15.45 -1.88 -12.57
CA LYS C 133 14.11 -1.35 -12.26
C LYS C 133 13.80 -1.46 -10.77
N TRP C 134 14.22 -2.55 -10.14
CA TRP C 134 13.99 -2.72 -8.70
C TRP C 134 14.46 -1.50 -7.91
N TYR C 135 15.74 -1.11 -8.08
CA TYR C 135 16.28 -0.06 -7.23
C TYR C 135 16.12 1.35 -7.80
N GLN C 136 15.78 1.48 -9.09
CA GLN C 136 15.30 2.77 -9.58
C GLN C 136 14.06 3.22 -8.81
N HIS C 137 13.11 2.31 -8.58
CA HIS C 137 11.92 2.71 -7.80
C HIS C 137 12.30 3.01 -6.36
N VAL C 138 13.13 2.15 -5.73
CA VAL C 138 13.55 2.36 -4.36
C VAL C 138 14.30 3.68 -4.21
N ALA C 139 15.26 3.98 -5.10
CA ALA C 139 16.06 5.20 -4.92
C ALA C 139 15.19 6.44 -5.06
N LYS C 140 14.17 6.36 -5.91
CA LYS C 140 13.25 7.50 -6.06
C LYS C 140 12.34 7.66 -4.85
N GLU C 141 11.81 6.56 -4.30
CA GLU C 141 10.93 6.65 -3.13
C GLU C 141 11.68 7.04 -1.87
N GLU C 142 12.96 6.67 -1.76
CA GLU C 142 13.76 7.02 -0.60
C GLU C 142 14.57 8.30 -0.80
N LYS C 143 14.69 8.82 -2.04
CA LYS C 143 15.52 9.98 -2.36
C LYS C 143 16.97 9.79 -1.92
N ILE C 144 17.60 8.76 -2.48
CA ILE C 144 18.98 8.41 -2.13
C ILE C 144 19.78 8.19 -3.40
N PRO C 145 21.11 8.35 -3.32
CA PRO C 145 21.95 8.05 -4.50
C PRO C 145 21.96 6.59 -4.82
N GLU C 146 22.30 6.33 -6.10
CA GLU C 146 22.21 4.97 -6.60
C GLU C 146 23.29 4.74 -7.64
N PHE C 147 23.93 3.57 -7.54
CA PHE C 147 24.99 3.16 -8.45
C PHE C 147 24.69 1.74 -8.92
N TYR C 148 24.91 1.51 -10.22
CA TYR C 148 24.72 0.18 -10.82
C TYR C 148 25.99 -0.23 -11.53
N LEU C 149 26.43 -1.45 -11.23
CA LEU C 149 27.53 -2.11 -11.94
C LEU C 149 26.96 -2.97 -13.07
N ASP C 150 27.25 -2.61 -14.34
CA ASP C 150 26.79 -3.38 -15.49
C ASP C 150 27.81 -4.49 -15.70
N VAL C 151 27.45 -5.74 -15.37
CA VAL C 151 28.39 -6.88 -15.53
C VAL C 151 28.12 -7.65 -16.83
N GLY C 152 27.37 -7.07 -17.79
CA GLY C 152 26.92 -7.77 -18.96
C GLY C 152 27.99 -7.79 -20.05
N VAL C 153 29.06 -8.58 -19.82
CA VAL C 153 30.16 -8.64 -20.77
C VAL C 153 30.25 -10.00 -21.43
N GLY C 154 29.22 -10.83 -21.31
CA GLY C 154 29.19 -12.11 -22.00
C GLY C 154 29.88 -13.18 -21.15
N PRO C 155 29.95 -14.40 -21.69
CA PRO C 155 30.46 -15.56 -20.92
C PRO C 155 31.87 -15.35 -20.40
N TYR C 156 32.10 -15.79 -19.16
CA TYR C 156 33.45 -15.75 -18.59
C TYR C 156 34.48 -16.42 -19.51
N ARG C 157 34.11 -17.51 -20.14
CA ARG C 157 35.08 -18.23 -20.93
C ARG C 157 35.46 -17.54 -22.24
N ASP C 158 34.69 -16.52 -22.66
CA ASP C 158 35.00 -15.68 -23.82
C ASP C 158 35.62 -14.35 -23.41
N MET C 159 36.00 -14.19 -22.15
CA MET C 159 36.38 -12.86 -21.67
C MET C 159 37.58 -12.29 -22.42
N THR C 160 37.54 -10.97 -22.63
CA THR C 160 38.64 -10.24 -23.24
C THR C 160 39.15 -9.21 -22.24
N ASP C 161 40.34 -8.66 -22.55
CA ASP C 161 40.89 -7.56 -21.78
C ASP C 161 39.90 -6.39 -21.70
N ALA C 162 39.36 -5.96 -22.86
CA ALA C 162 38.44 -4.83 -22.88
C ALA C 162 37.17 -5.09 -22.07
N ARG C 163 36.61 -6.32 -22.11
CA ARG C 163 35.44 -6.59 -21.27
C ARG C 163 35.78 -6.43 -19.80
N LEU C 164 36.93 -6.98 -19.38
CA LEU C 164 37.33 -6.88 -17.99
C LEU C 164 37.62 -5.41 -17.62
N ASP C 165 38.23 -4.65 -18.54
CA ASP C 165 38.42 -3.21 -18.33
C ASP C 165 37.09 -2.53 -18.03
N TYR C 166 36.04 -2.91 -18.76
CA TYR C 166 34.75 -2.25 -18.59
C TYR C 166 34.24 -2.43 -17.17
N VAL C 167 34.31 -3.65 -16.64
CA VAL C 167 33.81 -3.86 -15.27
C VAL C 167 34.76 -3.22 -14.24
N ALA C 168 36.07 -3.41 -14.41
CA ALA C 168 37.03 -2.84 -13.46
C ALA C 168 36.93 -1.31 -13.38
N ASN C 169 36.80 -0.64 -14.54
CA ASN C 169 36.72 0.81 -14.55
C ASN C 169 35.42 1.27 -13.94
N GLN C 170 34.31 0.54 -14.18
CA GLN C 170 33.08 0.89 -13.45
C GLN C 170 33.25 0.74 -11.93
N LEU C 171 33.95 -0.29 -11.47
CA LEU C 171 34.16 -0.44 -10.02
C LEU C 171 34.92 0.76 -9.48
N HIS C 172 35.84 1.34 -10.25
CA HIS C 172 36.53 2.53 -9.76
C HIS C 172 35.56 3.68 -9.62
N ASP C 173 34.64 3.83 -10.60
CA ASP C 173 33.51 4.79 -10.43
C ASP C 173 32.73 4.51 -9.15
N GLY C 174 32.52 3.23 -8.88
CA GLY C 174 31.76 2.83 -7.71
C GLY C 174 32.42 3.22 -6.41
N ILE C 175 33.77 3.13 -6.35
CA ILE C 175 34.50 3.62 -5.17
C ILE C 175 34.24 5.12 -4.99
N ALA C 176 34.36 5.90 -6.08
CA ALA C 176 34.10 7.33 -5.93
C ALA C 176 32.67 7.59 -5.51
N PHE C 177 31.72 6.78 -6.02
CA PHE C 177 30.30 6.97 -5.69
C PHE C 177 30.08 6.71 -4.23
N VAL C 178 30.66 5.63 -3.67
CA VAL C 178 30.28 5.34 -2.28
C VAL C 178 30.96 6.34 -1.35
N GLU C 179 32.10 6.89 -1.74
CA GLU C 179 32.73 7.95 -0.96
C GLU C 179 31.83 9.18 -0.92
N LYS C 180 31.39 9.60 -2.10
CA LYS C 180 30.48 10.76 -2.18
C LYS C 180 29.21 10.51 -1.38
N ALA C 181 28.62 9.34 -1.57
CA ALA C 181 27.30 9.10 -0.99
C ALA C 181 27.35 8.99 0.52
N SER C 182 28.45 8.48 1.09
CA SER C 182 28.60 8.25 2.53
C SER C 182 29.29 9.43 3.23
N GLY C 183 30.04 10.24 2.49
CA GLY C 183 30.91 11.25 3.07
C GLY C 183 32.14 10.70 3.77
N ARG C 184 32.44 9.43 3.58
CA ARG C 184 33.63 8.81 4.17
C ARG C 184 34.72 8.62 3.13
N LYS C 185 35.95 8.53 3.60
CA LYS C 185 37.10 8.21 2.76
C LYS C 185 37.26 6.69 2.70
N PHE C 186 37.36 6.19 1.49
CA PHE C 186 37.57 4.77 1.22
C PHE C 186 38.95 4.35 1.67
N ASP C 187 39.02 3.19 2.29
CA ASP C 187 40.27 2.69 2.85
C ASP C 187 40.74 1.46 2.10
N ASP C 188 41.89 1.57 1.42
CA ASP C 188 42.35 0.44 0.59
C ASP C 188 42.53 -0.83 1.42
N GLU C 189 43.03 -0.71 2.64
CA GLU C 189 43.30 -1.91 3.45
C GLU C 189 41.99 -2.63 3.79
N LEU C 190 40.96 -1.88 4.24
CA LEU C 190 39.65 -2.52 4.47
C LEU C 190 39.10 -3.13 3.19
N PHE C 191 39.23 -2.41 2.07
CA PHE C 191 38.75 -2.95 0.81
C PHE C 191 39.44 -4.27 0.47
N ILE C 192 40.77 -4.29 0.54
CA ILE C 192 41.48 -5.52 0.16
C ILE C 192 41.11 -6.65 1.10
N LYS C 193 40.98 -6.36 2.39
CA LYS C 193 40.53 -7.39 3.32
C LYS C 193 39.18 -7.97 2.89
N ALA C 194 38.25 -7.08 2.47
CA ALA C 194 36.89 -7.51 2.10
C ALA C 194 36.91 -8.33 0.82
N VAL C 195 37.74 -7.92 -0.15
CA VAL C 195 37.93 -8.73 -1.35
C VAL C 195 38.42 -10.12 -0.98
N LYS C 196 39.43 -10.18 -0.14
CA LYS C 196 40.03 -11.48 0.21
C LYS C 196 39.03 -12.31 1.00
N ASN C 197 38.26 -11.70 1.88
CA ASN C 197 37.24 -12.44 2.60
C ASN C 197 36.13 -12.95 1.66
N GLU C 198 35.73 -12.14 0.66
CA GLU C 198 34.72 -12.62 -0.28
C GLU C 198 35.24 -13.79 -1.10
N MET C 199 36.49 -13.68 -1.57
CA MET C 199 37.13 -14.81 -2.25
C MET C 199 37.13 -16.06 -1.35
N ARG C 200 37.51 -15.91 -0.07
CA ARG C 200 37.49 -17.03 0.86
C ARG C 200 36.09 -17.63 0.99
N SER C 201 35.07 -16.78 1.23
CA SER C 201 33.76 -17.36 1.60
C SER C 201 33.09 -18.03 0.39
N THR C 202 33.18 -17.42 -0.80
CA THR C 202 32.57 -18.01 -1.99
C THR C 202 33.30 -19.27 -2.43
N SER C 203 34.66 -19.27 -2.34
CA SER C 203 35.37 -20.50 -2.63
C SER C 203 35.06 -21.59 -1.62
N ARG C 204 35.03 -21.21 -0.33
CA ARG C 204 34.78 -22.21 0.72
C ARG C 204 33.37 -22.79 0.63
N TRP C 205 32.35 -21.94 0.33
CA TRP C 205 31.02 -22.50 0.12
C TRP C 205 31.03 -23.52 -1.02
N ALA C 206 31.71 -23.23 -2.12
CA ALA C 206 31.84 -24.28 -3.15
C ALA C 206 32.53 -25.52 -2.60
N ASP C 207 33.61 -25.35 -1.83
CA ASP C 207 34.27 -26.54 -1.25
C ASP C 207 33.30 -27.39 -0.44
N ILE C 208 32.45 -26.73 0.35
CA ILE C 208 31.49 -27.47 1.16
C ILE C 208 30.52 -28.24 0.27
N CYS C 209 30.05 -27.60 -0.80
CA CYS C 209 29.09 -28.22 -1.72
C CYS C 209 29.72 -29.45 -2.38
N ALA C 210 31.01 -29.35 -2.67
CA ALA C 210 31.70 -30.47 -3.34
C ALA C 210 31.89 -31.66 -2.41
N LEU C 211 31.83 -31.47 -1.08
CA LEU C 211 31.82 -32.62 -0.17
C LEU C 211 30.52 -33.42 -0.30
N ASN C 212 29.45 -32.83 -0.86
CA ASN C 212 28.18 -33.53 -1.01
C ASN C 212 28.18 -34.53 -2.14
N LYS C 213 29.29 -34.68 -2.84
CA LYS C 213 29.39 -35.67 -3.90
C LYS C 213 29.35 -37.11 -3.41
N VAL C 214 29.70 -37.37 -2.12
CA VAL C 214 29.83 -38.76 -1.65
C VAL C 214 28.44 -39.34 -1.38
N LYS C 215 28.40 -40.69 -1.38
CA LYS C 215 27.25 -41.39 -0.82
C LYS C 215 27.59 -41.89 0.57
N PRO C 216 26.78 -41.65 1.59
CA PRO C 216 25.54 -40.87 1.58
C PRO C 216 25.88 -39.39 1.58
N ALA C 217 24.96 -38.54 1.14
CA ALA C 217 25.24 -37.10 1.14
C ALA C 217 25.29 -36.62 2.58
N PRO C 218 26.31 -35.87 2.99
CA PRO C 218 26.32 -35.38 4.39
C PRO C 218 25.37 -34.23 4.59
N LEU C 219 24.97 -33.54 3.54
CA LEU C 219 24.02 -32.44 3.62
C LEU C 219 22.87 -32.69 2.66
N ASP C 220 21.67 -32.33 3.09
CA ASP C 220 20.49 -32.25 2.23
C ASP C 220 20.23 -30.80 1.85
N GLU C 221 19.51 -30.61 0.76
CA GLU C 221 19.45 -29.24 0.26
C GLU C 221 18.59 -28.35 1.16
N LYS C 222 17.58 -28.88 1.83
CA LYS C 222 16.79 -27.96 2.64
C LYS C 222 17.60 -27.46 3.85
N THR C 223 18.52 -28.30 4.35
CA THR C 223 19.51 -27.86 5.36
C THR C 223 20.49 -26.83 4.79
N MET C 224 21.03 -27.08 3.59
CA MET C 224 21.86 -26.07 3.00
C MET C 224 21.16 -24.73 2.68
N TYR C 225 19.82 -24.66 2.68
CA TYR C 225 19.21 -23.34 2.51
C TYR C 225 19.59 -22.39 3.67
N SER C 226 19.81 -22.91 4.89
CA SER C 226 20.23 -22.02 5.98
C SER C 226 21.72 -21.74 6.01
N LEU C 227 22.49 -22.37 5.13
CA LEU C 227 23.92 -22.23 5.08
C LEU C 227 24.38 -21.46 3.86
N TYR C 228 23.82 -21.76 2.68
CA TYR C 228 24.20 -21.00 1.49
C TYR C 228 23.72 -19.56 1.61
N VAL C 229 22.76 -19.29 2.51
CA VAL C 229 22.21 -17.96 2.54
C VAL C 229 23.25 -16.96 3.10
N LEU C 230 24.21 -17.41 3.91
CA LEU C 230 25.12 -16.45 4.54
C LEU C 230 25.94 -15.66 3.50
N CYS C 231 26.42 -16.31 2.45
CA CYS C 231 27.13 -15.57 1.40
C CYS C 231 26.21 -14.59 0.66
N THR C 232 24.89 -14.79 0.70
CA THR C 232 23.98 -13.86 0.05
C THR C 232 23.67 -12.67 0.93
N LEU C 233 24.08 -12.74 2.20
CA LEU C 233 23.90 -11.61 3.12
C LEU C 233 25.13 -10.71 3.11
N SER C 234 26.32 -11.26 3.40
CA SER C 234 27.54 -10.44 3.34
C SER C 234 28.75 -11.34 3.04
N LYS C 235 28.93 -11.71 1.78
CA LYS C 235 30.03 -12.64 1.45
C LYS C 235 31.41 -12.00 1.71
N SER C 236 31.51 -10.66 1.64
CA SER C 236 32.81 -10.02 1.92
C SER C 236 33.13 -9.81 3.40
N SER C 237 32.29 -10.23 4.34
CA SER C 237 32.63 -10.00 5.73
C SER C 237 33.51 -11.08 6.32
N GLN C 238 34.26 -10.69 7.36
CA GLN C 238 35.07 -11.67 8.08
C GLN C 238 34.19 -12.76 8.67
N TRP C 239 33.01 -12.39 9.21
CA TRP C 239 32.18 -13.38 9.87
C TRP C 239 31.70 -14.45 8.91
N CYS C 240 31.41 -14.07 7.67
CA CYS C 240 30.92 -15.03 6.69
C CYS C 240 32.03 -15.99 6.30
N ALA C 241 33.19 -15.43 5.95
CA ALA C 241 34.35 -16.25 5.61
C ALA C 241 34.78 -17.17 6.78
N ASP C 242 34.85 -16.65 8.00
CA ASP C 242 35.26 -17.49 9.12
C ASP C 242 34.21 -18.58 9.37
N PHE C 243 32.94 -18.26 9.22
CA PHE C 243 31.94 -19.30 9.41
C PHE C 243 32.03 -20.40 8.35
N MET C 244 32.21 -20.03 7.06
CA MET C 244 32.40 -21.04 6.03
C MET C 244 33.56 -21.97 6.39
N ASP C 245 34.70 -21.44 6.89
CA ASP C 245 35.79 -22.34 7.32
C ASP C 245 35.34 -23.31 8.42
N GLU C 246 34.61 -22.81 9.43
CA GLU C 246 34.15 -23.64 10.54
C GLU C 246 33.24 -24.76 10.02
N LEU C 247 32.33 -24.39 9.11
CA LEU C 247 31.32 -25.30 8.57
C LEU C 247 31.97 -26.38 7.72
N TYR C 248 32.95 -25.99 6.90
CA TYR C 248 33.72 -26.96 6.14
C TYR C 248 34.32 -28.02 7.08
N GLU C 249 34.90 -27.59 8.21
CA GLU C 249 35.46 -28.60 9.13
C GLU C 249 34.39 -29.56 9.63
N GLU C 250 33.19 -29.05 9.91
CA GLU C 250 32.13 -29.93 10.40
C GLU C 250 31.70 -30.88 9.30
N VAL C 251 31.58 -30.38 8.07
CA VAL C 251 31.09 -31.24 6.99
C VAL C 251 32.14 -32.26 6.61
N LYS C 252 33.43 -31.88 6.61
CA LYS C 252 34.51 -32.86 6.43
C LYS C 252 34.36 -34.00 7.43
N ASP C 253 34.03 -33.66 8.69
CA ASP C 253 33.92 -34.69 9.72
C ASP C 253 32.74 -35.63 9.48
N ARG C 254 31.59 -35.06 9.08
CA ARG C 254 30.47 -35.88 8.65
C ARG C 254 30.90 -36.86 7.57
N VAL C 255 31.63 -36.40 6.57
CA VAL C 255 32.05 -37.33 5.52
C VAL C 255 33.01 -38.37 6.11
N ALA C 256 33.95 -37.93 6.94
CA ALA C 256 34.87 -38.89 7.58
C ALA C 256 34.12 -39.97 8.34
N ARG C 257 32.97 -39.67 8.90
CA ARG C 257 32.27 -40.59 9.77
C ARG C 257 31.15 -41.35 9.05
N GLY C 258 30.95 -41.08 7.75
CA GLY C 258 29.93 -41.74 6.95
C GLY C 258 28.54 -41.29 7.29
N ILE C 259 28.41 -40.05 7.76
CA ILE C 259 27.16 -39.53 8.28
C ILE C 259 26.29 -39.05 7.13
N ALA C 260 25.01 -39.42 7.15
CA ALA C 260 24.06 -39.03 6.12
C ALA C 260 23.08 -38.01 6.67
N ALA C 261 22.81 -36.99 5.86
CA ALA C 261 21.70 -36.09 6.11
C ALA C 261 20.38 -36.86 6.17
N VAL C 262 20.23 -37.84 5.30
CA VAL C 262 18.98 -38.61 5.25
C VAL C 262 19.30 -40.09 5.49
N PRO C 263 18.94 -40.64 6.65
CA PRO C 263 19.47 -41.96 7.04
C PRO C 263 19.09 -43.09 6.08
N ASN C 264 17.96 -42.98 5.38
CA ASN C 264 17.54 -44.04 4.46
C ASN C 264 17.78 -43.67 3.00
N GLU C 265 18.77 -42.83 2.73
CA GLU C 265 19.05 -42.39 1.35
C GLU C 265 19.13 -43.57 0.39
N ALA C 266 18.31 -43.50 -0.66
CA ALA C 266 18.30 -44.50 -1.73
C ALA C 266 18.32 -43.82 -3.10
N ILE C 267 17.80 -42.59 -3.16
CA ILE C 267 17.74 -41.82 -4.40
C ILE C 267 18.31 -40.43 -4.13
N ARG C 268 19.08 -39.93 -5.08
CA ARG C 268 19.70 -38.62 -4.98
C ARG C 268 19.13 -37.74 -6.07
N LEU C 269 18.58 -36.59 -5.69
CA LEU C 269 17.94 -35.67 -6.61
C LEU C 269 18.75 -34.39 -6.71
N MET C 270 18.61 -33.74 -7.86
CA MET C 270 19.11 -32.40 -8.08
C MET C 270 17.91 -31.53 -8.43
N THR C 271 17.87 -30.34 -7.87
CA THR C 271 16.89 -29.35 -8.27
C THR C 271 17.57 -28.25 -9.06
N ASP C 272 16.85 -27.15 -9.27
CA ASP C 272 17.44 -26.05 -9.99
C ASP C 272 17.15 -24.78 -9.20
N THR C 273 16.38 -23.87 -9.78
CA THR C 273 16.27 -22.58 -9.14
C THR C 273 15.48 -22.66 -7.82
N GLN C 274 15.49 -21.57 -7.13
CA GLN C 274 14.79 -21.30 -5.89
C GLN C 274 13.36 -21.84 -5.81
N PRO C 275 13.05 -22.75 -4.89
CA PRO C 275 11.72 -23.33 -4.82
C PRO C 275 10.78 -22.43 -4.01
N PRO C 276 9.46 -22.61 -4.12
CA PRO C 276 8.56 -21.93 -3.18
C PRO C 276 8.70 -22.58 -1.81
N TRP C 277 8.44 -21.80 -0.76
CA TRP C 277 8.61 -22.28 0.62
C TRP C 277 7.78 -23.54 0.90
N SER C 278 6.57 -23.60 0.35
CA SER C 278 5.67 -24.75 0.42
C SER C 278 6.22 -26.01 -0.20
N PHE C 279 7.28 -25.91 -0.98
CA PHE C 279 7.94 -27.10 -1.44
C PHE C 279 8.77 -27.74 -0.33
N LEU C 280 9.11 -27.00 0.73
CA LEU C 280 10.03 -27.54 1.73
C LEU C 280 9.44 -28.77 2.39
N LYS C 281 8.13 -28.76 2.59
CA LYS C 281 7.43 -29.92 3.08
C LYS C 281 7.48 -31.08 2.08
N ILE C 282 7.51 -30.78 0.77
CA ILE C 282 7.64 -31.84 -0.23
C ILE C 282 9.01 -32.50 -0.11
N PHE C 283 10.06 -31.72 0.19
CA PHE C 283 11.38 -32.28 0.48
C PHE C 283 11.30 -33.27 1.64
N ARG C 284 10.75 -32.82 2.78
CA ARG C 284 10.56 -33.71 3.92
C ARG C 284 9.75 -34.93 3.52
N TYR C 285 8.74 -34.74 2.69
CA TYR C 285 7.98 -35.89 2.22
C TYR C 285 8.85 -36.79 1.35
N LEU C 286 9.70 -36.22 0.51
CA LEU C 286 10.53 -37.04 -0.36
C LEU C 286 11.45 -37.93 0.48
N GLU C 287 11.96 -37.39 1.59
CA GLU C 287 12.78 -38.16 2.51
C GLU C 287 12.11 -39.47 2.97
N THR C 288 10.78 -39.56 2.94
CA THR C 288 10.17 -40.84 3.33
C THR C 288 10.35 -41.90 2.25
N TYR C 289 10.61 -41.50 1.01
CA TYR C 289 10.96 -42.37 -0.11
C TYR C 289 12.44 -42.73 -0.12
N GLY C 290 13.24 -42.25 0.84
CA GLY C 290 14.68 -42.36 0.77
C GLY C 290 15.34 -41.39 -0.19
N ALA C 291 14.63 -40.36 -0.61
CA ALA C 291 15.09 -39.43 -1.63
C ALA C 291 15.67 -38.18 -0.96
N VAL C 292 16.94 -37.90 -1.22
CA VAL C 292 17.59 -36.67 -0.76
C VAL C 292 17.93 -35.80 -1.96
N SER C 293 17.68 -34.49 -1.84
CA SER C 293 18.26 -33.56 -2.81
C SER C 293 19.65 -33.14 -2.39
N ILE C 294 20.64 -33.37 -3.27
CA ILE C 294 22.03 -33.05 -2.91
C ILE C 294 22.40 -31.62 -3.23
N GLY C 295 21.51 -30.86 -3.83
CA GLY C 295 21.84 -29.50 -4.20
C GLY C 295 21.33 -29.19 -5.60
N SER C 296 21.88 -28.10 -6.13
CA SER C 296 21.45 -27.50 -7.39
C SER C 296 22.47 -26.48 -7.78
N LEU C 297 22.45 -26.08 -9.05
CA LEU C 297 23.36 -25.04 -9.47
C LEU C 297 23.05 -23.76 -8.72
N TYR C 298 21.78 -23.54 -8.36
CA TYR C 298 21.39 -22.38 -7.58
C TYR C 298 22.06 -22.38 -6.22
N THR C 299 21.84 -23.45 -5.43
CA THR C 299 22.47 -23.57 -4.13
C THR C 299 24.00 -23.53 -4.25
N PHE C 300 24.57 -24.18 -5.26
CA PHE C 300 26.03 -24.31 -5.33
C PHE C 300 26.68 -23.00 -5.77
N ALA C 301 25.99 -22.25 -6.66
CA ALA C 301 26.72 -21.20 -7.37
C ALA C 301 25.96 -19.88 -7.46
N LEU C 302 24.91 -19.69 -6.69
CA LEU C 302 24.37 -18.34 -6.59
C LEU C 302 25.45 -17.40 -6.09
N GLU C 303 26.21 -17.88 -5.11
CA GLU C 303 27.42 -17.19 -4.65
C GLU C 303 28.68 -18.07 -4.70
N GLY C 304 28.57 -19.39 -4.66
CA GLY C 304 29.78 -20.23 -4.71
C GLY C 304 30.56 -19.99 -6.00
N ILE C 305 31.89 -19.92 -5.89
CA ILE C 305 32.76 -19.61 -7.04
C ILE C 305 33.67 -20.80 -7.24
N TRP C 306 33.76 -21.29 -8.49
CA TRP C 306 34.20 -22.66 -8.77
C TRP C 306 35.32 -22.64 -9.79
N GLU C 307 36.05 -23.77 -9.88
CA GLU C 307 37.08 -23.95 -10.91
C GLU C 307 37.19 -25.44 -11.19
N ASP C 308 37.85 -25.75 -12.31
CA ASP C 308 38.19 -27.13 -12.61
C ASP C 308 39.42 -27.53 -11.82
N LYS C 309 39.33 -28.64 -11.13
CA LYS C 309 40.41 -29.15 -10.29
C LYS C 309 41.33 -30.06 -11.10
N PRO C 310 42.47 -30.48 -10.53
CA PRO C 310 43.45 -31.22 -11.34
C PRO C 310 42.97 -32.60 -11.83
N ASP C 311 41.94 -33.16 -11.19
CA ASP C 311 41.32 -34.40 -11.65
C ASP C 311 40.14 -34.16 -12.56
N GLY C 312 39.92 -32.90 -12.95
CA GLY C 312 38.83 -32.57 -13.83
C GLY C 312 37.52 -32.31 -13.12
N SER C 313 37.49 -32.46 -11.79
CA SER C 313 36.24 -32.26 -11.05
C SER C 313 35.99 -30.80 -10.77
N TRP C 314 34.76 -30.50 -10.32
CA TRP C 314 34.39 -29.15 -10.00
C TRP C 314 34.65 -28.91 -8.53
N GLY C 315 35.36 -27.82 -8.19
CA GLY C 315 35.63 -27.52 -6.80
C GLY C 315 35.80 -26.03 -6.57
N GLY C 316 36.01 -25.63 -5.32
CA GLY C 316 36.13 -24.19 -5.05
C GLY C 316 37.34 -23.57 -5.76
N ARG C 317 37.15 -22.34 -6.24
CA ARG C 317 38.19 -21.63 -7.01
C ARG C 317 39.37 -21.34 -6.12
N THR C 318 40.60 -21.59 -6.64
CA THR C 318 41.83 -21.37 -5.85
C THR C 318 42.01 -19.88 -5.52
N LEU C 319 42.31 -19.60 -4.26
CA LEU C 319 42.48 -18.21 -3.83
C LEU C 319 43.77 -17.65 -4.45
N PRO C 320 43.79 -16.37 -4.87
CA PRO C 320 44.97 -15.88 -5.65
C PRO C 320 46.28 -16.01 -4.90
N TRP C 321 46.27 -15.71 -3.61
CA TRP C 321 47.48 -15.82 -2.81
C TRP C 321 47.97 -17.26 -2.65
N ASP C 322 47.13 -18.26 -2.94
CA ASP C 322 47.56 -19.65 -3.00
C ASP C 322 48.17 -20.05 -4.35
N LYS C 323 48.18 -19.15 -5.33
CA LYS C 323 48.79 -19.35 -6.65
C LYS C 323 49.86 -18.31 -6.90
N GLY C 324 50.40 -17.69 -5.85
CA GLY C 324 51.45 -16.71 -6.03
C GLY C 324 51.04 -15.38 -6.62
N ILE C 325 49.76 -14.99 -6.51
CA ILE C 325 49.26 -13.72 -7.03
C ILE C 325 49.11 -12.79 -5.84
N GLU C 326 49.81 -11.66 -5.86
CA GLU C 326 49.71 -10.70 -4.78
C GLU C 326 48.49 -9.81 -4.97
N ILE C 327 47.94 -9.35 -3.85
CA ILE C 327 46.83 -8.40 -3.86
C ILE C 327 47.26 -7.28 -2.92
N ASN C 328 48.02 -6.34 -3.43
CA ASN C 328 48.63 -5.36 -2.55
C ASN C 328 48.28 -3.94 -2.83
N ASP C 329 47.40 -3.65 -3.79
CA ASP C 329 47.01 -2.26 -4.00
C ASP C 329 45.60 -2.26 -4.59
N ARG C 330 44.99 -1.07 -4.58
CA ARG C 330 43.60 -0.94 -5.02
C ARG C 330 43.38 -1.42 -6.45
N ASP C 331 44.23 -0.98 -7.38
CA ASP C 331 44.01 -1.31 -8.80
C ASP C 331 44.06 -2.81 -9.04
N THR C 332 45.05 -3.49 -8.45
CA THR C 332 45.14 -4.94 -8.58
C THR C 332 43.93 -5.64 -7.96
N ALA C 333 43.53 -5.21 -6.75
CA ALA C 333 42.38 -5.80 -6.09
C ALA C 333 41.10 -5.61 -6.89
N VAL C 334 40.90 -4.42 -7.47
CA VAL C 334 39.66 -4.16 -8.22
C VAL C 334 39.59 -5.10 -9.42
N ARG C 335 40.68 -5.21 -10.19
CA ARG C 335 40.66 -6.08 -11.36
C ARG C 335 40.45 -7.54 -10.97
N LEU C 336 41.14 -8.00 -9.91
CA LEU C 336 40.97 -9.39 -9.48
C LEU C 336 39.55 -9.66 -8.97
N TYR C 337 38.96 -8.67 -8.28
CA TYR C 337 37.61 -8.77 -7.74
C TYR C 337 36.57 -8.85 -8.87
N ALA C 338 36.72 -8.00 -9.88
CA ALA C 338 35.90 -8.08 -11.10
C ALA C 338 36.00 -9.44 -11.75
N ASP C 339 37.25 -9.92 -11.95
CA ASP C 339 37.41 -11.24 -12.56
C ASP C 339 36.78 -12.34 -11.73
N TRP C 340 36.95 -12.31 -10.40
CA TRP C 340 36.36 -13.33 -9.53
C TRP C 340 34.86 -13.37 -9.69
N ASN C 341 34.21 -12.18 -9.64
CA ASN C 341 32.76 -12.18 -9.77
C ASN C 341 32.30 -12.56 -11.17
N LEU C 342 33.06 -12.23 -12.19
CA LEU C 342 32.62 -12.54 -13.55
C LEU C 342 32.63 -14.04 -13.83
N SER C 343 33.36 -14.81 -13.03
CA SER C 343 33.38 -16.25 -13.19
C SER C 343 32.16 -16.95 -12.56
N LYS C 344 31.27 -16.21 -11.90
CA LYS C 344 30.09 -16.78 -11.25
C LYS C 344 29.33 -17.74 -12.18
N PRO C 345 29.17 -19.02 -11.82
CA PRO C 345 28.47 -19.93 -12.72
C PRO C 345 27.05 -19.48 -12.98
N GLN C 346 26.38 -18.84 -11.99
CA GLN C 346 24.96 -18.47 -12.17
C GLN C 346 24.79 -17.18 -12.94
N TRP C 347 25.87 -16.61 -13.52
CA TRP C 347 25.70 -15.52 -14.49
C TRP C 347 25.76 -16.00 -15.94
N GLN C 348 26.23 -17.24 -16.19
CA GLN C 348 26.58 -17.62 -17.56
C GLN C 348 25.35 -17.83 -18.41
N HIS C 349 24.25 -18.31 -17.82
CA HIS C 349 23.11 -18.67 -18.66
C HIS C 349 22.36 -17.40 -19.12
N PHE C 350 22.71 -16.24 -18.57
CA PHE C 350 22.12 -15.02 -19.11
C PHE C 350 22.56 -14.79 -20.54
N TYR C 351 23.65 -15.41 -20.97
CA TYR C 351 24.16 -15.28 -22.33
C TYR C 351 23.97 -16.53 -23.17
N ASP C 352 24.15 -17.70 -22.59
CA ASP C 352 24.15 -18.95 -23.34
C ASP C 352 23.58 -20.08 -22.48
N PRO C 353 22.36 -20.56 -22.77
CA PRO C 353 21.76 -21.60 -21.90
C PRO C 353 22.56 -22.87 -21.91
N THR C 354 23.27 -23.16 -23.00
CA THR C 354 24.04 -24.41 -23.04
C THR C 354 25.16 -24.43 -22.01
N ILE C 355 25.69 -23.25 -21.63
CA ILE C 355 26.67 -23.29 -20.55
C ILE C 355 26.03 -23.88 -19.28
N LYS C 356 24.81 -23.45 -18.97
CA LYS C 356 24.12 -24.01 -17.82
C LYS C 356 23.72 -25.47 -18.03
N SER C 357 23.31 -25.83 -19.24
CA SER C 357 22.99 -27.23 -19.50
C SER C 357 24.21 -28.08 -19.19
N ASP C 358 25.38 -27.64 -19.67
CA ASP C 358 26.60 -28.42 -19.41
C ASP C 358 26.91 -28.46 -17.92
N MET C 359 26.74 -27.33 -17.22
CA MET C 359 26.98 -27.35 -15.79
C MET C 359 26.04 -28.32 -15.07
N MET C 360 24.75 -28.32 -15.44
CA MET C 360 23.80 -29.25 -14.82
C MET C 360 24.17 -30.70 -15.08
N LEU C 361 24.56 -31.04 -16.31
CA LEU C 361 24.94 -32.41 -16.65
C LEU C 361 26.20 -32.82 -15.87
N ARG C 362 27.12 -31.86 -15.66
CA ARG C 362 28.31 -32.11 -14.86
C ARG C 362 27.94 -32.33 -13.39
N ILE C 363 26.99 -31.56 -12.87
CA ILE C 363 26.62 -31.81 -11.48
C ILE C 363 25.98 -33.19 -11.35
N ILE C 364 25.09 -33.56 -12.28
CA ILE C 364 24.47 -34.88 -12.24
C ILE C 364 25.54 -35.97 -12.18
N LYS C 365 26.61 -35.80 -12.96
CA LYS C 365 27.68 -36.79 -13.03
C LYS C 365 28.45 -36.84 -11.72
N GLU C 366 29.03 -35.70 -11.32
CA GLU C 366 29.95 -35.72 -10.20
C GLU C 366 29.24 -35.94 -8.88
N TRP C 367 28.01 -35.42 -8.75
CA TRP C 367 27.25 -35.62 -7.53
C TRP C 367 26.41 -36.89 -7.54
N GLN C 368 26.53 -37.73 -8.57
CA GLN C 368 25.92 -39.05 -8.62
C GLN C 368 24.41 -38.96 -8.46
N VAL C 369 23.80 -38.14 -9.32
CA VAL C 369 22.39 -37.81 -9.26
C VAL C 369 21.59 -38.82 -10.07
N ASP C 370 20.48 -39.29 -9.47
CA ASP C 370 19.55 -40.24 -10.07
C ASP C 370 18.38 -39.58 -10.80
N GLY C 371 17.99 -38.37 -10.42
CA GLY C 371 16.87 -37.71 -11.06
C GLY C 371 16.85 -36.23 -10.76
N VAL C 372 16.22 -35.46 -11.65
CA VAL C 372 16.24 -34.00 -11.53
C VAL C 372 14.80 -33.50 -11.47
N MET C 373 14.53 -32.53 -10.57
CA MET C 373 13.24 -31.88 -10.43
C MET C 373 13.50 -30.41 -10.78
N LEU C 374 12.94 -29.92 -11.90
CA LEU C 374 13.17 -28.56 -12.37
C LEU C 374 11.97 -27.69 -12.03
N HIS C 375 12.20 -26.62 -11.29
CA HIS C 375 11.17 -25.63 -11.00
C HIS C 375 11.10 -24.67 -12.17
N LEU C 376 9.95 -24.62 -12.87
CA LEU C 376 9.70 -23.62 -13.91
C LEU C 376 9.15 -22.42 -13.14
N ASN C 377 10.04 -21.48 -12.82
CA ASN C 377 9.75 -20.49 -11.76
C ASN C 377 9.23 -19.21 -12.43
N ARG C 378 7.90 -19.06 -12.40
CA ARG C 378 7.25 -17.91 -13.00
C ARG C 378 7.56 -16.63 -12.25
N GLY C 379 8.16 -16.71 -11.05
CA GLY C 379 8.42 -15.50 -10.32
C GLY C 379 9.74 -14.87 -10.52
N CYS C 380 10.59 -15.40 -11.45
CA CYS C 380 11.97 -14.95 -11.59
C CYS C 380 12.40 -15.12 -13.06
N GLU C 381 12.33 -14.04 -13.86
CA GLU C 381 12.80 -14.15 -15.26
C GLU C 381 14.31 -14.44 -15.30
N GLY C 382 15.08 -13.85 -14.40
CA GLY C 382 16.55 -13.90 -14.56
C GLY C 382 17.12 -15.29 -14.43
N LEU C 383 16.63 -16.07 -13.46
CA LEU C 383 17.15 -17.42 -13.26
C LEU C 383 16.39 -18.46 -14.07
N SER C 384 15.25 -18.06 -14.65
CA SER C 384 14.44 -18.99 -15.46
C SER C 384 14.72 -18.93 -16.96
N VAL C 385 15.43 -17.91 -17.47
CA VAL C 385 15.71 -17.86 -18.92
C VAL C 385 16.52 -19.08 -19.29
N GLY C 386 16.16 -19.70 -20.41
CA GLY C 386 16.89 -20.88 -20.84
C GLY C 386 16.39 -22.18 -20.24
N ILE C 387 15.44 -22.14 -19.30
CA ILE C 387 15.16 -23.33 -18.51
C ILE C 387 14.68 -24.52 -19.38
N MET C 388 13.88 -24.27 -20.42
CA MET C 388 13.39 -25.38 -21.26
C MET C 388 14.50 -25.99 -22.12
N GLU C 389 15.48 -25.18 -22.51
CA GLU C 389 16.61 -25.76 -23.19
C GLU C 389 17.44 -26.60 -22.21
N ASN C 390 17.52 -26.18 -20.95
CA ASN C 390 18.20 -27.03 -19.96
C ASN C 390 17.46 -28.33 -19.79
N ARG C 391 16.11 -28.28 -19.70
CA ARG C 391 15.31 -29.49 -19.60
C ARG C 391 15.59 -30.42 -20.77
N LEU C 392 15.55 -29.89 -22.00
CA LEU C 392 15.80 -30.69 -23.19
C LEU C 392 17.18 -31.39 -23.14
N ALA C 393 18.21 -30.66 -22.70
CA ALA C 393 19.57 -31.21 -22.64
C ALA C 393 19.66 -32.32 -21.59
N ILE C 394 19.02 -32.14 -20.46
CA ILE C 394 19.02 -33.21 -19.47
C ILE C 394 18.22 -34.43 -19.95
N ALA C 395 17.04 -34.21 -20.55
CA ALA C 395 16.25 -35.33 -21.06
C ALA C 395 17.05 -36.14 -22.08
N LYS C 396 17.71 -35.44 -23.02
CA LYS C 396 18.51 -36.10 -24.07
C LYS C 396 19.60 -36.97 -23.45
N SER C 397 20.15 -36.57 -22.31
CA SER C 397 21.25 -37.32 -21.72
C SER C 397 20.80 -38.63 -21.11
N GLY C 398 19.49 -38.83 -20.92
CA GLY C 398 18.98 -40.06 -20.30
C GLY C 398 18.74 -39.98 -18.80
N THR C 399 19.16 -38.93 -18.15
CA THR C 399 18.82 -38.75 -16.74
C THR C 399 17.34 -38.40 -16.58
N PRO C 400 16.61 -39.11 -15.71
CA PRO C 400 15.19 -38.79 -15.52
C PRO C 400 15.01 -37.35 -15.05
N VAL C 401 14.02 -36.68 -15.61
CA VAL C 401 13.82 -35.26 -15.30
C VAL C 401 12.33 -34.97 -15.36
N MET C 402 11.84 -34.32 -14.31
CA MET C 402 10.50 -33.79 -14.18
C MET C 402 10.52 -32.27 -14.03
N THR C 403 9.41 -31.65 -14.42
CA THR C 403 9.19 -30.23 -14.21
C THR C 403 7.95 -30.03 -13.35
N PHE C 404 7.93 -28.91 -12.65
CA PHE C 404 6.73 -28.41 -12.00
C PHE C 404 6.74 -26.89 -12.08
N GLU C 405 5.58 -26.29 -12.30
CA GLU C 405 5.49 -24.84 -12.35
C GLU C 405 5.29 -24.29 -10.94
N GLY C 406 5.91 -23.15 -10.67
CA GLY C 406 5.71 -22.50 -9.40
C GLY C 406 6.12 -21.05 -9.45
N ASN C 407 6.24 -20.46 -8.28
CA ASN C 407 6.73 -19.08 -8.16
C ASN C 407 7.39 -18.97 -6.80
N MET C 408 8.70 -18.66 -6.75
CA MET C 408 9.38 -18.76 -5.45
C MET C 408 8.82 -17.77 -4.44
N GLY C 409 8.23 -16.67 -4.90
CA GLY C 409 7.85 -15.64 -3.94
C GLY C 409 6.35 -15.44 -3.78
N ASP C 410 5.60 -15.95 -4.74
CA ASP C 410 4.14 -15.72 -4.81
C ASP C 410 3.41 -17.05 -4.94
N GLU C 411 2.97 -17.57 -3.78
CA GLU C 411 2.26 -18.85 -3.67
C GLU C 411 1.04 -18.96 -4.58
N ARG C 412 0.48 -17.83 -5.04
CA ARG C 412 -0.70 -17.89 -5.91
C ARG C 412 -0.41 -18.61 -7.20
N GLU C 413 0.85 -18.67 -7.61
CA GLU C 413 1.22 -19.40 -8.82
C GLU C 413 1.90 -20.73 -8.53
N PHE C 414 1.69 -21.30 -7.35
CA PHE C 414 2.20 -22.63 -7.00
C PHE C 414 1.04 -23.49 -6.52
N ASP C 415 0.80 -24.61 -7.20
CA ASP C 415 -0.22 -25.58 -6.84
C ASP C 415 0.49 -26.73 -6.16
N GLU C 416 0.52 -26.72 -4.81
CA GLU C 416 1.31 -27.75 -4.13
C GLU C 416 0.67 -29.12 -4.22
N VAL C 417 -0.66 -29.23 -4.23
CA VAL C 417 -1.23 -30.58 -4.35
C VAL C 417 -0.91 -31.19 -5.71
N ARG C 418 -1.00 -30.41 -6.79
CA ARG C 418 -0.64 -30.95 -8.09
C ARG C 418 0.85 -31.26 -8.17
N THR C 419 1.68 -30.42 -7.54
CA THR C 419 3.13 -30.66 -7.56
C THR C 419 3.47 -31.91 -6.78
N GLN C 420 2.91 -32.06 -5.57
CA GLN C 420 3.18 -33.25 -4.76
C GLN C 420 2.72 -34.50 -5.48
N ALA C 421 1.64 -34.41 -6.28
CA ALA C 421 1.23 -35.55 -7.08
C ALA C 421 2.26 -35.86 -8.15
N ARG C 422 2.76 -34.83 -8.84
CA ARG C 422 3.76 -35.02 -9.89
C ARG C 422 5.06 -35.61 -9.32
N VAL C 423 5.44 -35.20 -8.10
CA VAL C 423 6.58 -35.79 -7.40
C VAL C 423 6.35 -37.27 -7.10
N ASP C 424 5.12 -37.65 -6.68
CA ASP C 424 4.83 -39.07 -6.49
C ASP C 424 5.03 -39.86 -7.76
N ALA C 425 4.44 -39.40 -8.85
CA ALA C 425 4.62 -40.05 -10.15
C ALA C 425 6.09 -40.22 -10.47
N PHE C 426 6.88 -39.16 -10.27
CA PHE C 426 8.31 -39.21 -10.54
C PHE C 426 9.00 -40.25 -9.68
N MET C 427 8.65 -40.31 -8.38
CA MET C 427 9.32 -41.23 -7.48
C MET C 427 9.09 -42.65 -7.92
N GLU C 428 7.84 -42.98 -8.26
CA GLU C 428 7.54 -44.31 -8.79
C GLU C 428 8.32 -44.58 -10.06
N GLN C 429 8.51 -43.57 -10.91
CA GLN C 429 9.28 -43.77 -12.13
C GLN C 429 10.75 -44.06 -11.82
N LEU C 430 11.27 -43.59 -10.68
CA LEU C 430 12.64 -43.86 -10.26
C LEU C 430 12.79 -45.22 -9.55
N GLY C 431 11.78 -46.08 -9.61
CA GLY C 431 11.90 -47.39 -8.98
C GLY C 431 11.88 -47.39 -7.46
N VAL C 432 11.06 -46.52 -6.86
CA VAL C 432 10.99 -46.38 -5.41
C VAL C 432 9.54 -46.15 -4.98
N ARG C 433 9.21 -46.59 -3.77
CA ARG C 433 7.87 -46.45 -3.19
C ARG C 433 7.98 -45.86 -1.78
N ARG C 434 6.93 -45.18 -1.34
CA ARG C 434 6.93 -44.61 0.01
C ARG C 434 6.49 -45.67 1.03
N SER D 2 -7.64 5.04 -52.75
CA SER D 2 -6.60 5.98 -52.33
C SER D 2 -5.46 6.03 -53.33
N ASP D 3 -4.36 6.72 -52.97
CA ASP D 3 -3.34 7.04 -53.95
C ASP D 3 -2.21 6.02 -53.99
N GLY D 4 -2.09 5.14 -53.00
CA GLY D 4 -1.14 4.07 -53.11
C GLY D 4 0.31 4.47 -53.00
N LEU D 5 0.60 5.66 -52.46
CA LEU D 5 1.98 6.13 -52.40
C LEU D 5 2.87 5.17 -51.58
N PHE D 6 2.32 4.59 -50.51
CA PHE D 6 3.07 3.68 -49.63
C PHE D 6 2.95 2.22 -50.02
N ASP D 7 2.40 1.91 -51.20
CA ASP D 7 2.14 0.52 -51.57
C ASP D 7 3.42 -0.31 -51.66
N GLN D 8 4.54 0.27 -52.11
CA GLN D 8 5.79 -0.50 -52.16
C GLN D 8 6.20 -0.98 -50.78
N PHE D 9 6.04 -0.12 -49.76
CA PHE D 9 6.37 -0.54 -48.40
C PHE D 9 5.44 -1.64 -47.89
N LYS D 10 4.15 -1.58 -48.25
CA LYS D 10 3.21 -2.63 -47.86
C LYS D 10 3.59 -3.96 -48.52
N THR D 11 3.89 -3.91 -49.83
CA THR D 11 4.39 -5.09 -50.55
C THR D 11 5.65 -5.65 -49.89
N TRP D 12 6.63 -4.79 -49.58
CA TRP D 12 7.85 -5.28 -48.95
C TRP D 12 7.54 -5.97 -47.61
N TYR D 13 6.59 -5.42 -46.85
CA TYR D 13 6.24 -6.01 -45.56
C TYR D 13 5.53 -7.34 -45.77
N GLU D 14 4.53 -7.38 -46.66
CA GLU D 14 3.80 -8.61 -46.87
C GLU D 14 4.67 -9.69 -47.53
N LYS D 15 5.62 -9.28 -48.38
CA LYS D 15 6.43 -10.22 -49.17
C LYS D 15 7.90 -10.19 -48.74
N ARG D 16 8.15 -9.98 -47.45
CA ARG D 16 9.52 -9.80 -46.96
C ARG D 16 10.39 -11.02 -47.27
N HIS D 17 9.82 -12.22 -47.22
CA HIS D 17 10.65 -13.41 -47.42
C HIS D 17 10.98 -13.60 -48.89
N ASP D 18 10.00 -13.34 -49.76
CA ASP D 18 10.27 -13.32 -51.20
C ASP D 18 11.28 -12.25 -51.58
N TYR D 19 11.21 -11.09 -50.93
CA TYR D 19 12.22 -10.06 -51.22
C TYR D 19 13.63 -10.57 -50.93
N ALA D 20 13.79 -11.27 -49.80
CA ALA D 20 15.10 -11.71 -49.35
C ALA D 20 15.68 -12.77 -50.27
N ARG D 21 14.87 -13.76 -50.66
CA ARG D 21 15.36 -14.77 -51.55
C ARG D 21 15.77 -14.14 -52.89
N ASP D 22 14.98 -13.19 -53.38
CA ASP D 22 15.30 -12.54 -54.66
C ASP D 22 16.55 -11.70 -54.52
N TRP D 23 16.70 -11.03 -53.38
CA TRP D 23 17.92 -10.27 -53.10
C TRP D 23 19.14 -11.18 -53.18
N LYS D 24 19.01 -12.43 -52.73
CA LYS D 24 20.16 -13.33 -52.81
C LYS D 24 20.51 -13.66 -54.25
N VAL D 25 19.51 -13.91 -55.08
CA VAL D 25 19.85 -14.24 -56.45
C VAL D 25 20.45 -13.04 -57.15
N ARG D 26 19.98 -11.83 -56.83
CA ARG D 26 20.42 -10.63 -57.54
C ARG D 26 21.86 -10.28 -57.17
N THR D 27 22.21 -10.47 -55.91
CA THR D 27 23.46 -9.97 -55.36
C THR D 27 24.48 -11.06 -55.14
N GLY D 28 24.06 -12.30 -55.02
CA GLY D 28 24.92 -13.35 -54.51
C GLY D 28 25.33 -13.23 -53.08
N GLY D 29 24.67 -12.36 -52.28
CA GLY D 29 25.06 -12.18 -50.90
C GLY D 29 24.36 -13.14 -49.92
N GLN D 30 24.84 -13.09 -48.70
CA GLN D 30 24.32 -13.81 -47.54
C GLN D 30 23.26 -12.97 -46.86
N VAL D 31 22.25 -13.63 -46.30
CA VAL D 31 21.22 -13.00 -45.47
C VAL D 31 21.49 -13.36 -44.01
N VAL D 32 21.25 -12.41 -43.12
CA VAL D 32 21.54 -12.63 -41.71
C VAL D 32 20.31 -12.22 -40.92
N ALA D 33 19.72 -13.18 -40.23
CA ALA D 33 18.59 -12.86 -39.34
C ALA D 33 19.08 -12.09 -38.12
N THR D 34 18.50 -10.92 -37.87
CA THR D 34 19.01 -10.07 -36.79
C THR D 34 17.95 -10.00 -35.72
N MET D 35 18.41 -9.82 -34.50
CA MET D 35 17.48 -9.69 -33.40
C MET D 35 17.84 -8.46 -32.59
N CYS D 36 16.81 -7.77 -32.10
CA CYS D 36 16.91 -6.48 -31.43
C CYS D 36 17.45 -5.36 -32.33
N THR D 37 16.84 -4.20 -32.19
CA THR D 37 17.23 -3.02 -32.97
C THR D 37 18.64 -2.51 -32.62
N TYR D 38 19.31 -3.08 -31.63
CA TYR D 38 20.68 -2.62 -31.37
C TYR D 38 21.72 -3.32 -32.24
N THR D 39 21.33 -4.25 -33.13
CA THR D 39 22.27 -4.89 -34.04
C THR D 39 23.06 -3.87 -34.85
N PRO D 40 24.35 -3.95 -34.88
CA PRO D 40 25.08 -2.89 -35.57
C PRO D 40 25.10 -3.23 -37.06
N GLU D 41 24.03 -2.83 -37.74
CA GLU D 41 23.84 -3.39 -39.05
C GLU D 41 24.81 -2.83 -40.07
N GLU D 42 25.53 -1.73 -39.76
CA GLU D 42 26.55 -1.20 -40.67
C GLU D 42 27.60 -2.25 -41.01
N LEU D 43 27.97 -3.03 -40.01
CA LEU D 43 28.98 -4.09 -40.16
C LEU D 43 28.48 -5.15 -41.12
N LEU D 44 27.22 -5.56 -40.95
CA LEU D 44 26.67 -6.61 -41.83
C LEU D 44 26.60 -6.13 -43.26
N ILE D 45 26.20 -4.87 -43.45
CA ILE D 45 26.08 -4.32 -44.79
C ILE D 45 27.46 -4.24 -45.42
N ALA D 46 28.45 -3.75 -44.63
CA ALA D 46 29.82 -3.65 -45.12
C ALA D 46 30.38 -5.05 -45.46
N ALA D 47 29.89 -6.07 -44.77
CA ALA D 47 30.30 -7.44 -45.06
C ALA D 47 29.59 -8.02 -46.28
N GLY D 48 28.77 -7.20 -46.99
CA GLY D 48 28.00 -7.63 -48.16
C GLY D 48 26.74 -8.43 -47.88
N MET D 49 26.15 -8.25 -46.71
CA MET D 49 25.09 -9.11 -46.21
C MET D 49 23.81 -8.30 -46.16
N LEU D 50 22.66 -8.97 -46.28
CA LEU D 50 21.36 -8.35 -46.02
C LEU D 50 20.93 -8.62 -44.57
N PRO D 51 20.93 -7.63 -43.68
CA PRO D 51 20.30 -7.82 -42.35
C PRO D 51 18.79 -7.87 -42.48
N VAL D 52 18.16 -8.89 -41.91
CA VAL D 52 16.68 -8.93 -41.89
C VAL D 52 16.24 -9.15 -40.45
N ARG D 53 15.52 -8.17 -39.88
CA ARG D 53 15.12 -8.30 -38.49
C ARG D 53 14.02 -9.36 -38.34
N VAL D 54 14.23 -10.30 -37.41
CA VAL D 54 13.20 -11.28 -37.10
C VAL D 54 12.03 -10.58 -36.43
N LEU D 55 10.83 -10.90 -36.91
CA LEU D 55 9.60 -10.42 -36.31
C LEU D 55 8.62 -11.57 -36.23
N GLY D 56 7.62 -11.39 -35.40
CA GLY D 56 6.60 -12.40 -35.28
C GLY D 56 5.57 -12.33 -36.37
N ALA D 57 4.73 -13.35 -36.41
CA ALA D 57 3.71 -13.43 -37.43
C ALA D 57 2.32 -13.10 -36.91
N HIS D 58 2.17 -12.93 -35.60
CA HIS D 58 0.89 -12.62 -34.95
C HIS D 58 -0.20 -13.62 -35.35
N GLU D 59 0.14 -14.91 -35.25
CA GLU D 59 -0.76 -16.01 -35.56
C GLU D 59 -0.55 -17.14 -34.56
N PRO D 60 -1.51 -18.05 -34.41
CA PRO D 60 -1.34 -19.16 -33.45
C PRO D 60 -0.11 -20.02 -33.77
N GLN D 61 0.62 -20.44 -32.72
CA GLN D 61 1.79 -21.29 -32.91
C GLN D 61 2.02 -22.13 -31.66
N ASN D 62 2.52 -23.36 -31.87
N ASN D 62 2.51 -23.35 -31.86
CA ASN D 62 2.76 -24.29 -30.79
CA ASN D 62 2.78 -24.26 -30.75
C ASN D 62 4.21 -24.76 -30.72
C ASN D 62 4.23 -24.76 -30.70
N VAL D 63 5.00 -24.57 -31.77
CA VAL D 63 6.33 -25.15 -31.87
C VAL D 63 7.30 -24.67 -30.80
N THR D 64 7.02 -23.59 -30.07
CA THR D 64 8.05 -23.10 -29.15
C THR D 64 7.92 -23.66 -27.73
N GLU D 65 6.85 -24.39 -27.41
CA GLU D 65 6.68 -24.87 -26.03
C GLU D 65 7.83 -25.74 -25.53
N PRO D 66 8.50 -26.57 -26.33
CA PRO D 66 9.66 -27.30 -25.78
C PRO D 66 10.90 -26.43 -25.62
N HIS D 67 10.87 -25.17 -26.09
CA HIS D 67 12.06 -24.33 -26.11
C HIS D 67 12.03 -23.15 -25.17
N ILE D 68 10.89 -22.49 -25.00
CA ILE D 68 10.76 -21.27 -24.18
C ILE D 68 9.53 -21.44 -23.31
N PHE D 69 9.73 -21.32 -22.00
CA PHE D 69 8.67 -21.45 -21.03
C PHE D 69 7.64 -20.32 -21.18
N GLY D 70 6.37 -20.68 -20.99
CA GLY D 70 5.27 -19.78 -21.30
C GLY D 70 5.18 -18.54 -20.42
N MET D 71 6.14 -18.36 -19.50
CA MET D 71 6.14 -17.15 -18.69
C MET D 71 6.80 -15.98 -19.39
N PHE D 72 7.40 -16.19 -20.56
CA PHE D 72 8.12 -15.17 -21.32
C PHE D 72 7.22 -14.60 -22.40
N CYS D 73 7.62 -13.46 -22.93
CA CYS D 73 6.67 -12.65 -23.66
C CYS D 73 6.24 -13.31 -24.97
N PRO D 74 5.06 -12.97 -25.47
CA PRO D 74 4.63 -13.51 -26.78
C PRO D 74 5.60 -13.21 -27.90
N PHE D 75 6.28 -12.06 -27.86
CA PHE D 75 7.12 -11.65 -28.98
C PHE D 75 8.34 -12.55 -29.10
N CYS D 76 8.98 -12.87 -27.98
CA CYS D 76 10.16 -13.75 -28.09
C CYS D 76 9.78 -15.12 -28.58
N ARG D 77 8.57 -15.55 -28.23
CA ARG D 77 8.08 -16.87 -28.64
C ARG D 77 7.65 -16.84 -30.10
N ASP D 78 6.81 -15.85 -30.48
CA ASP D 78 6.40 -15.68 -31.88
C ASP D 78 7.61 -15.61 -32.80
N SER D 79 8.66 -14.89 -32.36
CA SER D 79 9.86 -14.72 -33.18
C SER D 79 10.57 -16.07 -33.37
N LEU D 80 10.79 -16.79 -32.26
CA LEU D 80 11.45 -18.08 -32.40
C LEU D 80 10.63 -19.02 -33.29
N ALA D 81 9.29 -18.97 -33.17
CA ALA D 81 8.49 -19.87 -34.01
C ALA D 81 8.79 -19.65 -35.49
N GLN D 82 9.12 -18.41 -35.89
CA GLN D 82 9.34 -18.17 -37.32
C GLN D 82 10.57 -18.92 -37.80
N GLY D 83 11.61 -18.98 -36.95
CA GLY D 83 12.79 -19.76 -37.27
C GLY D 83 12.52 -21.25 -37.30
N LEU D 84 11.86 -21.77 -36.23
CA LEU D 84 11.58 -23.20 -36.14
C LEU D 84 10.66 -23.67 -37.25
N LEU D 85 9.80 -22.78 -37.77
CA LEU D 85 8.89 -23.09 -38.86
C LEU D 85 9.56 -23.06 -40.24
N GLY D 86 10.82 -22.65 -40.31
CA GLY D 86 11.56 -22.66 -41.57
C GLY D 86 11.37 -21.39 -42.38
N ARG D 87 10.75 -20.37 -41.79
CA ARG D 87 10.44 -19.18 -42.59
C ARG D 87 11.65 -18.30 -42.84
N PHE D 88 12.74 -18.50 -42.11
CA PHE D 88 13.97 -17.79 -42.36
C PHE D 88 15.04 -18.74 -42.89
N ASP D 89 14.61 -19.79 -43.63
CA ASP D 89 15.55 -20.82 -44.04
C ASP D 89 16.59 -20.29 -45.03
N TYR D 90 16.36 -19.14 -45.65
CA TYR D 90 17.33 -18.53 -46.56
C TYR D 90 18.43 -17.76 -45.84
N ALA D 91 18.35 -17.58 -44.51
CA ALA D 91 19.33 -16.74 -43.81
C ALA D 91 20.47 -17.62 -43.30
N GLU D 92 21.70 -17.31 -43.71
CA GLU D 92 22.84 -18.12 -43.27
C GLU D 92 23.22 -17.82 -41.83
N GLY D 93 23.00 -16.58 -41.39
CA GLY D 93 23.52 -16.13 -40.11
C GLY D 93 22.39 -15.77 -39.17
N VAL D 94 22.69 -15.70 -37.90
CA VAL D 94 21.78 -15.11 -36.92
C VAL D 94 22.62 -14.32 -35.94
N THR D 95 22.12 -13.17 -35.52
CA THR D 95 22.90 -12.33 -34.61
C THR D 95 21.94 -11.53 -33.73
N LEU D 96 22.31 -11.44 -32.45
CA LEU D 96 21.61 -10.64 -31.45
C LEU D 96 22.61 -9.68 -30.79
N THR D 97 22.18 -8.45 -30.53
CA THR D 97 22.95 -7.52 -29.71
C THR D 97 22.20 -7.39 -28.40
N GLN D 98 22.93 -7.54 -27.33
CA GLN D 98 22.37 -7.72 -25.98
C GLN D 98 21.48 -6.57 -25.57
N SER D 99 20.30 -6.93 -25.09
N SER D 99 20.35 -6.93 -24.96
CA SER D 99 19.46 -6.03 -24.31
CA SER D 99 19.41 -5.97 -24.41
C SER D 99 18.59 -6.97 -23.49
C SER D 99 18.57 -6.72 -23.37
N CYS D 100 17.28 -6.88 -23.65
CA CYS D 100 16.37 -7.66 -22.81
C CYS D 100 16.78 -9.13 -22.67
N ILE D 101 16.71 -9.70 -21.45
CA ILE D 101 17.20 -11.08 -21.31
C ILE D 101 16.21 -12.08 -21.95
N GLN D 102 14.92 -11.75 -22.02
CA GLN D 102 13.99 -12.68 -22.65
C GLN D 102 14.35 -12.92 -24.12
N TYR D 103 14.72 -11.85 -24.84
CA TYR D 103 15.08 -11.96 -26.24
C TYR D 103 16.33 -12.82 -26.41
N ARG D 104 17.19 -12.89 -25.39
CA ARG D 104 18.36 -13.78 -25.50
C ARG D 104 17.98 -15.25 -25.68
N GLN D 105 16.82 -15.66 -25.17
CA GLN D 105 16.32 -17.02 -25.40
C GLN D 105 15.97 -17.28 -26.84
N THR D 106 15.37 -16.31 -27.51
CA THR D 106 15.05 -16.46 -28.92
C THR D 106 16.33 -16.79 -29.66
N PHE D 107 17.37 -16.02 -29.41
CA PHE D 107 18.65 -16.20 -30.06
C PHE D 107 19.25 -17.56 -29.71
N GLY D 108 19.25 -17.91 -28.42
CA GLY D 108 19.87 -19.18 -28.02
C GLY D 108 19.14 -20.41 -28.58
N SER D 109 17.79 -20.41 -28.54
CA SER D 109 17.09 -21.55 -29.12
C SER D 109 17.25 -21.57 -30.63
N TRP D 110 17.23 -20.39 -31.27
CA TRP D 110 17.34 -20.33 -32.75
C TRP D 110 18.67 -20.91 -33.23
N ARG D 111 19.79 -20.45 -32.70
N ARG D 111 19.78 -20.46 -32.66
CA ARG D 111 21.06 -21.00 -33.19
CA ARG D 111 21.08 -20.94 -33.13
C ARG D 111 21.18 -22.49 -32.90
C ARG D 111 21.30 -22.42 -32.80
N LEU D 112 20.58 -22.98 -31.81
CA LEU D 112 20.74 -24.41 -31.52
C LEU D 112 19.86 -25.28 -32.41
N HIS D 113 18.67 -24.80 -32.77
CA HIS D 113 17.64 -25.66 -33.39
C HIS D 113 17.23 -25.29 -34.82
N VAL D 114 17.63 -24.14 -35.36
CA VAL D 114 17.29 -23.84 -36.77
C VAL D 114 18.40 -24.43 -37.64
N PRO D 115 18.11 -25.53 -38.35
CA PRO D 115 19.19 -26.29 -39.02
C PRO D 115 19.89 -25.52 -40.13
N THR D 116 19.26 -24.47 -40.66
CA THR D 116 19.89 -23.71 -41.73
C THR D 116 20.91 -22.67 -41.24
N VAL D 117 21.05 -22.47 -39.92
CA VAL D 117 22.04 -21.52 -39.40
C VAL D 117 23.44 -22.07 -39.66
N LYS D 118 24.27 -21.27 -40.36
CA LYS D 118 25.69 -21.60 -40.57
C LYS D 118 26.62 -20.85 -39.64
N TRP D 119 26.22 -19.69 -39.13
CA TRP D 119 27.03 -19.00 -38.12
C TRP D 119 26.12 -18.15 -37.25
N ASP D 120 26.64 -17.79 -36.06
CA ASP D 120 25.89 -16.93 -35.15
C ASP D 120 26.86 -16.01 -34.41
N TYR D 121 26.33 -14.90 -33.87
CA TYR D 121 27.19 -14.01 -33.11
C TYR D 121 26.34 -13.22 -32.14
N TYR D 122 26.75 -13.24 -30.86
CA TYR D 122 26.10 -12.46 -29.79
C TYR D 122 26.99 -11.26 -29.48
N VAL D 123 26.47 -10.05 -29.61
CA VAL D 123 27.21 -8.83 -29.35
C VAL D 123 26.85 -8.36 -27.94
N PRO D 124 27.78 -8.44 -26.93
CA PRO D 124 27.42 -7.96 -25.53
C PRO D 124 27.59 -6.46 -25.44
N MET D 125 26.72 -5.74 -26.14
CA MET D 125 26.67 -4.31 -25.99
C MET D 125 26.36 -3.92 -24.57
N PRO D 126 27.14 -3.02 -23.97
CA PRO D 126 26.83 -2.53 -22.64
C PRO D 126 25.37 -2.14 -22.50
N ASN D 127 24.79 -2.51 -21.36
CA ASN D 127 23.48 -2.00 -21.01
C ASN D 127 23.58 -0.61 -20.42
N GLU D 128 24.61 -0.30 -19.62
CA GLU D 128 24.68 1.01 -18.95
C GLU D 128 25.36 2.04 -19.86
N VAL D 129 24.61 2.41 -20.91
CA VAL D 129 25.11 3.46 -21.82
C VAL D 129 25.34 4.79 -21.13
N GLN D 130 24.73 5.00 -19.96
CA GLN D 130 25.02 6.19 -19.16
C GLN D 130 26.39 6.18 -18.53
N SER D 131 27.08 5.02 -18.51
CA SER D 131 28.37 4.94 -17.86
C SER D 131 29.41 5.60 -18.73
N PRO D 132 30.37 6.33 -18.14
CA PRO D 132 31.48 6.89 -18.93
C PRO D 132 32.35 5.87 -19.60
N HIS D 133 32.24 4.59 -19.23
CA HIS D 133 33.10 3.55 -19.79
C HIS D 133 32.41 2.73 -20.89
N ALA D 134 31.11 2.99 -21.11
CA ALA D 134 30.37 2.10 -21.98
C ALA D 134 30.80 2.30 -23.44
N ARG D 135 31.14 3.53 -23.85
CA ARG D 135 31.43 3.78 -25.26
C ARG D 135 32.76 3.15 -25.67
N LYS D 136 33.73 3.19 -24.79
CA LYS D 136 34.97 2.47 -25.05
C LYS D 136 34.73 0.95 -25.10
N ALA D 137 33.94 0.41 -24.16
CA ALA D 137 33.64 -1.04 -24.23
C ALA D 137 32.92 -1.40 -25.52
N HIS D 138 31.94 -0.59 -25.94
CA HIS D 138 31.22 -0.95 -27.14
C HIS D 138 32.05 -0.74 -28.39
N TYR D 139 32.95 0.25 -28.38
CA TYR D 139 33.95 0.39 -29.46
C TYR D 139 34.65 -0.95 -29.69
N GLU D 140 35.13 -1.57 -28.62
CA GLU D 140 35.85 -2.83 -28.78
C GLU D 140 34.91 -3.97 -29.18
N GLU D 141 33.65 -3.96 -28.74
CA GLU D 141 32.71 -4.98 -29.22
C GLU D 141 32.44 -4.87 -30.71
N VAL D 142 32.24 -3.64 -31.19
CA VAL D 142 31.97 -3.46 -32.62
C VAL D 142 33.19 -3.87 -33.45
N GLN D 143 34.39 -3.43 -33.03
CA GLN D 143 35.61 -3.90 -33.71
C GLN D 143 35.73 -5.42 -33.66
N ALA D 144 35.46 -6.05 -32.48
CA ALA D 144 35.54 -7.52 -32.41
C ALA D 144 34.58 -8.18 -33.41
N PHE D 145 33.37 -7.62 -33.55
CA PHE D 145 32.40 -8.18 -34.50
C PHE D 145 32.91 -7.99 -35.94
N ARG D 146 33.53 -6.84 -36.19
CA ARG D 146 34.10 -6.58 -37.50
C ARG D 146 35.16 -7.61 -37.83
N VAL D 147 36.03 -7.94 -36.85
CA VAL D 147 37.08 -8.94 -37.10
C VAL D 147 36.45 -10.32 -37.33
N PHE D 148 35.45 -10.66 -36.52
CA PHE D 148 34.70 -11.88 -36.75
C PHE D 148 34.19 -11.94 -38.19
N LEU D 149 33.51 -10.90 -38.65
CA LEU D 149 32.89 -10.95 -39.97
C LEU D 149 33.93 -11.02 -41.07
N GLN D 150 35.04 -10.32 -40.88
CA GLN D 150 36.17 -10.35 -41.84
C GLN D 150 36.69 -11.77 -41.96
N THR D 151 36.83 -12.45 -40.83
CA THR D 151 37.34 -13.80 -40.82
C THR D 151 36.35 -14.72 -41.48
N LEU D 152 35.06 -14.52 -41.17
CA LEU D 152 34.01 -15.40 -41.65
C LEU D 152 33.92 -15.38 -43.16
N THR D 153 33.89 -14.15 -43.75
CA THR D 153 33.76 -14.00 -45.19
C THR D 153 35.07 -14.16 -45.93
N GLY D 154 36.18 -14.06 -45.21
CA GLY D 154 37.51 -14.07 -45.80
C GLY D 154 37.84 -12.82 -46.60
N LYS D 155 37.07 -11.76 -46.46
CA LYS D 155 37.31 -10.52 -47.20
C LYS D 155 37.52 -9.39 -46.19
N GLU D 156 38.60 -8.61 -46.37
CA GLU D 156 38.87 -7.47 -45.50
C GLU D 156 37.68 -6.48 -45.50
N ILE D 157 37.21 -6.10 -44.32
CA ILE D 157 36.18 -5.06 -44.22
C ILE D 157 36.90 -3.76 -43.89
N THR D 158 37.15 -2.92 -44.89
CA THR D 158 38.00 -1.74 -44.72
C THR D 158 37.21 -0.61 -44.07
N ASP D 159 37.92 0.42 -43.59
CA ASP D 159 37.26 1.60 -43.04
C ASP D 159 36.35 2.25 -44.08
N ALA D 160 36.80 2.29 -45.35
CA ALA D 160 35.97 2.85 -46.43
C ALA D 160 34.68 2.07 -46.57
N MET D 161 34.76 0.76 -46.45
CA MET D 161 33.58 -0.06 -46.57
C MET D 161 32.63 0.22 -45.41
N LEU D 162 33.20 0.37 -44.20
CA LEU D 162 32.35 0.68 -43.04
C LEU D 162 31.74 2.08 -43.17
N SER D 163 32.50 3.04 -43.68
CA SER D 163 31.95 4.39 -43.83
C SER D 163 30.82 4.45 -44.83
N ASP D 164 30.98 3.76 -45.97
CA ASP D 164 29.91 3.67 -46.96
C ASP D 164 28.65 3.04 -46.35
N ALA D 165 28.82 1.95 -45.59
CA ALA D 165 27.65 1.34 -44.95
C ALA D 165 27.02 2.29 -43.92
N LEU D 166 27.85 2.98 -43.16
CA LEU D 166 27.25 3.92 -42.19
C LEU D 166 26.52 5.02 -42.93
N ALA D 167 27.05 5.48 -44.09
CA ALA D 167 26.42 6.56 -44.83
C ALA D 167 25.05 6.12 -45.33
N VAL D 168 24.93 4.87 -45.75
CA VAL D 168 23.64 4.37 -46.17
C VAL D 168 22.68 4.32 -44.97
N CYS D 169 23.12 3.76 -43.85
CA CYS D 169 22.26 3.69 -42.65
C CYS D 169 21.89 5.08 -42.14
N ASP D 170 22.85 6.00 -42.07
CA ASP D 170 22.50 7.36 -41.64
C ASP D 170 21.52 8.04 -42.61
N GLU D 171 21.69 7.85 -43.92
CA GLU D 171 20.71 8.44 -44.85
C GLU D 171 19.32 7.90 -44.58
N ASN D 172 19.22 6.58 -44.29
CA ASN D 172 17.93 5.98 -43.98
C ASN D 172 17.36 6.59 -42.72
N ARG D 173 18.20 6.73 -41.69
CA ARG D 173 17.75 7.36 -40.44
C ARG D 173 17.29 8.80 -40.70
N ARG D 174 18.04 9.53 -41.55
CA ARG D 174 17.67 10.93 -41.78
C ARG D 174 16.40 11.02 -42.59
N LEU D 175 16.25 10.15 -43.61
CA LEU D 175 15.02 10.18 -44.41
C LEU D 175 13.80 9.77 -43.58
N LEU D 176 13.95 8.78 -42.67
CA LEU D 176 12.82 8.43 -41.82
C LEU D 176 12.45 9.56 -40.89
N ARG D 177 13.45 10.28 -40.35
CA ARG D 177 13.11 11.47 -39.57
C ARG D 177 12.38 12.51 -40.41
N GLU D 178 12.83 12.72 -41.64
CA GLU D 178 12.19 13.70 -42.52
C GLU D 178 10.77 13.29 -42.85
N LEU D 179 10.55 11.98 -43.03
CA LEU D 179 9.20 11.49 -43.20
C LEU D 179 8.39 11.75 -41.92
N TYR D 180 8.99 11.55 -40.74
CA TYR D 180 8.23 11.78 -39.50
C TYR D 180 7.84 13.25 -39.34
N GLU D 181 8.64 14.17 -39.87
CA GLU D 181 8.32 15.59 -39.70
C GLU D 181 6.93 15.92 -40.25
N TYR D 182 6.42 15.15 -41.24
CA TYR D 182 5.11 15.48 -41.83
C TYR D 182 3.96 15.16 -40.86
N ARG D 183 4.20 14.28 -39.89
CA ARG D 183 3.14 13.92 -38.94
C ARG D 183 2.85 15.04 -37.95
N LYS D 184 3.75 16.03 -37.85
CA LYS D 184 3.50 17.15 -36.98
C LYS D 184 2.39 18.06 -37.48
N ALA D 185 2.08 18.04 -38.77
CA ALA D 185 1.08 18.96 -39.30
C ALA D 185 -0.31 18.66 -38.73
N ALA D 186 -1.20 19.67 -38.83
CA ALA D 186 -2.57 19.49 -38.37
C ALA D 186 -3.26 18.35 -39.11
N ASP D 187 -2.98 18.22 -40.41
CA ASP D 187 -3.60 17.22 -41.28
C ASP D 187 -2.47 16.41 -41.87
N PRO D 188 -1.96 15.43 -41.13
CA PRO D 188 -0.74 14.72 -41.54
C PRO D 188 -0.87 14.10 -42.93
N LYS D 189 0.14 14.37 -43.76
CA LYS D 189 0.23 13.73 -45.08
C LYS D 189 0.76 12.29 -45.03
N VAL D 190 1.03 11.78 -43.83
CA VAL D 190 1.52 10.44 -43.58
C VAL D 190 0.76 9.99 -42.34
N THR D 191 -0.02 8.90 -42.47
CA THR D 191 -0.68 8.33 -41.30
C THR D 191 0.31 7.49 -40.50
N GLY D 192 -0.09 7.12 -39.28
CA GLY D 192 0.73 6.23 -38.49
C GLY D 192 0.96 4.89 -39.18
N VAL D 193 -0.07 4.33 -39.82
CA VAL D 193 0.12 3.07 -40.52
C VAL D 193 1.16 3.22 -41.63
N GLU D 194 1.10 4.31 -42.40
CA GLU D 194 2.08 4.50 -43.48
C GLU D 194 3.48 4.67 -42.91
N ALA D 195 3.61 5.52 -41.89
CA ALA D 195 4.90 5.65 -41.21
C ALA D 195 5.43 4.30 -40.73
N LEU D 196 4.55 3.43 -40.26
CA LEU D 196 5.01 2.15 -39.70
C LEU D 196 5.43 1.18 -40.81
N TYR D 197 4.70 1.13 -41.90
CA TYR D 197 5.17 0.36 -43.05
C TYR D 197 6.58 0.80 -43.47
N ALA D 198 6.82 2.12 -43.46
CA ALA D 198 8.14 2.63 -43.83
C ALA D 198 9.22 2.23 -42.81
N SER D 199 8.99 2.50 -41.52
CA SER D 199 10.02 2.26 -40.49
C SER D 199 10.25 0.78 -40.25
N LEU D 200 9.21 -0.03 -40.41
CA LEU D 200 9.39 -1.46 -40.17
C LEU D 200 10.19 -2.11 -41.30
N THR D 201 9.85 -1.78 -42.55
CA THR D 201 10.54 -2.40 -43.70
C THR D 201 11.97 -1.93 -43.82
N ALA D 202 12.30 -0.77 -43.23
CA ALA D 202 13.67 -0.34 -43.15
C ALA D 202 14.57 -1.40 -42.50
N GLN D 203 13.99 -2.30 -41.67
CA GLN D 203 14.72 -3.30 -40.90
C GLN D 203 14.87 -4.65 -41.60
N PHE D 204 14.36 -4.79 -42.84
CA PHE D 204 14.63 -6.03 -43.56
C PHE D 204 14.66 -5.86 -45.09
N ILE D 205 14.72 -4.63 -45.58
CA ILE D 205 14.96 -4.32 -47.00
C ILE D 205 16.37 -3.71 -47.15
N ASP D 206 17.01 -3.95 -48.31
CA ASP D 206 18.32 -3.34 -48.56
C ASP D 206 18.23 -1.82 -48.42
N LYS D 207 19.10 -1.25 -47.58
CA LYS D 207 18.88 0.18 -47.27
C LYS D 207 19.10 1.08 -48.48
N ARG D 208 19.96 0.69 -49.42
CA ARG D 208 20.00 1.47 -50.66
C ARG D 208 18.64 1.48 -51.34
N GLU D 209 18.01 0.31 -51.45
CA GLU D 209 16.71 0.28 -52.11
C GLU D 209 15.68 1.04 -51.31
N HIS D 210 15.68 0.86 -49.98
CA HIS D 210 14.72 1.55 -49.13
C HIS D 210 14.90 3.05 -49.17
N ASN D 211 16.15 3.54 -49.15
CA ASN D 211 16.41 4.98 -49.21
C ASN D 211 15.83 5.58 -50.50
N GLU D 212 16.00 4.86 -51.62
CA GLU D 212 15.41 5.29 -52.87
C GLU D 212 13.90 5.41 -52.76
N MET D 213 13.26 4.44 -52.11
CA MET D 213 11.80 4.50 -51.96
C MET D 213 11.37 5.64 -51.04
N LEU D 214 12.13 5.90 -49.97
CA LEU D 214 11.83 7.03 -49.12
C LEU D 214 12.01 8.33 -49.87
N LYS D 215 13.03 8.43 -50.70
CA LYS D 215 13.22 9.64 -51.51
C LYS D 215 12.04 9.87 -52.43
N LYS D 216 11.53 8.82 -53.08
CA LYS D 216 10.37 8.97 -53.97
C LYS D 216 9.16 9.44 -53.18
N THR D 217 9.00 8.94 -51.96
CA THR D 217 7.86 9.27 -51.12
C THR D 217 7.89 10.73 -50.71
N LEU D 218 9.06 11.18 -50.25
CA LEU D 218 9.22 12.58 -49.84
C LEU D 218 9.06 13.54 -51.01
N ALA D 219 9.34 13.11 -52.25
CA ALA D 219 9.15 14.00 -53.39
C ALA D 219 7.67 14.19 -53.74
N ALA D 220 6.84 13.20 -53.40
CA ALA D 220 5.39 13.22 -53.64
C ALA D 220 4.60 13.89 -52.51
N LEU D 221 5.13 13.89 -51.29
CA LEU D 221 4.34 14.31 -50.14
C LEU D 221 3.89 15.77 -50.21
N PRO D 222 4.76 16.75 -50.53
CA PRO D 222 4.31 18.15 -50.60
C PRO D 222 3.02 18.37 -51.40
N ASN D 223 2.75 17.58 -52.43
CA ASN D 223 1.52 17.81 -53.19
C ASN D 223 0.51 16.69 -53.05
N ARG D 224 0.69 15.82 -52.06
CA ARG D 224 -0.26 14.77 -51.77
C ARG D 224 -1.52 15.39 -51.19
N LYS D 225 -2.67 15.04 -51.76
CA LYS D 225 -3.95 15.47 -51.21
C LYS D 225 -4.37 14.54 -50.08
N VAL D 226 -4.79 15.11 -48.94
CA VAL D 226 -5.28 14.32 -47.82
C VAL D 226 -6.80 14.40 -47.84
N GLU D 227 -7.46 13.26 -47.67
CA GLU D 227 -8.90 13.26 -47.61
C GLU D 227 -9.48 12.78 -46.28
N ARG D 228 -8.75 12.02 -45.49
CA ARG D 228 -9.22 11.59 -44.18
C ARG D 228 -9.19 12.76 -43.18
N LYS D 229 -10.04 12.67 -42.17
CA LYS D 229 -9.96 13.64 -41.08
C LYS D 229 -8.99 13.16 -40.00
N THR D 230 -8.25 14.09 -39.37
CA THR D 230 -7.19 13.69 -38.45
C THR D 230 -7.78 13.06 -37.18
N GLY D 231 -8.90 13.61 -36.68
CA GLY D 231 -9.35 13.08 -35.40
C GLY D 231 -8.31 13.32 -34.30
N ALA D 232 -8.44 12.55 -33.22
CA ALA D 232 -7.52 12.69 -32.10
C ALA D 232 -6.11 12.32 -32.50
N ARG D 233 -5.14 13.03 -31.93
CA ARG D 233 -3.72 12.80 -32.21
C ARG D 233 -3.17 11.82 -31.16
N PHE D 234 -2.95 10.58 -31.55
CA PHE D 234 -2.49 9.56 -30.60
C PHE D 234 -0.98 9.33 -30.72
N MET D 235 -0.38 8.84 -29.63
CA MET D 235 0.94 8.30 -29.72
C MET D 235 0.87 6.86 -29.26
N THR D 236 1.67 5.98 -29.85
CA THR D 236 1.76 4.61 -29.34
C THR D 236 3.09 4.38 -28.67
N ILE D 237 3.07 3.62 -27.58
CA ILE D 237 4.27 3.39 -26.76
C ILE D 237 4.38 1.91 -26.50
N GLY D 238 5.58 1.37 -26.65
CA GLY D 238 5.72 -0.05 -26.43
C GLY D 238 7.12 -0.53 -26.72
N SER D 239 7.24 -1.85 -26.67
CA SER D 239 8.52 -2.47 -27.01
C SER D 239 8.63 -2.52 -28.54
N GLU D 240 8.04 -3.54 -29.20
CA GLU D 240 8.19 -3.62 -30.64
C GLU D 240 7.04 -2.93 -31.38
N ASN D 241 5.79 -3.30 -31.06
CA ASN D 241 4.58 -2.72 -31.64
C ASN D 241 4.62 -2.85 -33.18
N ASP D 242 4.74 -4.07 -33.64
CA ASP D 242 4.81 -4.30 -35.06
C ASP D 242 3.52 -4.85 -35.63
N ASP D 243 2.41 -4.85 -34.87
CA ASP D 243 1.14 -5.31 -35.41
C ASP D 243 0.46 -4.19 -36.22
N ILE D 244 0.76 -4.12 -37.53
CA ILE D 244 0.19 -3.07 -38.39
C ILE D 244 -1.33 -3.10 -38.38
N ALA D 245 -1.93 -4.30 -38.42
CA ALA D 245 -3.38 -4.38 -38.53
C ALA D 245 -4.06 -3.85 -37.28
N PHE D 246 -3.46 -4.07 -36.12
CA PHE D 246 -3.98 -3.42 -34.92
C PHE D 246 -3.91 -1.91 -35.07
N MET D 247 -2.78 -1.39 -35.57
CA MET D 247 -2.60 0.05 -35.67
C MET D 247 -3.63 0.64 -36.62
N GLY D 248 -3.91 -0.08 -37.72
CA GLY D 248 -4.92 0.39 -38.65
C GLY D 248 -6.30 0.46 -38.03
N MET D 249 -6.58 -0.41 -37.05
CA MET D 249 -7.88 -0.37 -36.39
C MET D 249 -7.96 0.89 -35.53
N VAL D 250 -6.85 1.21 -34.84
CA VAL D 250 -6.75 2.44 -34.04
C VAL D 250 -7.08 3.67 -34.87
N GLU D 251 -6.46 3.79 -36.06
CA GLU D 251 -6.67 4.97 -36.90
C GLU D 251 -8.00 4.98 -37.62
N SER D 252 -8.80 3.92 -37.52
CA SER D 252 -10.11 3.91 -38.13
C SER D 252 -11.21 4.30 -37.16
N VAL D 253 -10.91 4.40 -35.86
CA VAL D 253 -11.91 4.82 -34.88
C VAL D 253 -12.15 6.33 -34.90
N GLY D 254 -11.26 7.10 -35.51
CA GLY D 254 -11.37 8.54 -35.49
C GLY D 254 -10.13 9.20 -34.92
N ALA D 255 -8.97 8.75 -35.37
CA ALA D 255 -7.75 9.18 -34.73
C ALA D 255 -6.63 9.00 -35.73
N THR D 256 -5.51 9.61 -35.42
CA THR D 256 -4.29 9.40 -36.20
C THR D 256 -3.16 9.18 -35.22
N ILE D 257 -2.34 8.16 -35.45
CA ILE D 257 -1.14 7.97 -34.65
C ILE D 257 -0.08 8.90 -35.23
N VAL D 258 0.29 9.96 -34.50
CA VAL D 258 1.19 10.97 -35.06
C VAL D 258 2.64 10.82 -34.60
N ILE D 259 2.92 9.96 -33.62
CA ILE D 259 4.27 9.72 -33.15
C ILE D 259 4.22 8.46 -32.33
N ASP D 260 5.37 7.89 -32.04
CA ASP D 260 5.42 6.58 -31.41
C ASP D 260 6.75 6.52 -30.64
N ASP D 261 6.77 5.67 -29.62
CA ASP D 261 8.00 5.27 -28.90
C ASP D 261 8.04 3.76 -28.93
N GLN D 262 8.67 3.19 -29.96
CA GLN D 262 8.66 1.74 -30.14
C GLN D 262 9.73 1.39 -31.15
N CYS D 263 10.16 0.12 -31.09
CA CYS D 263 11.25 -0.30 -31.96
C CYS D 263 10.83 -0.65 -33.38
N SER D 264 9.52 -0.79 -33.65
CA SER D 264 9.12 -0.83 -35.06
C SER D 264 9.24 0.54 -35.72
N GLY D 265 9.45 1.56 -34.90
CA GLY D 265 9.33 2.95 -35.27
C GLY D 265 10.47 3.79 -34.73
N SER D 266 10.17 4.85 -34.00
CA SER D 266 11.20 5.86 -33.65
C SER D 266 12.43 5.30 -32.96
N ARG D 267 12.27 4.31 -32.03
CA ARG D 267 13.43 3.86 -31.26
C ARG D 267 14.45 3.11 -32.11
N TYR D 268 14.06 2.61 -33.28
CA TYR D 268 15.02 1.98 -34.18
C TYR D 268 15.98 3.02 -34.79
N PHE D 269 15.44 4.14 -35.31
CA PHE D 269 16.17 4.97 -36.27
C PHE D 269 16.52 6.38 -35.77
N TRP D 270 15.98 6.78 -34.61
CA TRP D 270 15.84 8.20 -34.30
C TRP D 270 17.09 9.02 -34.59
N ASN D 271 18.27 8.58 -34.12
CA ASN D 271 19.48 9.39 -34.24
C ASN D 271 20.42 8.84 -35.31
N ALA D 272 20.96 9.74 -36.12
CA ALA D 272 22.06 9.38 -37.02
C ALA D 272 23.38 9.48 -36.26
N SER D 273 24.44 8.84 -36.77
CA SER D 273 25.74 8.94 -36.06
C SER D 273 26.28 10.38 -36.09
N LYS D 274 27.19 10.61 -35.27
CA LYS D 274 27.91 11.88 -35.27
C LYS D 274 29.04 11.83 -36.27
N PRO D 275 29.35 12.98 -36.90
CA PRO D 275 30.53 13.05 -37.78
C PRO D 275 31.76 12.75 -36.95
N GLU D 276 32.61 11.88 -37.49
CA GLU D 276 33.66 11.28 -36.68
C GLU D 276 34.58 10.53 -37.62
N GLY D 277 35.89 10.73 -37.45
CA GLY D 277 36.83 10.12 -38.40
C GLY D 277 37.10 8.65 -38.15
N ASP D 278 36.90 8.20 -36.92
CA ASP D 278 37.11 6.80 -36.59
C ASP D 278 35.76 6.11 -36.78
N VAL D 279 35.63 5.35 -37.88
CA VAL D 279 34.30 4.83 -38.20
C VAL D 279 33.79 3.84 -37.14
N ILE D 280 34.65 3.03 -36.54
CA ILE D 280 34.15 2.14 -35.51
C ILE D 280 33.56 2.93 -34.34
N LYS D 281 34.25 3.99 -33.93
CA LYS D 281 33.70 4.85 -32.89
C LYS D 281 32.37 5.46 -33.28
N ALA D 282 32.25 5.92 -34.53
CA ALA D 282 31.01 6.56 -34.99
C ALA D 282 29.87 5.56 -34.89
N ILE D 283 30.14 4.31 -35.27
CA ILE D 283 29.12 3.27 -35.23
C ILE D 283 28.77 2.91 -33.81
N ALA D 284 29.78 2.59 -32.99
CA ALA D 284 29.48 2.12 -31.64
C ALA D 284 28.75 3.21 -30.86
N GLU D 285 29.18 4.48 -31.01
CA GLU D 285 28.53 5.52 -30.21
C GLU D 285 27.15 5.86 -30.70
N ARG D 286 26.87 5.71 -32.01
CA ARG D 286 25.50 5.90 -32.49
C ARG D 286 24.56 5.06 -31.66
N TYR D 287 24.91 3.78 -31.39
CA TYR D 287 23.99 2.91 -30.68
C TYR D 287 23.98 3.21 -29.18
N CYS D 288 25.12 3.63 -28.63
CA CYS D 288 25.10 4.04 -27.21
C CYS D 288 24.26 5.31 -27.01
N ASP D 289 24.28 6.22 -27.99
CA ASP D 289 23.62 7.52 -27.87
C ASP D 289 22.15 7.46 -28.25
N ARG D 290 21.71 6.36 -28.83
CA ARG D 290 20.33 6.17 -29.31
C ARG D 290 19.37 6.25 -28.12
N PRO D 291 18.14 6.74 -28.31
CA PRO D 291 17.16 6.62 -27.21
C PRO D 291 17.16 5.18 -26.70
N ALA D 292 17.18 5.03 -25.38
CA ALA D 292 17.52 3.76 -24.76
C ALA D 292 16.31 2.85 -24.61
N CYS D 293 16.50 1.55 -24.87
CA CYS D 293 15.65 0.49 -24.34
C CYS D 293 15.51 0.68 -22.83
N PRO D 294 14.34 0.43 -22.24
CA PRO D 294 14.24 0.43 -20.77
C PRO D 294 15.35 -0.34 -20.07
N THR D 295 15.75 -1.48 -20.64
CA THR D 295 16.81 -2.32 -20.09
C THR D 295 18.12 -1.54 -19.97
N LYS D 296 18.34 -0.61 -20.90
CA LYS D 296 19.56 0.20 -20.92
C LYS D 296 19.37 1.56 -20.33
N ASP D 297 18.28 1.77 -19.59
CA ASP D 297 17.96 3.10 -19.11
C ASP D 297 18.03 3.14 -17.57
N TYR D 298 19.26 3.29 -17.07
CA TYR D 298 19.57 3.43 -15.67
C TYR D 298 20.96 4.03 -15.57
N PRO D 299 21.29 4.74 -14.44
CA PRO D 299 20.41 5.03 -13.28
C PRO D 299 19.26 5.96 -13.63
N ALA D 300 19.45 6.83 -14.63
CA ALA D 300 18.45 7.86 -14.94
C ALA D 300 17.42 7.31 -15.91
N HIS D 301 16.15 7.69 -15.70
CA HIS D 301 15.11 7.32 -16.66
C HIS D 301 15.11 8.34 -17.81
N THR D 302 16.18 8.34 -18.63
CA THR D 302 16.21 9.31 -19.73
C THR D 302 15.05 9.13 -20.70
N ARG D 303 14.50 7.93 -20.73
CA ARG D 303 13.37 7.61 -21.59
C ARG D 303 12.18 8.51 -21.30
N PHE D 304 11.96 8.84 -20.03
CA PHE D 304 10.80 9.65 -19.70
C PHE D 304 10.83 10.99 -20.43
N ASP D 305 12.01 11.64 -20.49
CA ASP D 305 12.14 12.94 -21.16
C ASP D 305 12.04 12.80 -22.67
N HIS D 306 12.62 11.73 -23.20
CA HIS D 306 12.52 11.42 -24.61
C HIS D 306 11.06 11.25 -25.02
N VAL D 307 10.29 10.46 -24.24
CA VAL D 307 8.89 10.19 -24.59
C VAL D 307 8.04 11.45 -24.45
N LEU D 308 8.22 12.18 -23.34
CA LEU D 308 7.46 13.44 -23.20
C LEU D 308 7.83 14.44 -24.28
N GLY D 309 9.12 14.54 -24.63
CA GLY D 309 9.56 15.48 -25.65
C GLY D 309 8.93 15.19 -27.01
N MET D 310 8.93 13.90 -27.42
CA MET D 310 8.25 13.54 -28.66
C MET D 310 6.76 13.84 -28.58
N ALA D 311 6.15 13.59 -27.43
CA ALA D 311 4.72 13.83 -27.31
C ALA D 311 4.39 15.29 -27.48
N LYS D 312 5.22 16.16 -26.88
CA LYS D 312 4.97 17.59 -26.99
C LYS D 312 5.26 18.11 -28.39
N GLU D 313 6.33 17.59 -28.98
CA GLU D 313 6.77 18.06 -30.29
C GLU D 313 5.76 17.70 -31.36
N TYR D 314 5.09 16.56 -31.20
CA TYR D 314 4.11 16.11 -32.17
C TYR D 314 2.67 16.40 -31.74
N ASN D 315 2.49 17.21 -30.70
N ASN D 315 2.49 17.20 -30.69
CA ASN D 315 1.16 17.71 -30.28
CA ASN D 315 1.16 17.69 -30.30
C ASN D 315 0.19 16.55 -30.03
C ASN D 315 0.20 16.53 -30.05
N VAL D 316 0.67 15.56 -29.24
CA VAL D 316 -0.12 14.37 -28.93
C VAL D 316 -1.29 14.71 -28.00
N GLU D 317 -2.45 14.15 -28.29
CA GLU D 317 -3.60 14.38 -27.39
C GLU D 317 -3.81 13.24 -26.42
N GLY D 318 -3.37 12.02 -26.77
CA GLY D 318 -3.47 10.90 -25.86
C GLY D 318 -2.50 9.82 -26.25
N ALA D 319 -2.00 9.11 -25.25
CA ALA D 319 -0.98 8.11 -25.52
C ALA D 319 -1.47 6.73 -25.13
N ILE D 320 -1.19 5.75 -25.99
CA ILE D 320 -1.66 4.39 -25.85
C ILE D 320 -0.42 3.53 -25.58
N PHE D 321 -0.36 2.94 -24.39
CA PHE D 321 0.66 1.95 -24.04
C PHE D 321 0.19 0.60 -24.54
N LEU D 322 0.98 -0.01 -25.42
CA LEU D 322 0.70 -1.36 -25.91
C LEU D 322 1.76 -2.19 -25.24
N GLN D 323 1.34 -3.14 -24.42
N GLN D 323 1.36 -3.14 -24.41
CA GLN D 323 2.30 -3.91 -23.65
CA GLN D 323 2.34 -3.87 -23.62
C GLN D 323 2.22 -5.37 -24.04
C GLN D 323 2.24 -5.36 -23.95
N GLN D 324 3.37 -5.98 -24.30
CA GLN D 324 3.40 -7.43 -24.41
C GLN D 324 3.21 -8.03 -23.02
N LYS D 325 2.39 -9.07 -22.96
CA LYS D 325 2.27 -9.85 -21.73
C LYS D 325 3.68 -10.22 -21.26
N PHE D 326 3.90 -10.14 -19.97
CA PHE D 326 5.13 -10.56 -19.32
C PHE D 326 6.34 -9.68 -19.61
N CYS D 327 6.19 -8.53 -20.29
CA CYS D 327 7.35 -7.72 -20.71
C CYS D 327 7.99 -6.96 -19.54
N ASP D 328 9.07 -7.52 -18.93
CA ASP D 328 9.60 -6.93 -17.70
C ASP D 328 10.28 -5.55 -17.85
N PRO D 329 11.06 -5.27 -18.90
CA PRO D 329 11.67 -3.92 -18.99
C PRO D 329 10.60 -2.83 -19.09
N HIS D 330 9.57 -3.07 -19.87
CA HIS D 330 8.58 -2.02 -20.05
C HIS D 330 7.62 -2.01 -18.88
N GLU D 331 7.34 -3.17 -18.30
CA GLU D 331 6.54 -3.19 -17.05
C GLU D 331 7.23 -2.41 -15.94
N GLY D 332 8.58 -2.49 -15.85
CA GLY D 332 9.26 -1.76 -14.79
C GLY D 332 9.18 -0.24 -14.91
N ASP D 333 9.19 0.29 -16.15
CA ASP D 333 9.06 1.71 -16.43
C ASP D 333 7.63 2.21 -16.33
N TYR D 334 6.65 1.31 -16.55
CA TYR D 334 5.29 1.77 -16.93
C TYR D 334 4.61 2.65 -15.91
N PRO D 335 4.52 2.28 -14.62
CA PRO D 335 3.73 3.11 -13.67
C PRO D 335 4.22 4.54 -13.64
N ASP D 336 5.53 4.75 -13.58
CA ASP D 336 6.01 6.13 -13.53
C ASP D 336 6.05 6.81 -14.91
N LEU D 337 6.29 6.09 -16.01
CA LEU D 337 6.15 6.78 -17.31
C LEU D 337 4.71 7.21 -17.54
N LYS D 338 3.75 6.36 -17.18
CA LYS D 338 2.35 6.79 -17.25
C LYS D 338 2.14 8.09 -16.49
N ARG D 339 2.57 8.10 -15.22
CA ARG D 339 2.37 9.29 -14.39
C ARG D 339 3.01 10.51 -15.01
N HIS D 340 4.23 10.34 -15.56
CA HIS D 340 4.95 11.47 -16.18
C HIS D 340 4.13 12.09 -17.29
N LEU D 341 3.54 11.26 -18.14
CA LEU D 341 2.74 11.79 -19.23
C LEU D 341 1.45 12.38 -18.68
N GLU D 342 0.83 11.73 -17.70
CA GLU D 342 -0.45 12.26 -17.23
C GLU D 342 -0.26 13.56 -16.46
N GLU D 343 0.84 13.67 -15.71
CA GLU D 343 1.11 14.92 -15.00
C GLU D 343 1.41 16.05 -15.95
N ASN D 344 1.80 15.75 -17.17
CA ASN D 344 2.11 16.77 -18.16
C ASN D 344 0.99 16.92 -19.17
N GLY D 345 -0.23 16.53 -18.82
CA GLY D 345 -1.40 16.85 -19.60
C GLY D 345 -1.76 15.88 -20.71
N ILE D 346 -1.23 14.67 -20.70
CA ILE D 346 -1.53 13.68 -21.73
C ILE D 346 -2.19 12.48 -21.09
N PRO D 347 -3.49 12.30 -21.27
CA PRO D 347 -4.14 11.08 -20.81
C PRO D 347 -3.61 9.86 -21.53
N THR D 348 -3.65 8.73 -20.84
CA THR D 348 -3.09 7.48 -21.32
C THR D 348 -4.09 6.31 -21.22
N LEU D 349 -3.83 5.31 -22.05
CA LEU D 349 -4.61 4.10 -22.13
C LEU D 349 -3.63 2.93 -22.13
N PHE D 350 -3.99 1.82 -21.46
CA PHE D 350 -3.13 0.63 -21.35
C PHE D 350 -3.82 -0.56 -21.99
N LEU D 351 -3.14 -1.20 -22.94
CA LEU D 351 -3.70 -2.40 -23.57
C LEU D 351 -2.61 -3.46 -23.54
N GLU D 352 -2.99 -4.69 -23.24
CA GLU D 352 -2.05 -5.82 -23.10
C GLU D 352 -2.30 -6.87 -24.17
N PHE D 353 -1.22 -7.41 -24.73
CA PHE D 353 -1.30 -8.27 -25.91
C PHE D 353 -0.66 -9.63 -25.70
N ASP D 354 -1.29 -10.64 -26.30
CA ASP D 354 -0.69 -11.96 -26.44
C ASP D 354 -0.21 -12.15 -27.88
N ILE D 355 0.10 -13.39 -28.26
CA ILE D 355 0.57 -13.62 -29.63
C ILE D 355 -0.52 -13.21 -30.61
N THR D 356 -1.74 -13.70 -30.38
CA THR D 356 -2.92 -13.25 -31.12
C THR D 356 -3.96 -12.70 -30.15
N ASN D 357 -4.74 -11.71 -30.61
CA ASN D 357 -5.80 -11.15 -29.74
C ASN D 357 -7.00 -10.75 -30.60
N PRO D 358 -8.21 -11.18 -30.26
CA PRO D 358 -9.39 -10.64 -30.96
C PRO D 358 -9.43 -9.11 -30.88
N ILE D 359 -9.61 -8.47 -32.04
CA ILE D 359 -9.48 -7.01 -32.08
C ILE D 359 -10.70 -6.29 -31.50
N GLY D 360 -11.89 -6.92 -31.47
CA GLY D 360 -13.10 -6.33 -30.94
C GLY D 360 -13.00 -5.62 -29.60
N PRO D 361 -12.55 -6.32 -28.54
CA PRO D 361 -12.50 -5.66 -27.22
C PRO D 361 -11.51 -4.51 -27.16
N PHE D 362 -10.41 -4.59 -27.90
CA PHE D 362 -9.50 -3.44 -27.97
C PHE D 362 -10.16 -2.26 -28.67
N ARG D 363 -10.91 -2.53 -29.73
CA ARG D 363 -11.63 -1.43 -30.39
C ARG D 363 -12.61 -0.76 -29.43
N ILE D 364 -13.33 -1.53 -28.64
CA ILE D 364 -14.27 -0.90 -27.71
C ILE D 364 -13.50 -0.02 -26.74
N ARG D 365 -12.36 -0.50 -26.27
CA ARG D 365 -11.53 0.27 -25.34
C ARG D 365 -11.00 1.56 -25.95
N ILE D 366 -10.56 1.51 -27.22
CA ILE D 366 -10.05 2.72 -27.86
C ILE D 366 -11.19 3.73 -28.06
N GLU D 367 -12.37 3.28 -28.49
CA GLU D 367 -13.51 4.20 -28.65
C GLU D 367 -13.86 4.87 -27.35
N ALA D 368 -13.78 4.14 -26.24
CA ALA D 368 -14.06 4.75 -24.94
C ALA D 368 -12.98 5.76 -24.57
N PHE D 369 -11.71 5.46 -24.90
CA PHE D 369 -10.62 6.40 -24.63
C PHE D 369 -10.80 7.69 -25.42
N LEU D 370 -11.18 7.59 -26.69
CA LEU D 370 -11.50 8.76 -27.51
C LEU D 370 -12.55 9.62 -26.82
N GLU D 371 -13.60 8.98 -26.31
CA GLU D 371 -14.69 9.73 -25.71
C GLU D 371 -14.24 10.42 -24.43
N THR D 372 -13.26 9.83 -23.74
CA THR D 372 -12.65 10.49 -22.58
C THR D 372 -11.93 11.77 -22.97
N LEU D 373 -11.19 11.76 -24.09
CA LEU D 373 -10.50 12.97 -24.52
C LEU D 373 -11.49 14.11 -24.76
N SER D 374 -12.74 13.80 -25.11
CA SER D 374 -13.71 14.84 -25.42
C SER D 374 -14.17 15.61 -24.18
N GLU D 375 -13.98 15.06 -22.97
CA GLU D 375 -14.47 15.67 -21.74
C GLU D 375 -13.41 16.44 -20.96
N GLU D 376 -12.19 16.55 -21.49
CA GLU D 376 -11.17 17.38 -20.85
C GLU D 376 -11.06 18.73 -21.56
#